data_6AY7
# 
_entry.id   6AY7 
# 
_audit_conform.dict_name       mmcif_pdbx.dic 
_audit_conform.dict_version    5.397 
_audit_conform.dict_location   http://mmcif.pdb.org/dictionaries/ascii/mmcif_pdbx.dic 
# 
loop_
_database_2.database_id 
_database_2.database_code 
_database_2.pdbx_database_accession 
_database_2.pdbx_DOI 
PDB   6AY7         pdb_00006ay7 10.2210/pdb6ay7/pdb 
WWPDB D_1000229992 ?            ?                   
# 
loop_
_pdbx_audit_revision_history.ordinal 
_pdbx_audit_revision_history.data_content_type 
_pdbx_audit_revision_history.major_revision 
_pdbx_audit_revision_history.minor_revision 
_pdbx_audit_revision_history.revision_date 
1 'Structure model' 1 0 2018-08-22 
2 'Structure model' 1 1 2023-10-04 
3 'Structure model' 1 2 2024-10-30 
# 
_pdbx_audit_revision_details.ordinal             1 
_pdbx_audit_revision_details.revision_ordinal    1 
_pdbx_audit_revision_details.data_content_type   'Structure model' 
_pdbx_audit_revision_details.provider            repository 
_pdbx_audit_revision_details.type                'Initial release' 
_pdbx_audit_revision_details.description         ? 
_pdbx_audit_revision_details.details             ? 
# 
loop_
_pdbx_audit_revision_group.ordinal 
_pdbx_audit_revision_group.revision_ordinal 
_pdbx_audit_revision_group.data_content_type 
_pdbx_audit_revision_group.group 
1 2 'Structure model' 'Data collection'        
2 2 'Structure model' 'Database references'    
3 2 'Structure model' 'Refinement description' 
4 3 'Structure model' 'Structure summary'      
# 
loop_
_pdbx_audit_revision_category.ordinal 
_pdbx_audit_revision_category.revision_ordinal 
_pdbx_audit_revision_category.data_content_type 
_pdbx_audit_revision_category.category 
1 2 'Structure model' chem_comp_atom                
2 2 'Structure model' chem_comp_bond                
3 2 'Structure model' database_2                    
4 2 'Structure model' pdbx_initial_refinement_model 
5 3 'Structure model' pdbx_entry_details            
6 3 'Structure model' pdbx_modification_feature     
# 
loop_
_pdbx_audit_revision_item.ordinal 
_pdbx_audit_revision_item.revision_ordinal 
_pdbx_audit_revision_item.data_content_type 
_pdbx_audit_revision_item.item 
1 2 'Structure model' '_database_2.pdbx_DOI'                
2 2 'Structure model' '_database_2.pdbx_database_accession' 
# 
_pdbx_database_status.status_code                     REL 
_pdbx_database_status.status_code_sf                  REL 
_pdbx_database_status.status_code_mr                  ? 
_pdbx_database_status.entry_id                        6AY7 
_pdbx_database_status.recvd_initial_deposition_date   2017-09-07 
_pdbx_database_status.SG_entry                        N 
_pdbx_database_status.deposit_site                    RCSB 
_pdbx_database_status.process_site                    RCSB 
_pdbx_database_status.status_code_cs                  ? 
_pdbx_database_status.methods_development_category    ? 
_pdbx_database_status.pdb_format_compatible           Y 
_pdbx_database_status.status_code_nmr_data            ? 
# 
loop_
_pdbx_database_related.db_name 
_pdbx_database_related.details 
_pdbx_database_related.db_id 
_pdbx_database_related.content_type 
PDB . 6ATM unspecified 
PDB . 6ATY unspecified 
# 
loop_
_audit_author.name 
_audit_author.pdbx_ordinal 
_audit_author.identifier_ORCID 
'Gewe, M.M.'   1 ? 
'Strong, R.K.' 2 ? 
# 
_citation.abstract                  ? 
_citation.abstract_id_CAS           ? 
_citation.book_id_ISBN              ? 
_citation.book_publisher            ? 
_citation.book_publisher_city       ? 
_citation.book_title                ? 
_citation.coordinate_linkage        ? 
_citation.country                   ? 
_citation.database_id_Medline       ? 
_citation.details                   ? 
_citation.id                        primary 
_citation.journal_abbrev            'To Be Published' 
_citation.journal_id_ASTM           ? 
_citation.journal_id_CSD            0353 
_citation.journal_id_ISSN           ? 
_citation.journal_full              ? 
_citation.journal_issue             ? 
_citation.journal_volume            ? 
_citation.language                  ? 
_citation.page_first                ? 
_citation.page_last                 ? 
_citation.title                     'Cartilage homing cysteine-dense-peptides' 
_citation.year                      ? 
_citation.database_id_CSD           ? 
_citation.pdbx_database_id_DOI      ? 
_citation.pdbx_database_id_PubMed   ? 
_citation.unpublished_flag          ? 
# 
_citation_author.citation_id        primary 
_citation_author.name               'Gewe, M.M.' 
_citation_author.ordinal            1 
_citation_author.identifier_ORCID   ? 
# 
loop_
_entity.id 
_entity.type 
_entity.src_method 
_entity.pdbx_description 
_entity.formula_weight 
_entity.pdbx_number_of_molecules 
_entity.pdbx_ec 
_entity.pdbx_mutation 
_entity.pdbx_fragment 
_entity.details 
1 polymer     man 'Potassium channel toxin alpha-KTx 3.5' 4349.137 2  ? ? ? ? 
2 non-polymer syn 'SULFATE ION'                           96.063   3  ? ? ? ? 
3 non-polymer syn 'trifluoroacetic acid'                  114.023  2  ? ? ? ? 
4 non-polymer syn 'CHLORIDE ION'                          35.453   2  ? ? ? ? 
5 water       nat water                                   18.015   88 ? ? ? ? 
# 
_entity_name_com.entity_id   1 
_entity_name_com.name        Kaliotoxin-2,KTX-2 
# 
_entity_poly.entity_id                      1 
_entity_poly.type                           'polypeptide(L)' 
_entity_poly.nstd_linkage                   no 
_entity_poly.nstd_monomer                   no 
_entity_poly.pdbx_seq_one_letter_code       GSVRIPVSCRHSGQCLRPCRDAGMRFGRCMNGRCDCTPR 
_entity_poly.pdbx_seq_one_letter_code_can   GSVRIPVSCRHSGQCLRPCRDAGMRFGRCMNGRCDCTPR 
_entity_poly.pdbx_strand_id                 A,B 
_entity_poly.pdbx_target_identifier         ? 
# 
loop_
_pdbx_entity_nonpoly.entity_id 
_pdbx_entity_nonpoly.name 
_pdbx_entity_nonpoly.comp_id 
2 'SULFATE ION'          SO4 
3 'trifluoroacetic acid' TFA 
4 'CHLORIDE ION'         CL  
5 water                  HOH 
# 
loop_
_entity_poly_seq.entity_id 
_entity_poly_seq.num 
_entity_poly_seq.mon_id 
_entity_poly_seq.hetero 
1 1  GLY n 
1 2  SER n 
1 3  VAL n 
1 4  ARG n 
1 5  ILE n 
1 6  PRO n 
1 7  VAL n 
1 8  SER n 
1 9  CYS n 
1 10 ARG n 
1 11 HIS n 
1 12 SER n 
1 13 GLY n 
1 14 GLN n 
1 15 CYS n 
1 16 LEU n 
1 17 ARG n 
1 18 PRO n 
1 19 CYS n 
1 20 ARG n 
1 21 ASP n 
1 22 ALA n 
1 23 GLY n 
1 24 MET n 
1 25 ARG n 
1 26 PHE n 
1 27 GLY n 
1 28 ARG n 
1 29 CYS n 
1 30 MET n 
1 31 ASN n 
1 32 GLY n 
1 33 ARG n 
1 34 CYS n 
1 35 ASP n 
1 36 CYS n 
1 37 THR n 
1 38 PRO n 
1 39 ARG n 
# 
_entity_src_gen.entity_id                          1 
_entity_src_gen.pdbx_src_id                        1 
_entity_src_gen.pdbx_alt_source_flag               sample 
_entity_src_gen.pdbx_seq_type                      'Biological sequence' 
_entity_src_gen.pdbx_beg_seq_num                   1 
_entity_src_gen.pdbx_end_seq_num                   39 
_entity_src_gen.gene_src_common_name               'Sahara scorpion' 
_entity_src_gen.gene_src_genus                     ? 
_entity_src_gen.pdbx_gene_src_gene                 KTX2 
_entity_src_gen.gene_src_species                   ? 
_entity_src_gen.gene_src_strain                    ? 
_entity_src_gen.gene_src_tissue                    ? 
_entity_src_gen.gene_src_tissue_fraction           ? 
_entity_src_gen.gene_src_details                   ? 
_entity_src_gen.pdbx_gene_src_fragment             ? 
_entity_src_gen.pdbx_gene_src_scientific_name      'Androctonus australis' 
_entity_src_gen.pdbx_gene_src_ncbi_taxonomy_id     6858 
_entity_src_gen.pdbx_gene_src_variant              ? 
_entity_src_gen.pdbx_gene_src_cell_line            ? 
_entity_src_gen.pdbx_gene_src_atcc                 ? 
_entity_src_gen.pdbx_gene_src_organ                ? 
_entity_src_gen.pdbx_gene_src_organelle            ? 
_entity_src_gen.pdbx_gene_src_cell                 ? 
_entity_src_gen.pdbx_gene_src_cellular_location    ? 
_entity_src_gen.host_org_common_name               ? 
_entity_src_gen.pdbx_host_org_scientific_name      'Homo sapiens' 
_entity_src_gen.pdbx_host_org_ncbi_taxonomy_id     9606 
_entity_src_gen.host_org_genus                     ? 
_entity_src_gen.pdbx_host_org_gene                 ? 
_entity_src_gen.pdbx_host_org_organ                ? 
_entity_src_gen.host_org_species                   ? 
_entity_src_gen.pdbx_host_org_tissue               ? 
_entity_src_gen.pdbx_host_org_tissue_fraction      ? 
_entity_src_gen.pdbx_host_org_strain               ? 
_entity_src_gen.pdbx_host_org_variant              ? 
_entity_src_gen.pdbx_host_org_cell_line            ? 
_entity_src_gen.pdbx_host_org_atcc                 ? 
_entity_src_gen.pdbx_host_org_culture_collection   ? 
_entity_src_gen.pdbx_host_org_cell                 HEK-293F 
_entity_src_gen.pdbx_host_org_organelle            ? 
_entity_src_gen.pdbx_host_org_cellular_location    ? 
_entity_src_gen.pdbx_host_org_vector_type          ? 
_entity_src_gen.pdbx_host_org_vector               ? 
_entity_src_gen.host_org_details                   ? 
_entity_src_gen.expression_system_id               ? 
_entity_src_gen.plasmid_name                       ? 
_entity_src_gen.plasmid_details                    ? 
_entity_src_gen.pdbx_description                   ? 
# 
loop_
_chem_comp.id 
_chem_comp.type 
_chem_comp.mon_nstd_flag 
_chem_comp.name 
_chem_comp.pdbx_synonyms 
_chem_comp.formula 
_chem_comp.formula_weight 
ALA 'L-peptide linking' y ALANINE                ? 'C3 H7 N O2'     89.093  
ARG 'L-peptide linking' y ARGININE               ? 'C6 H15 N4 O2 1' 175.209 
ASN 'L-peptide linking' y ASPARAGINE             ? 'C4 H8 N2 O3'    132.118 
ASP 'L-peptide linking' y 'ASPARTIC ACID'        ? 'C4 H7 N O4'     133.103 
CL  non-polymer         . 'CHLORIDE ION'         ? 'Cl -1'          35.453  
CYS 'L-peptide linking' y CYSTEINE               ? 'C3 H7 N O2 S'   121.158 
GLN 'L-peptide linking' y GLUTAMINE              ? 'C5 H10 N2 O3'   146.144 
GLY 'peptide linking'   y GLYCINE                ? 'C2 H5 N O2'     75.067  
HIS 'L-peptide linking' y HISTIDINE              ? 'C6 H10 N3 O2 1' 156.162 
HOH non-polymer         . WATER                  ? 'H2 O'           18.015  
ILE 'L-peptide linking' y ISOLEUCINE             ? 'C6 H13 N O2'    131.173 
LEU 'L-peptide linking' y LEUCINE                ? 'C6 H13 N O2'    131.173 
LYS 'L-peptide linking' y LYSINE                 ? 'C6 H15 N2 O2 1' 147.195 
MET 'L-peptide linking' y METHIONINE             ? 'C5 H11 N O2 S'  149.211 
PHE 'L-peptide linking' y PHENYLALANINE          ? 'C9 H11 N O2'    165.189 
PRO 'L-peptide linking' y PROLINE                ? 'C5 H9 N O2'     115.130 
SER 'L-peptide linking' y SERINE                 ? 'C3 H7 N O3'     105.093 
SO4 non-polymer         . 'SULFATE ION'          ? 'O4 S -2'        96.063  
TFA non-polymer         . 'trifluoroacetic acid' ? 'C2 H F3 O2'     114.023 
THR 'L-peptide linking' y THREONINE              ? 'C4 H9 N O3'     119.119 
VAL 'L-peptide linking' y VALINE                 ? 'C5 H11 N O2'    117.146 
# 
loop_
_pdbx_poly_seq_scheme.asym_id 
_pdbx_poly_seq_scheme.entity_id 
_pdbx_poly_seq_scheme.seq_id 
_pdbx_poly_seq_scheme.mon_id 
_pdbx_poly_seq_scheme.ndb_seq_num 
_pdbx_poly_seq_scheme.pdb_seq_num 
_pdbx_poly_seq_scheme.auth_seq_num 
_pdbx_poly_seq_scheme.pdb_mon_id 
_pdbx_poly_seq_scheme.auth_mon_id 
_pdbx_poly_seq_scheme.pdb_strand_id 
_pdbx_poly_seq_scheme.pdb_ins_code 
_pdbx_poly_seq_scheme.hetero 
A 1 1  GLY 1  -1 -1 GLY GLY A . n 
A 1 2  SER 2  0  0  SER SER A . n 
A 1 3  VAL 3  1  1  VAL VAL A . n 
A 1 4  ARG 4  2  2  ARG ARG A . n 
A 1 5  ILE 5  3  3  ILE ILE A . n 
A 1 6  PRO 6  4  4  PRO PRO A . n 
A 1 7  VAL 7  5  5  VAL VAL A . n 
A 1 8  SER 8  6  6  SER SER A . n 
A 1 9  CYS 9  7  7  CYS CYS A . n 
A 1 10 ARG 10 8  8  ARG ARG A . n 
A 1 11 HIS 11 9  9  HIS HIS A . n 
A 1 12 SER 12 10 10 SER SER A . n 
A 1 13 GLY 13 11 11 GLY GLY A . n 
A 1 14 GLN 14 12 12 GLN GLN A . n 
A 1 15 CYS 15 13 13 CYS CYS A . n 
A 1 16 LEU 16 14 14 LEU LEU A . n 
A 1 17 ARG 17 15 15 ARG ARG A . n 
A 1 18 PRO 18 16 16 PRO PRO A . n 
A 1 19 CYS 19 17 17 CYS CYS A . n 
A 1 20 ARG 20 18 18 ARG ARG A . n 
A 1 21 ASP 21 19 19 ASP ASP A . n 
A 1 22 ALA 22 20 20 ALA ALA A . n 
A 1 23 GLY 23 21 21 GLY GLY A . n 
A 1 24 MET 24 22 22 MET MET A . n 
A 1 25 ARG 25 23 23 ARG ARG A . n 
A 1 26 PHE 26 24 24 PHE PHE A . n 
A 1 27 GLY 27 25 25 GLY GLY A . n 
A 1 28 ARG 28 26 26 ARG ARG A . n 
A 1 29 CYS 29 27 27 CYS CYS A . n 
A 1 30 MET 30 30 30 MET MET A . n 
A 1 31 ASN 31 31 31 ASN ASN A . n 
A 1 32 GLY 32 32 32 GLY GLY A . n 
A 1 33 ARG 33 33 33 ARG ARG A . n 
A 1 34 CYS 34 34 34 CYS CYS A . n 
A 1 35 ASP 35 35 35 ASP ASP A . n 
A 1 36 CYS 36 36 36 CYS CYS A . n 
A 1 37 THR 37 37 37 THR THR A . n 
A 1 38 PRO 38 38 38 PRO PRO A . n 
A 1 39 ARG 39 39 39 ARG ARG A . n 
B 1 1  GLY 1  -1 -1 GLY GLY B . n 
B 1 2  SER 2  0  0  SER SER B . n 
B 1 3  VAL 3  1  1  VAL VAL B . n 
B 1 4  ARG 4  2  2  ARG ARG B . n 
B 1 5  ILE 5  3  3  ILE ILE B . n 
B 1 6  PRO 6  4  4  PRO PRO B . n 
B 1 7  VAL 7  5  5  VAL VAL B . n 
B 1 8  SER 8  6  6  SER SER B . n 
B 1 9  CYS 9  7  7  CYS CYS B . n 
B 1 10 ARG 10 8  8  ARG ARG B . n 
B 1 11 HIS 11 9  9  HIS HIS B . n 
B 1 12 SER 12 10 10 SER SER B . n 
B 1 13 GLY 13 11 11 GLY GLY B . n 
B 1 14 GLN 14 12 12 GLN GLN B . n 
B 1 15 CYS 15 13 13 CYS CYS B . n 
B 1 16 LEU 16 14 14 LEU LEU B . n 
B 1 17 ARG 17 15 15 ARG ARG B . n 
B 1 18 PRO 18 16 16 PRO PRO B . n 
B 1 19 CYS 19 17 17 CYS CYS B . n 
B 1 20 ARG 20 18 18 ARG ARG B . n 
B 1 21 ASP 21 19 19 ASP ASP B . n 
B 1 22 ALA 22 20 20 ALA ALA B . n 
B 1 23 GLY 23 21 21 GLY GLY B . n 
B 1 24 MET 24 22 22 MET MET B . n 
B 1 25 ARG 25 23 23 ARG ARG B . n 
B 1 26 PHE 26 24 24 PHE PHE B . n 
B 1 27 GLY 27 25 25 GLY GLY B . n 
B 1 28 ARG 28 26 26 ARG ARG B . n 
B 1 29 CYS 29 27 27 CYS CYS B . n 
B 1 30 MET 30 28 28 MET MET B . n 
B 1 31 ASN 31 29 29 ASN ASN B . n 
B 1 32 GLY 32 30 30 GLY GLY B . n 
B 1 33 ARG 33 31 31 ARG ARG B . n 
B 1 34 CYS 34 32 32 CYS CYS B . n 
B 1 35 ASP 35 33 33 ASP ASP B . n 
B 1 36 CYS 36 34 34 CYS CYS B . n 
B 1 37 THR 37 35 35 THR THR B . n 
B 1 38 PRO 38 36 36 PRO PRO B . n 
B 1 39 ARG 39 37 37 ARG ARG B . n 
# 
loop_
_pdbx_nonpoly_scheme.asym_id 
_pdbx_nonpoly_scheme.entity_id 
_pdbx_nonpoly_scheme.mon_id 
_pdbx_nonpoly_scheme.ndb_seq_num 
_pdbx_nonpoly_scheme.pdb_seq_num 
_pdbx_nonpoly_scheme.auth_seq_num 
_pdbx_nonpoly_scheme.pdb_mon_id 
_pdbx_nonpoly_scheme.auth_mon_id 
_pdbx_nonpoly_scheme.pdb_strand_id 
_pdbx_nonpoly_scheme.pdb_ins_code 
C 2 SO4 1  101 2  SO4 SO4 A . 
D 2 SO4 1  102 4  SO4 SO4 A . 
E 3 TFA 1  103 1  TFA TFA A . 
F 4 CL  1  104 2  CL  CL  A . 
G 2 SO4 1  101 1  SO4 SO4 B . 
H 3 TFA 1  102 3  TFA TFA B . 
I 4 CL  1  103 1  CL  CL  B . 
J 5 HOH 1  201 58 HOH HOH A . 
J 5 HOH 2  202 82 HOH HOH A . 
J 5 HOH 3  203 25 HOH HOH A . 
J 5 HOH 4  204 57 HOH HOH A . 
J 5 HOH 5  205 38 HOH HOH A . 
J 5 HOH 6  206 80 HOH HOH A . 
J 5 HOH 7  207 83 HOH HOH A . 
J 5 HOH 8  208 85 HOH HOH A . 
J 5 HOH 9  209 59 HOH HOH A . 
J 5 HOH 10 210 24 HOH HOH A . 
J 5 HOH 11 211 68 HOH HOH A . 
J 5 HOH 12 212 19 HOH HOH A . 
J 5 HOH 13 213 37 HOH HOH A . 
J 5 HOH 14 214 20 HOH HOH A . 
J 5 HOH 15 215 33 HOH HOH A . 
J 5 HOH 16 216 15 HOH HOH A . 
J 5 HOH 17 217 26 HOH HOH A . 
J 5 HOH 18 218 31 HOH HOH A . 
J 5 HOH 19 219 78 HOH HOH A . 
J 5 HOH 20 220 10 HOH HOH A . 
J 5 HOH 21 221 5  HOH HOH A . 
J 5 HOH 22 222 56 HOH HOH A . 
J 5 HOH 23 223 13 HOH HOH A . 
J 5 HOH 24 224 14 HOH HOH A . 
J 5 HOH 25 225 43 HOH HOH A . 
J 5 HOH 26 226 16 HOH HOH A . 
J 5 HOH 27 227 62 HOH HOH A . 
J 5 HOH 28 228 45 HOH HOH A . 
J 5 HOH 29 229 41 HOH HOH A . 
J 5 HOH 30 230 29 HOH HOH A . 
J 5 HOH 31 231 2  HOH HOH A . 
J 5 HOH 32 232 88 HOH HOH A . 
J 5 HOH 33 233 52 HOH HOH A . 
J 5 HOH 34 234 76 HOH HOH A . 
J 5 HOH 35 235 47 HOH HOH A . 
J 5 HOH 36 236 60 HOH HOH A . 
J 5 HOH 37 237 61 HOH HOH A . 
J 5 HOH 38 238 87 HOH HOH A . 
J 5 HOH 39 239 75 HOH HOH A . 
J 5 HOH 40 240 64 HOH HOH A . 
J 5 HOH 41 241 40 HOH HOH A . 
J 5 HOH 42 242 84 HOH HOH A . 
J 5 HOH 43 243 35 HOH HOH A . 
K 5 HOH 1  201 55 HOH HOH B . 
K 5 HOH 2  202 46 HOH HOH B . 
K 5 HOH 3  203 44 HOH HOH B . 
K 5 HOH 4  204 22 HOH HOH B . 
K 5 HOH 5  205 36 HOH HOH B . 
K 5 HOH 6  206 27 HOH HOH B . 
K 5 HOH 7  207 9  HOH HOH B . 
K 5 HOH 8  208 4  HOH HOH B . 
K 5 HOH 9  209 12 HOH HOH B . 
K 5 HOH 10 210 72 HOH HOH B . 
K 5 HOH 11 211 81 HOH HOH B . 
K 5 HOH 12 212 49 HOH HOH B . 
K 5 HOH 13 213 18 HOH HOH B . 
K 5 HOH 14 214 34 HOH HOH B . 
K 5 HOH 15 215 77 HOH HOH B . 
K 5 HOH 16 216 79 HOH HOH B . 
K 5 HOH 17 217 86 HOH HOH B . 
K 5 HOH 18 218 39 HOH HOH B . 
K 5 HOH 19 219 3  HOH HOH B . 
K 5 HOH 20 220 23 HOH HOH B . 
K 5 HOH 21 221 63 HOH HOH B . 
K 5 HOH 22 222 30 HOH HOH B . 
K 5 HOH 23 223 53 HOH HOH B . 
K 5 HOH 24 224 21 HOH HOH B . 
K 5 HOH 25 225 66 HOH HOH B . 
K 5 HOH 26 226 28 HOH HOH B . 
K 5 HOH 27 227 1  HOH HOH B . 
K 5 HOH 28 228 48 HOH HOH B . 
K 5 HOH 29 229 11 HOH HOH B . 
K 5 HOH 30 230 71 HOH HOH B . 
K 5 HOH 31 231 65 HOH HOH B . 
K 5 HOH 32 232 8  HOH HOH B . 
K 5 HOH 33 233 54 HOH HOH B . 
K 5 HOH 34 234 32 HOH HOH B . 
K 5 HOH 35 235 70 HOH HOH B . 
K 5 HOH 36 236 67 HOH HOH B . 
K 5 HOH 37 237 6  HOH HOH B . 
K 5 HOH 38 238 7  HOH HOH B . 
K 5 HOH 39 239 69 HOH HOH B . 
K 5 HOH 40 240 51 HOH HOH B . 
K 5 HOH 41 241 73 HOH HOH B . 
K 5 HOH 42 242 50 HOH HOH B . 
K 5 HOH 43 243 17 HOH HOH B . 
K 5 HOH 44 244 74 HOH HOH B . 
K 5 HOH 45 245 42 HOH HOH B . 
# 
loop_
_software.citation_id 
_software.classification 
_software.compiler_name 
_software.compiler_version 
_software.contact_author 
_software.contact_author_email 
_software.date 
_software.description 
_software.dependencies 
_software.hardware 
_software.language 
_software.location 
_software.mods 
_software.name 
_software.os 
_software.os_version 
_software.type 
_software.version 
_software.pdbx_ordinal 
? refinement       ? ? ? ? ? ? ? ? ? ? ? REFMAC   ? ? ? 5.8.0158 1 
? 'data reduction' ? ? ? ? ? ? ? ? ? ? ? HKL-2000 ? ? ? .        2 
? 'data scaling'   ? ? ? ? ? ? ? ? ? ? ? HKL-2000 ? ? ? .        3 
? phasing          ? ? ? ? ? ? ? ? ? ? ? PHASER   ? ? ? .        4 
# 
_cell.angle_alpha                  90.00 
_cell.angle_alpha_esd              ? 
_cell.angle_beta                   90.00 
_cell.angle_beta_esd               ? 
_cell.angle_gamma                  90.00 
_cell.angle_gamma_esd              ? 
_cell.entry_id                     6AY7 
_cell.details                      ? 
_cell.formula_units_Z              ? 
_cell.length_a                     27.838 
_cell.length_a_esd                 ? 
_cell.length_b                     47.125 
_cell.length_b_esd                 ? 
_cell.length_c                     48.538 
_cell.length_c_esd                 ? 
_cell.volume                       ? 
_cell.volume_esd                   ? 
_cell.Z_PDB                        8 
_cell.reciprocal_angle_alpha       ? 
_cell.reciprocal_angle_beta        ? 
_cell.reciprocal_angle_gamma       ? 
_cell.reciprocal_angle_alpha_esd   ? 
_cell.reciprocal_angle_beta_esd    ? 
_cell.reciprocal_angle_gamma_esd   ? 
_cell.reciprocal_length_a          ? 
_cell.reciprocal_length_b          ? 
_cell.reciprocal_length_c          ? 
_cell.reciprocal_length_a_esd      ? 
_cell.reciprocal_length_b_esd      ? 
_cell.reciprocal_length_c_esd      ? 
_cell.pdbx_unique_axis             ? 
# 
_symmetry.entry_id                         6AY7 
_symmetry.cell_setting                     ? 
_symmetry.Int_Tables_number                19 
_symmetry.space_group_name_Hall            ? 
_symmetry.space_group_name_H-M             'P 21 21 21' 
_symmetry.pdbx_full_space_group_name_H-M   ? 
# 
_exptl.absorpt_coefficient_mu     ? 
_exptl.absorpt_correction_T_max   ? 
_exptl.absorpt_correction_T_min   ? 
_exptl.absorpt_correction_type    ? 
_exptl.absorpt_process_details    ? 
_exptl.entry_id                   6AY7 
_exptl.crystals_number            1 
_exptl.details                    ? 
_exptl.method                     'X-RAY DIFFRACTION' 
_exptl.method_details             ? 
# 
_exptl_crystal.colour                      ? 
_exptl_crystal.density_diffrn              ? 
_exptl_crystal.density_Matthews            1.83 
_exptl_crystal.density_method              ? 
_exptl_crystal.density_percent_sol         32.79 
_exptl_crystal.description                 ? 
_exptl_crystal.F_000                       ? 
_exptl_crystal.id                          1 
_exptl_crystal.preparation                 ? 
_exptl_crystal.size_max                    ? 
_exptl_crystal.size_mid                    ? 
_exptl_crystal.size_min                    ? 
_exptl_crystal.size_rad                    ? 
_exptl_crystal.colour_lustre               ? 
_exptl_crystal.colour_modifier             ? 
_exptl_crystal.colour_primary              ? 
_exptl_crystal.density_meas                ? 
_exptl_crystal.density_meas_esd            ? 
_exptl_crystal.density_meas_gt             ? 
_exptl_crystal.density_meas_lt             ? 
_exptl_crystal.density_meas_temp           ? 
_exptl_crystal.density_meas_temp_esd       ? 
_exptl_crystal.density_meas_temp_gt        ? 
_exptl_crystal.density_meas_temp_lt        ? 
_exptl_crystal.pdbx_crystal_image_url      ? 
_exptl_crystal.pdbx_crystal_image_format   ? 
_exptl_crystal.pdbx_mosaicity              ? 
_exptl_crystal.pdbx_mosaicity_esd          ? 
# 
_exptl_crystal_grow.apparatus       ? 
_exptl_crystal_grow.atmosphere      ? 
_exptl_crystal_grow.crystal_id      1 
_exptl_crystal_grow.details         ? 
_exptl_crystal_grow.method          'VAPOR DIFFUSION, SITTING DROP' 
_exptl_crystal_grow.method_ref      ? 
_exptl_crystal_grow.pH              4.2 
_exptl_crystal_grow.pressure        ? 
_exptl_crystal_grow.pressure_esd    ? 
_exptl_crystal_grow.seeding         ? 
_exptl_crystal_grow.seeding_ref     ? 
_exptl_crystal_grow.temp            298 
_exptl_crystal_grow.temp_details    ? 
_exptl_crystal_grow.temp_esd        ? 
_exptl_crystal_grow.time            ? 
_exptl_crystal_grow.pdbx_details    '0.2M Na chloride, 0.1M Phosphate-citrate pH 4.2, 20% PEG 8000' 
_exptl_crystal_grow.pdbx_pH_range   ? 
# 
_diffrn.ambient_environment    ? 
_diffrn.ambient_temp           100 
_diffrn.ambient_temp_details   ? 
_diffrn.ambient_temp_esd       ? 
_diffrn.crystal_id             1 
_diffrn.crystal_support        ? 
_diffrn.crystal_treatment      ? 
_diffrn.details                ? 
_diffrn.id                     1 
_diffrn.ambient_pressure       ? 
_diffrn.ambient_pressure_esd   ? 
_diffrn.ambient_pressure_gt    ? 
_diffrn.ambient_pressure_lt    ? 
_diffrn.ambient_temp_gt        ? 
_diffrn.ambient_temp_lt        ? 
# 
_diffrn_detector.details                      ? 
_diffrn_detector.detector                     CCD 
_diffrn_detector.diffrn_id                    1 
_diffrn_detector.type                         'RIGAKU SATURN 944' 
_diffrn_detector.area_resol_mean              ? 
_diffrn_detector.dtime                        ? 
_diffrn_detector.pdbx_frames_total            ? 
_diffrn_detector.pdbx_collection_time_total   ? 
_diffrn_detector.pdbx_collection_date         2017-03-20 
# 
_diffrn_radiation.collimation                      ? 
_diffrn_radiation.diffrn_id                        1 
_diffrn_radiation.filter_edge                      ? 
_diffrn_radiation.inhomogeneity                    ? 
_diffrn_radiation.monochromator                    ? 
_diffrn_radiation.polarisn_norm                    ? 
_diffrn_radiation.polarisn_ratio                   ? 
_diffrn_radiation.probe                            ? 
_diffrn_radiation.type                             ? 
_diffrn_radiation.xray_symbol                      ? 
_diffrn_radiation.wavelength_id                    1 
_diffrn_radiation.pdbx_monochromatic_or_laue_m_l   M 
_diffrn_radiation.pdbx_wavelength_list             ? 
_diffrn_radiation.pdbx_wavelength                  ? 
_diffrn_radiation.pdbx_diffrn_protocol             'SINGLE WAVELENGTH' 
_diffrn_radiation.pdbx_analyzer                    ? 
_diffrn_radiation.pdbx_scattering_type             x-ray 
# 
_diffrn_radiation_wavelength.id           1 
_diffrn_radiation_wavelength.wavelength   1.54 
_diffrn_radiation_wavelength.wt           1.0 
# 
_diffrn_source.current                     ? 
_diffrn_source.details                     ? 
_diffrn_source.diffrn_id                   1 
_diffrn_source.power                       ? 
_diffrn_source.size                        ? 
_diffrn_source.source                      'ROTATING ANODE' 
_diffrn_source.target                      ? 
_diffrn_source.type                        'RIGAKU MICROMAX-007 HF' 
_diffrn_source.voltage                     ? 
_diffrn_source.take-off_angle              ? 
_diffrn_source.pdbx_wavelength_list        1.54 
_diffrn_source.pdbx_wavelength             ? 
_diffrn_source.pdbx_synchrotron_beamline   ? 
_diffrn_source.pdbx_synchrotron_site       ? 
# 
_reflns.B_iso_Wilson_estimate            ? 
_reflns.entry_id                         6AY7 
_reflns.data_reduction_details           ? 
_reflns.data_reduction_method            ? 
_reflns.d_resolution_high                1.77 
_reflns.d_resolution_low                 50 
_reflns.details                          ? 
_reflns.limit_h_max                      ? 
_reflns.limit_h_min                      ? 
_reflns.limit_k_max                      ? 
_reflns.limit_k_min                      ? 
_reflns.limit_l_max                      ? 
_reflns.limit_l_min                      ? 
_reflns.number_all                       ? 
_reflns.number_obs                       5643 
_reflns.observed_criterion               ? 
_reflns.observed_criterion_F_max         ? 
_reflns.observed_criterion_F_min         ? 
_reflns.observed_criterion_I_max         ? 
_reflns.observed_criterion_I_min         ? 
_reflns.observed_criterion_sigma_F       ? 
_reflns.observed_criterion_sigma_I       ? 
_reflns.percent_possible_obs             80.9 
_reflns.R_free_details                   ? 
_reflns.Rmerge_F_all                     ? 
_reflns.Rmerge_F_obs                     ? 
_reflns.Friedel_coverage                 ? 
_reflns.number_gt                        ? 
_reflns.threshold_expression             ? 
_reflns.pdbx_redundancy                  5.4 
_reflns.pdbx_Rmerge_I_obs                0.056 
_reflns.pdbx_Rmerge_I_all                ? 
_reflns.pdbx_Rsym_value                  ? 
_reflns.pdbx_netI_over_av_sigmaI         ? 
_reflns.pdbx_netI_over_sigmaI            32.4 
_reflns.pdbx_res_netI_over_av_sigmaI_2   ? 
_reflns.pdbx_res_netI_over_sigmaI_2      ? 
_reflns.pdbx_chi_squared                 ? 
_reflns.pdbx_scaling_rejects             ? 
_reflns.pdbx_d_res_high_opt              ? 
_reflns.pdbx_d_res_low_opt               ? 
_reflns.pdbx_d_res_opt_method            ? 
_reflns.phase_calculation_details        ? 
_reflns.pdbx_Rrim_I_all                  ? 
_reflns.pdbx_Rpim_I_all                  0.025 
_reflns.pdbx_d_opt                       ? 
_reflns.pdbx_number_measured_all         ? 
_reflns.pdbx_diffrn_id                   1 
_reflns.pdbx_ordinal                     1 
_reflns.pdbx_CC_half                     ? 
_reflns.pdbx_R_split                     ? 
# 
_reflns_shell.d_res_high                  1.77 
_reflns_shell.d_res_low                   1.8 
_reflns_shell.meanI_over_sigI_all         ? 
_reflns_shell.meanI_over_sigI_obs         8.4 
_reflns_shell.number_measured_all         ? 
_reflns_shell.number_measured_obs         ? 
_reflns_shell.number_possible             ? 
_reflns_shell.number_unique_all           ? 
_reflns_shell.number_unique_obs           34 
_reflns_shell.percent_possible_all        9.9 
_reflns_shell.percent_possible_obs        ? 
_reflns_shell.Rmerge_F_all                ? 
_reflns_shell.Rmerge_F_obs                ? 
_reflns_shell.Rmerge_I_all                ? 
_reflns_shell.Rmerge_I_obs                0.11 
_reflns_shell.meanI_over_sigI_gt          ? 
_reflns_shell.meanI_over_uI_all           ? 
_reflns_shell.meanI_over_uI_gt            ? 
_reflns_shell.number_measured_gt          ? 
_reflns_shell.number_unique_gt            ? 
_reflns_shell.percent_possible_gt         ? 
_reflns_shell.Rmerge_F_gt                 ? 
_reflns_shell.Rmerge_I_gt                 ? 
_reflns_shell.pdbx_redundancy             1.6 
_reflns_shell.pdbx_Rsym_value             ? 
_reflns_shell.pdbx_chi_squared            ? 
_reflns_shell.pdbx_netI_over_sigmaI_all   ? 
_reflns_shell.pdbx_netI_over_sigmaI_obs   ? 
_reflns_shell.pdbx_Rrim_I_all             ? 
_reflns_shell.pdbx_Rpim_I_all             0.106 
_reflns_shell.pdbx_rejects                ? 
_reflns_shell.pdbx_ordinal                1 
_reflns_shell.pdbx_diffrn_id              1 
_reflns_shell.pdbx_CC_half                0.995 
_reflns_shell.pdbx_R_split                ? 
# 
_refine.aniso_B[1][1]                            0.01 
_refine.aniso_B[1][2]                            0.00 
_refine.aniso_B[1][3]                            0.00 
_refine.aniso_B[2][2]                            -0.01 
_refine.aniso_B[2][3]                            0.00 
_refine.aniso_B[3][3]                            0.01 
_refine.B_iso_max                                ? 
_refine.B_iso_mean                               16.713 
_refine.B_iso_min                                ? 
_refine.correlation_coeff_Fo_to_Fc               0.974 
_refine.correlation_coeff_Fo_to_Fc_free          0.949 
_refine.details                                  'HYDROGENS HAVE BEEN ADDED IN THE RIDING POSITIONS' 
_refine.diff_density_max                         ? 
_refine.diff_density_max_esd                     ? 
_refine.diff_density_min                         ? 
_refine.diff_density_min_esd                     ? 
_refine.diff_density_rms                         ? 
_refine.diff_density_rms_esd                     ? 
_refine.entry_id                                 6AY7 
_refine.pdbx_refine_id                           'X-RAY DIFFRACTION' 
_refine.ls_abs_structure_details                 ? 
_refine.ls_abs_structure_Flack                   ? 
_refine.ls_abs_structure_Flack_esd               ? 
_refine.ls_abs_structure_Rogers                  ? 
_refine.ls_abs_structure_Rogers_esd              ? 
_refine.ls_d_res_high                            1.77 
_refine.ls_d_res_low                             33.81 
_refine.ls_extinction_coef                       ? 
_refine.ls_extinction_coef_esd                   ? 
_refine.ls_extinction_expression                 ? 
_refine.ls_extinction_method                     ? 
_refine.ls_goodness_of_fit_all                   ? 
_refine.ls_goodness_of_fit_all_esd               ? 
_refine.ls_goodness_of_fit_obs                   ? 
_refine.ls_goodness_of_fit_obs_esd               ? 
_refine.ls_hydrogen_treatment                    ? 
_refine.ls_matrix_type                           ? 
_refine.ls_number_constraints                    ? 
_refine.ls_number_parameters                     ? 
_refine.ls_number_reflns_all                     ? 
_refine.ls_number_reflns_obs                     5310 
_refine.ls_number_reflns_R_free                  304 
_refine.ls_number_reflns_R_work                  ? 
_refine.ls_number_restraints                     ? 
_refine.ls_percent_reflns_obs                    85.44 
_refine.ls_percent_reflns_R_free                 5.4 
_refine.ls_R_factor_all                          ? 
_refine.ls_R_factor_obs                          0.14268 
_refine.ls_R_factor_R_free                       0.19262 
_refine.ls_R_factor_R_free_error                 ? 
_refine.ls_R_factor_R_free_error_details         ? 
_refine.ls_R_factor_R_work                       0.13969 
_refine.ls_R_Fsqd_factor_obs                     ? 
_refine.ls_R_I_factor_obs                        ? 
_refine.ls_redundancy_reflns_all                 ? 
_refine.ls_redundancy_reflns_obs                 ? 
_refine.ls_restrained_S_all                      ? 
_refine.ls_restrained_S_obs                      ? 
_refine.ls_shift_over_esd_max                    ? 
_refine.ls_shift_over_esd_mean                   ? 
_refine.ls_structure_factor_coef                 ? 
_refine.ls_weighting_details                     ? 
_refine.ls_weighting_scheme                      ? 
_refine.ls_wR_factor_all                         ? 
_refine.ls_wR_factor_obs                         ? 
_refine.ls_wR_factor_R_free                      ? 
_refine.ls_wR_factor_R_work                      ? 
_refine.occupancy_max                            ? 
_refine.occupancy_min                            ? 
_refine.solvent_model_details                    ? 
_refine.solvent_model_param_bsol                 ? 
_refine.solvent_model_param_ksol                 ? 
_refine.ls_R_factor_gt                           ? 
_refine.ls_goodness_of_fit_gt                    ? 
_refine.ls_goodness_of_fit_ref                   ? 
_refine.ls_shift_over_su_max                     ? 
_refine.ls_shift_over_su_max_lt                  ? 
_refine.ls_shift_over_su_mean                    ? 
_refine.ls_shift_over_su_mean_lt                 ? 
_refine.pdbx_ls_sigma_I                          ? 
_refine.pdbx_ls_sigma_F                          ? 
_refine.pdbx_ls_sigma_Fsqd                       ? 
_refine.pdbx_data_cutoff_high_absF               ? 
_refine.pdbx_data_cutoff_high_rms_absF           ? 
_refine.pdbx_data_cutoff_low_absF                ? 
_refine.pdbx_isotropic_thermal_model             ? 
_refine.pdbx_ls_cross_valid_method               THROUGHOUT 
_refine.pdbx_method_to_determine_struct          'MOLECULAR REPLACEMENT' 
_refine.pdbx_starting_model                      6ATM 
_refine.pdbx_stereochemistry_target_values       ? 
_refine.pdbx_R_Free_selection_details            RANDOM 
_refine.pdbx_stereochem_target_val_spec_case     ? 
_refine.pdbx_overall_ESU_R                       0.143 
_refine.pdbx_overall_ESU_R_Free                  0.134 
_refine.pdbx_solvent_vdw_probe_radii             1.20 
_refine.pdbx_solvent_ion_probe_radii             0.80 
_refine.pdbx_solvent_shrinkage_radii             0.80 
_refine.pdbx_real_space_R                        ? 
_refine.pdbx_density_correlation                 ? 
_refine.pdbx_pd_number_of_powder_patterns        ? 
_refine.pdbx_pd_number_of_points                 ? 
_refine.pdbx_pd_meas_number_of_points            ? 
_refine.pdbx_pd_proc_ls_prof_R_factor            ? 
_refine.pdbx_pd_proc_ls_prof_wR_factor           ? 
_refine.pdbx_pd_Marquardt_correlation_coeff      ? 
_refine.pdbx_pd_Fsqrd_R_factor                   ? 
_refine.pdbx_pd_ls_matrix_band_width             ? 
_refine.pdbx_overall_phase_error                 ? 
_refine.pdbx_overall_SU_R_free_Cruickshank_DPI   ? 
_refine.pdbx_overall_SU_R_free_Blow_DPI          ? 
_refine.pdbx_overall_SU_R_Blow_DPI               ? 
_refine.pdbx_TLS_residual_ADP_flag               ? 
_refine.pdbx_diffrn_id                           1 
_refine.overall_SU_B                             2.281 
_refine.overall_SU_ML                            0.072 
_refine.overall_SU_R_Cruickshank_DPI             ? 
_refine.overall_SU_R_free                        ? 
_refine.overall_FOM_free_R_set                   ? 
_refine.overall_FOM_work_R_set                   ? 
_refine.pdbx_average_fsc_overall                 ? 
_refine.pdbx_average_fsc_work                    ? 
_refine.pdbx_average_fsc_free                    ? 
# 
_refine_hist.pdbx_refine_id                   'X-RAY DIFFRACTION' 
_refine_hist.cycle_id                         1 
_refine_hist.pdbx_number_atoms_protein        592 
_refine_hist.pdbx_number_atoms_nucleic_acid   0 
_refine_hist.pdbx_number_atoms_ligand         31 
_refine_hist.number_atoms_solvent             88 
_refine_hist.number_atoms_total               711 
_refine_hist.d_res_high                       1.77 
_refine_hist.d_res_low                        33.81 
# 
loop_
_refine_ls_restr.pdbx_refine_id 
_refine_ls_restr.criterion 
_refine_ls_restr.dev_ideal 
_refine_ls_restr.dev_ideal_target 
_refine_ls_restr.number 
_refine_ls_restr.rejects 
_refine_ls_restr.type 
_refine_ls_restr.weight 
_refine_ls_restr.pdbx_restraint_function 
'X-RAY DIFFRACTION' ? 0.011  0.019  629  ? r_bond_refined_d             ? ? 
'X-RAY DIFFRACTION' ? 0.001  0.020  560  ? r_bond_other_d               ? ? 
'X-RAY DIFFRACTION' ? 1.528  2.014  843  ? r_angle_refined_deg          ? ? 
'X-RAY DIFFRACTION' ? 0.871  3.000  1285 ? r_angle_other_deg            ? ? 
'X-RAY DIFFRACTION' ? 6.124  5.000  75   ? r_dihedral_angle_1_deg       ? ? 
'X-RAY DIFFRACTION' ? 23.661 17.143 28   ? r_dihedral_angle_2_deg       ? ? 
'X-RAY DIFFRACTION' ? 14.597 15.000 106  ? r_dihedral_angle_3_deg       ? ? 
'X-RAY DIFFRACTION' ? 18.848 15.000 16   ? r_dihedral_angle_4_deg       ? ? 
'X-RAY DIFFRACTION' ? 0.407  0.200  83   ? r_chiral_restr               ? ? 
'X-RAY DIFFRACTION' ? 0.013  0.021  685  ? r_gen_planes_refined         ? ? 
'X-RAY DIFFRACTION' ? 0.002  0.020  147  ? r_gen_planes_other           ? ? 
'X-RAY DIFFRACTION' ? ?      ?      ?    ? r_nbd_refined                ? ? 
'X-RAY DIFFRACTION' ? ?      ?      ?    ? r_nbd_other                  ? ? 
'X-RAY DIFFRACTION' ? ?      ?      ?    ? r_nbtor_refined              ? ? 
'X-RAY DIFFRACTION' ? ?      ?      ?    ? r_nbtor_other                ? ? 
'X-RAY DIFFRACTION' ? ?      ?      ?    ? r_xyhbond_nbd_refined        ? ? 
'X-RAY DIFFRACTION' ? ?      ?      ?    ? r_xyhbond_nbd_other          ? ? 
'X-RAY DIFFRACTION' ? ?      ?      ?    ? r_metal_ion_refined          ? ? 
'X-RAY DIFFRACTION' ? ?      ?      ?    ? r_metal_ion_other            ? ? 
'X-RAY DIFFRACTION' ? ?      ?      ?    ? r_symmetry_vdw_refined       ? ? 
'X-RAY DIFFRACTION' ? ?      ?      ?    ? r_symmetry_vdw_other         ? ? 
'X-RAY DIFFRACTION' ? ?      ?      ?    ? r_symmetry_hbond_refined     ? ? 
'X-RAY DIFFRACTION' ? ?      ?      ?    ? r_symmetry_hbond_other       ? ? 
'X-RAY DIFFRACTION' ? ?      ?      ?    ? r_symmetry_metal_ion_refined ? ? 
'X-RAY DIFFRACTION' ? ?      ?      ?    ? r_symmetry_metal_ion_other   ? ? 
'X-RAY DIFFRACTION' ? 1.961  1.558  309  ? r_mcbond_it                  ? ? 
'X-RAY DIFFRACTION' ? 1.940  1.550  308  ? r_mcbond_other               ? ? 
'X-RAY DIFFRACTION' ? 2.878  2.586  381  ? r_mcangle_it                 ? ? 
'X-RAY DIFFRACTION' ? 2.882  2.594  382  ? r_mcangle_other              ? ? 
'X-RAY DIFFRACTION' ? 4.831  2.465  320  ? r_scbond_it                  ? ? 
'X-RAY DIFFRACTION' ? 4.619  2.412  296  ? r_scbond_other               ? ? 
'X-RAY DIFFRACTION' ? ?      ?      ?    ? r_scangle_it                 ? ? 
'X-RAY DIFFRACTION' ? 7.129  3.680  426  ? r_scangle_other              ? ? 
'X-RAY DIFFRACTION' ? 9.616  16.309 648  ? r_long_range_B_refined       ? ? 
'X-RAY DIFFRACTION' ? 9.642  15.432 622  ? r_long_range_B_other         ? ? 
'X-RAY DIFFRACTION' ? ?      ?      ?    ? r_rigid_bond_restr           ? ? 
'X-RAY DIFFRACTION' ? ?      ?      ?    ? r_sphericity_free            ? ? 
'X-RAY DIFFRACTION' ? ?      ?      ?    ? r_sphericity_bonded          ? ? 
# 
_refine_ls_shell.pdbx_refine_id                   'X-RAY DIFFRACTION' 
_refine_ls_shell.d_res_high                       1.775 
_refine_ls_shell.d_res_low                        1.821 
_refine_ls_shell.number_reflns_all                ? 
_refine_ls_shell.number_reflns_obs                ? 
_refine_ls_shell.number_reflns_R_free             5 
_refine_ls_shell.number_reflns_R_work             67 
_refine_ls_shell.percent_reflns_obs               14.97 
_refine_ls_shell.percent_reflns_R_free            ? 
_refine_ls_shell.R_factor_all                     ? 
_refine_ls_shell.R_factor_obs                     ? 
_refine_ls_shell.R_factor_R_free                  0.267 
_refine_ls_shell.R_factor_R_free_error            ? 
_refine_ls_shell.R_factor_R_work                  0.182 
_refine_ls_shell.redundancy_reflns_all            ? 
_refine_ls_shell.redundancy_reflns_obs            ? 
_refine_ls_shell.wR_factor_all                    ? 
_refine_ls_shell.wR_factor_obs                    ? 
_refine_ls_shell.wR_factor_R_free                 ? 
_refine_ls_shell.wR_factor_R_work                 ? 
_refine_ls_shell.pdbx_total_number_of_bins_used   20 
_refine_ls_shell.pdbx_phase_error                 ? 
_refine_ls_shell.pdbx_fsc_work                    ? 
_refine_ls_shell.pdbx_fsc_free                    ? 
# 
_struct.entry_id                     6AY7 
_struct.title                        'Cartilage homing cysteine-dense-peptides' 
_struct.pdbx_model_details           ? 
_struct.pdbx_formula_weight          ? 
_struct.pdbx_formula_weight_method   ? 
_struct.pdbx_model_type_details      ? 
_struct.pdbx_CASP_flag               N 
# 
_struct_keywords.entry_id        6AY7 
_struct_keywords.text            'Knottins, Cystine knot, Toxins, TOXIN' 
_struct_keywords.pdbx_keywords   TOXIN 
# 
loop_
_struct_asym.id 
_struct_asym.pdbx_blank_PDB_chainid_flag 
_struct_asym.pdbx_modified 
_struct_asym.entity_id 
_struct_asym.details 
A N N 1 ? 
B N N 1 ? 
C N N 2 ? 
D N N 2 ? 
E N N 3 ? 
F N N 4 ? 
G N N 2 ? 
H N N 3 ? 
I N N 4 ? 
J N N 5 ? 
K N N 5 ? 
# 
_struct_ref.id                         1 
_struct_ref.db_name                    UNP 
_struct_ref.db_code                    KAX35_ANDAU 
_struct_ref.pdbx_db_accession          P45696 
_struct_ref.pdbx_db_isoform            ? 
_struct_ref.entity_id                  1 
_struct_ref.pdbx_seq_one_letter_code   VRIPVSCKHSGQCLKPCKDAGMRFGKCMNGKCDCTPK 
_struct_ref.pdbx_align_begin           23 
# 
loop_
_struct_ref_seq.align_id 
_struct_ref_seq.ref_id 
_struct_ref_seq.pdbx_PDB_id_code 
_struct_ref_seq.pdbx_strand_id 
_struct_ref_seq.seq_align_beg 
_struct_ref_seq.pdbx_seq_align_beg_ins_code 
_struct_ref_seq.seq_align_end 
_struct_ref_seq.pdbx_seq_align_end_ins_code 
_struct_ref_seq.pdbx_db_accession 
_struct_ref_seq.db_align_beg 
_struct_ref_seq.pdbx_db_align_beg_ins_code 
_struct_ref_seq.db_align_end 
_struct_ref_seq.pdbx_db_align_end_ins_code 
_struct_ref_seq.pdbx_auth_seq_align_beg 
_struct_ref_seq.pdbx_auth_seq_align_end 
1 1 6AY7 A 3 ? 39 ? P45696 23 ? 59 ? 1 39 
2 1 6AY7 B 3 ? 39 ? P45696 23 ? 59 ? 1 37 
# 
loop_
_struct_ref_seq_dif.align_id 
_struct_ref_seq_dif.pdbx_pdb_id_code 
_struct_ref_seq_dif.mon_id 
_struct_ref_seq_dif.pdbx_pdb_strand_id 
_struct_ref_seq_dif.seq_num 
_struct_ref_seq_dif.pdbx_pdb_ins_code 
_struct_ref_seq_dif.pdbx_seq_db_name 
_struct_ref_seq_dif.pdbx_seq_db_accession_code 
_struct_ref_seq_dif.db_mon_id 
_struct_ref_seq_dif.pdbx_seq_db_seq_num 
_struct_ref_seq_dif.details 
_struct_ref_seq_dif.pdbx_auth_seq_num 
_struct_ref_seq_dif.pdbx_ordinal 
1 6AY7 GLY A 1  ? UNP P45696 ?   ?  'expression tag' -1 1  
1 6AY7 SER A 2  ? UNP P45696 ?   ?  'expression tag' 0  2  
1 6AY7 ARG A 10 ? UNP P45696 LYS 30 conflict         8  3  
1 6AY7 ARG A 17 ? UNP P45696 LYS 37 conflict         15 4  
1 6AY7 ARG A 20 ? UNP P45696 LYS 40 conflict         18 5  
1 6AY7 ARG A 28 ? UNP P45696 LYS 48 conflict         26 6  
1 6AY7 ARG A 33 ? UNP P45696 LYS 53 conflict         33 7  
1 6AY7 ARG A 39 ? UNP P45696 LYS 59 conflict         39 8  
2 6AY7 GLY B 1  ? UNP P45696 ?   ?  'expression tag' -1 9  
2 6AY7 SER B 2  ? UNP P45696 ?   ?  'expression tag' 0  10 
2 6AY7 ARG B 10 ? UNP P45696 LYS 30 conflict         8  11 
2 6AY7 ARG B 17 ? UNP P45696 LYS 37 conflict         15 12 
2 6AY7 ARG B 20 ? UNP P45696 LYS 40 conflict         18 13 
2 6AY7 ARG B 28 ? UNP P45696 LYS 48 conflict         26 14 
2 6AY7 ARG B 33 ? UNP P45696 LYS 53 conflict         31 15 
2 6AY7 ARG B 39 ? UNP P45696 LYS 59 conflict         37 16 
# 
loop_
_pdbx_struct_assembly.id 
_pdbx_struct_assembly.details 
_pdbx_struct_assembly.method_details 
_pdbx_struct_assembly.oligomeric_details 
_pdbx_struct_assembly.oligomeric_count 
1 author_and_software_defined_assembly PISA monomeric 1 
2 author_and_software_defined_assembly PISA monomeric 1 
# 
loop_
_pdbx_struct_assembly_gen.assembly_id 
_pdbx_struct_assembly_gen.oper_expression 
_pdbx_struct_assembly_gen.asym_id_list 
1 1 A,C,D,E,F,J 
2 1 B,G,H,I,K   
# 
_pdbx_struct_assembly_auth_evidence.id                     1 
_pdbx_struct_assembly_auth_evidence.assembly_id            1 
_pdbx_struct_assembly_auth_evidence.experimental_support   none 
_pdbx_struct_assembly_auth_evidence.details                ? 
# 
_pdbx_struct_oper_list.id                   1 
_pdbx_struct_oper_list.type                 'identity operation' 
_pdbx_struct_oper_list.name                 1_555 
_pdbx_struct_oper_list.symmetry_operation   x,y,z 
_pdbx_struct_oper_list.matrix[1][1]         1.0000000000 
_pdbx_struct_oper_list.matrix[1][2]         0.0000000000 
_pdbx_struct_oper_list.matrix[1][3]         0.0000000000 
_pdbx_struct_oper_list.vector[1]            0.0000000000 
_pdbx_struct_oper_list.matrix[2][1]         0.0000000000 
_pdbx_struct_oper_list.matrix[2][2]         1.0000000000 
_pdbx_struct_oper_list.matrix[2][3]         0.0000000000 
_pdbx_struct_oper_list.vector[2]            0.0000000000 
_pdbx_struct_oper_list.matrix[3][1]         0.0000000000 
_pdbx_struct_oper_list.matrix[3][2]         0.0000000000 
_pdbx_struct_oper_list.matrix[3][3]         1.0000000000 
_pdbx_struct_oper_list.vector[3]            0.0000000000 
# 
loop_
_struct_conf.conf_type_id 
_struct_conf.id 
_struct_conf.pdbx_PDB_helix_id 
_struct_conf.beg_label_comp_id 
_struct_conf.beg_label_asym_id 
_struct_conf.beg_label_seq_id 
_struct_conf.pdbx_beg_PDB_ins_code 
_struct_conf.end_label_comp_id 
_struct_conf.end_label_asym_id 
_struct_conf.end_label_seq_id 
_struct_conf.pdbx_end_PDB_ins_code 
_struct_conf.beg_auth_comp_id 
_struct_conf.beg_auth_asym_id 
_struct_conf.beg_auth_seq_id 
_struct_conf.end_auth_comp_id 
_struct_conf.end_auth_asym_id 
_struct_conf.end_auth_seq_id 
_struct_conf.pdbx_PDB_helix_class 
_struct_conf.details 
_struct_conf.pdbx_PDB_helix_length 
HELX_P HELX_P1 AA1 HIS A 11 ? GLN A 14 ? HIS A 9  GLN A 12 5 ? 4 
HELX_P HELX_P2 AA2 CYS A 15 ? ALA A 22 ? CYS A 13 ALA A 20 1 ? 8 
HELX_P HELX_P3 AA3 HIS B 11 ? GLN B 14 ? HIS B 9  GLN B 12 5 ? 4 
HELX_P HELX_P4 AA4 CYS B 15 ? ALA B 22 ? CYS B 13 ALA B 20 1 ? 8 
# 
_struct_conf_type.id          HELX_P 
_struct_conf_type.criteria    ? 
_struct_conf_type.reference   ? 
# 
loop_
_struct_conn.id 
_struct_conn.conn_type_id 
_struct_conn.pdbx_leaving_atom_flag 
_struct_conn.pdbx_PDB_id 
_struct_conn.ptnr1_label_asym_id 
_struct_conn.ptnr1_label_comp_id 
_struct_conn.ptnr1_label_seq_id 
_struct_conn.ptnr1_label_atom_id 
_struct_conn.pdbx_ptnr1_label_alt_id 
_struct_conn.pdbx_ptnr1_PDB_ins_code 
_struct_conn.pdbx_ptnr1_standard_comp_id 
_struct_conn.ptnr1_symmetry 
_struct_conn.ptnr2_label_asym_id 
_struct_conn.ptnr2_label_comp_id 
_struct_conn.ptnr2_label_seq_id 
_struct_conn.ptnr2_label_atom_id 
_struct_conn.pdbx_ptnr2_label_alt_id 
_struct_conn.pdbx_ptnr2_PDB_ins_code 
_struct_conn.ptnr1_auth_asym_id 
_struct_conn.ptnr1_auth_comp_id 
_struct_conn.ptnr1_auth_seq_id 
_struct_conn.ptnr2_auth_asym_id 
_struct_conn.ptnr2_auth_comp_id 
_struct_conn.ptnr2_auth_seq_id 
_struct_conn.ptnr2_symmetry 
_struct_conn.pdbx_ptnr3_label_atom_id 
_struct_conn.pdbx_ptnr3_label_seq_id 
_struct_conn.pdbx_ptnr3_label_comp_id 
_struct_conn.pdbx_ptnr3_label_asym_id 
_struct_conn.pdbx_ptnr3_label_alt_id 
_struct_conn.pdbx_ptnr3_PDB_ins_code 
_struct_conn.details 
_struct_conn.pdbx_dist_value 
_struct_conn.pdbx_value_order 
_struct_conn.pdbx_role 
disulf1 disulf ? ? A CYS 9  SG ? ? ? 1_555 A CYS 29 SG ? ? A CYS 7  A CYS 27 1_555 ? ? ? ? ? ? ? 2.064 ? ? 
disulf2 disulf ? ? A CYS 15 SG ? ? ? 1_555 A CYS 34 SG ? ? A CYS 13 A CYS 34 1_555 ? ? ? ? ? ? ? 2.053 ? ? 
disulf3 disulf ? ? A CYS 19 SG ? ? ? 1_555 A CYS 36 SG ? ? A CYS 17 A CYS 36 1_555 ? ? ? ? ? ? ? 2.032 ? ? 
disulf4 disulf ? ? B CYS 9  SG ? ? ? 1_555 B CYS 29 SG ? ? B CYS 7  B CYS 27 1_555 ? ? ? ? ? ? ? 2.080 ? ? 
disulf5 disulf ? ? B CYS 15 SG ? ? ? 1_555 B CYS 34 SG ? ? B CYS 13 B CYS 32 1_555 ? ? ? ? ? ? ? 2.058 ? ? 
disulf6 disulf ? ? B CYS 19 SG ? ? ? 1_555 B CYS 36 SG ? ? B CYS 17 B CYS 34 1_555 ? ? ? ? ? ? ? 2.042 ? ? 
# 
_struct_conn_type.id          disulf 
_struct_conn_type.criteria    ? 
_struct_conn_type.reference   ? 
# 
loop_
_pdbx_modification_feature.ordinal 
_pdbx_modification_feature.label_comp_id 
_pdbx_modification_feature.label_asym_id 
_pdbx_modification_feature.label_seq_id 
_pdbx_modification_feature.label_alt_id 
_pdbx_modification_feature.modified_residue_label_comp_id 
_pdbx_modification_feature.modified_residue_label_asym_id 
_pdbx_modification_feature.modified_residue_label_seq_id 
_pdbx_modification_feature.modified_residue_label_alt_id 
_pdbx_modification_feature.auth_comp_id 
_pdbx_modification_feature.auth_asym_id 
_pdbx_modification_feature.auth_seq_id 
_pdbx_modification_feature.PDB_ins_code 
_pdbx_modification_feature.symmetry 
_pdbx_modification_feature.modified_residue_auth_comp_id 
_pdbx_modification_feature.modified_residue_auth_asym_id 
_pdbx_modification_feature.modified_residue_auth_seq_id 
_pdbx_modification_feature.modified_residue_PDB_ins_code 
_pdbx_modification_feature.modified_residue_symmetry 
_pdbx_modification_feature.comp_id_linking_atom 
_pdbx_modification_feature.modified_residue_id_linking_atom 
_pdbx_modification_feature.modified_residue_id 
_pdbx_modification_feature.ref_pcm_id 
_pdbx_modification_feature.ref_comp_id 
_pdbx_modification_feature.type 
_pdbx_modification_feature.category 
1 CYS A 9  ? CYS A 29 ? CYS A 7  ? 1_555 CYS A 27 ? 1_555 SG SG . . . None 'Disulfide bridge' 
2 CYS A 15 ? CYS A 34 ? CYS A 13 ? 1_555 CYS A 34 ? 1_555 SG SG . . . None 'Disulfide bridge' 
3 CYS A 19 ? CYS A 36 ? CYS A 17 ? 1_555 CYS A 36 ? 1_555 SG SG . . . None 'Disulfide bridge' 
4 CYS B 9  ? CYS B 29 ? CYS B 7  ? 1_555 CYS B 27 ? 1_555 SG SG . . . None 'Disulfide bridge' 
5 CYS B 15 ? CYS B 34 ? CYS B 13 ? 1_555 CYS B 32 ? 1_555 SG SG . . . None 'Disulfide bridge' 
6 CYS B 19 ? CYS B 36 ? CYS B 17 ? 1_555 CYS B 34 ? 1_555 SG SG . . . None 'Disulfide bridge' 
# 
loop_
_struct_sheet.id 
_struct_sheet.type 
_struct_sheet.number_strands 
_struct_sheet.details 
AA1 ? 3 ? 
AA2 ? 3 ? 
# 
loop_
_struct_sheet_order.sheet_id 
_struct_sheet_order.range_id_1 
_struct_sheet_order.range_id_2 
_struct_sheet_order.offset 
_struct_sheet_order.sense 
AA1 1 2 ? anti-parallel 
AA1 2 3 ? anti-parallel 
AA2 1 2 ? anti-parallel 
AA2 2 3 ? anti-parallel 
# 
loop_
_struct_sheet_range.sheet_id 
_struct_sheet_range.id 
_struct_sheet_range.beg_label_comp_id 
_struct_sheet_range.beg_label_asym_id 
_struct_sheet_range.beg_label_seq_id 
_struct_sheet_range.pdbx_beg_PDB_ins_code 
_struct_sheet_range.end_label_comp_id 
_struct_sheet_range.end_label_asym_id 
_struct_sheet_range.end_label_seq_id 
_struct_sheet_range.pdbx_end_PDB_ins_code 
_struct_sheet_range.beg_auth_comp_id 
_struct_sheet_range.beg_auth_asym_id 
_struct_sheet_range.beg_auth_seq_id 
_struct_sheet_range.end_auth_comp_id 
_struct_sheet_range.end_auth_asym_id 
_struct_sheet_range.end_auth_seq_id 
AA1 1 VAL A 3  ? SER A 8  ? VAL A 1  SER A 6  
AA1 2 ARG A 33 ? THR A 37 ? ARG A 33 THR A 37 
AA1 3 ARG A 25 ? MET A 30 ? ARG A 23 MET A 30 
AA2 1 VAL B 3  ? SER B 8  ? VAL B 1  SER B 6  
AA2 2 ARG B 33 ? PRO B 38 ? ARG B 31 PRO B 36 
AA2 3 MET B 24 ? MET B 30 ? MET B 22 MET B 28 
# 
loop_
_pdbx_struct_sheet_hbond.sheet_id 
_pdbx_struct_sheet_hbond.range_id_1 
_pdbx_struct_sheet_hbond.range_id_2 
_pdbx_struct_sheet_hbond.range_1_label_atom_id 
_pdbx_struct_sheet_hbond.range_1_label_comp_id 
_pdbx_struct_sheet_hbond.range_1_label_asym_id 
_pdbx_struct_sheet_hbond.range_1_label_seq_id 
_pdbx_struct_sheet_hbond.range_1_PDB_ins_code 
_pdbx_struct_sheet_hbond.range_1_auth_atom_id 
_pdbx_struct_sheet_hbond.range_1_auth_comp_id 
_pdbx_struct_sheet_hbond.range_1_auth_asym_id 
_pdbx_struct_sheet_hbond.range_1_auth_seq_id 
_pdbx_struct_sheet_hbond.range_2_label_atom_id 
_pdbx_struct_sheet_hbond.range_2_label_comp_id 
_pdbx_struct_sheet_hbond.range_2_label_asym_id 
_pdbx_struct_sheet_hbond.range_2_label_seq_id 
_pdbx_struct_sheet_hbond.range_2_PDB_ins_code 
_pdbx_struct_sheet_hbond.range_2_auth_atom_id 
_pdbx_struct_sheet_hbond.range_2_auth_comp_id 
_pdbx_struct_sheet_hbond.range_2_auth_asym_id 
_pdbx_struct_sheet_hbond.range_2_auth_seq_id 
AA1 1 2 N VAL A 3  ? N VAL A 1  O CYS A 36 ? O CYS A 36 
AA1 2 3 O ASP A 35 ? O ASP A 35 N ARG A 28 ? N ARG A 26 
AA2 1 2 N ILE B 5  ? N ILE B 3  O CYS B 34 ? O CYS B 32 
AA2 2 3 O ASP B 35 ? O ASP B 33 N ARG B 28 ? N ARG B 26 
# 
loop_
_struct_site.id 
_struct_site.pdbx_evidence_code 
_struct_site.pdbx_auth_asym_id 
_struct_site.pdbx_auth_comp_id 
_struct_site.pdbx_auth_seq_id 
_struct_site.pdbx_auth_ins_code 
_struct_site.pdbx_num_residues 
_struct_site.details 
AC1 Software A SO4 101 ? 8  'binding site for residue SO4 A 101' 
AC2 Software A SO4 102 ? 5  'binding site for residue SO4 A 102' 
AC3 Software A TFA 103 ? 11 'binding site for residue TFA A 103' 
AC4 Software A CL  104 ? 5  'binding site for residue CL A 104'  
AC5 Software B SO4 101 ? 7  'binding site for residue SO4 B 101' 
AC6 Software B TFA 102 ? 11 'binding site for residue TFA B 102' 
AC7 Software B CL  103 ? 4  'binding site for residue CL B 103'  
# 
loop_
_struct_site_gen.id 
_struct_site_gen.site_id 
_struct_site_gen.pdbx_num_res 
_struct_site_gen.label_comp_id 
_struct_site_gen.label_asym_id 
_struct_site_gen.label_seq_id 
_struct_site_gen.pdbx_auth_ins_code 
_struct_site_gen.auth_comp_id 
_struct_site_gen.auth_asym_id 
_struct_site_gen.auth_seq_id 
_struct_site_gen.label_atom_id 
_struct_site_gen.label_alt_id 
_struct_site_gen.symmetry 
_struct_site_gen.details 
1  AC1 8  LEU A 16 ? LEU A 14  . ? 4_555 ? 
2  AC1 8  ARG A 20 ? ARG A 18  . ? 4_555 ? 
3  AC1 8  GLY A 32 ? GLY A 32  . ? 1_555 ? 
4  AC1 8  ARG A 33 ? ARG A 33  . ? 1_555 ? 
5  AC1 8  HOH J .  ? HOH A 214 . ? 1_555 ? 
6  AC1 8  HOH J .  ? HOH A 217 . ? 1_555 ? 
7  AC1 8  ARG B 17 ? ARG B 15  . ? 3_544 ? 
8  AC1 8  ARG B 20 ? ARG B 18  . ? 3_544 ? 
9  AC2 5  ARG A 4  ? ARG A 2   . ? 2_455 ? 
10 AC2 5  ARG A 10 ? ARG A 8   . ? 1_555 ? 
11 AC2 5  ARG A 25 ? ARG A 23  . ? 4_555 ? 
12 AC2 5  HOH J .  ? HOH A 202 . ? 1_555 ? 
13 AC2 5  HOH J .  ? HOH A 222 . ? 1_555 ? 
14 AC3 11 ILE A 5  ? ILE A 3   . ? 4_455 ? 
15 AC3 11 PRO A 6  ? PRO A 4   . ? 4_455 ? 
16 AC3 11 VAL A 7  ? VAL A 5   . ? 4_455 ? 
17 AC3 11 HIS A 11 ? HIS A 9   . ? 1_555 ? 
18 AC3 11 SER A 12 ? SER A 10  . ? 1_555 ? 
19 AC3 11 GLY A 13 ? GLY A 11  . ? 1_555 ? 
20 AC3 11 ALA A 22 ? ALA A 20  . ? 4_455 ? 
21 AC3 11 HOH J .  ? HOH A 210 . ? 1_555 ? 
22 AC3 11 HOH J .  ? HOH A 224 . ? 4_455 ? 
23 AC3 11 VAL B 3  ? VAL B 1   . ? 4_455 ? 
24 AC3 11 PRO B 38 ? PRO B 36  . ? 4_455 ? 
25 AC4 5  SER A 8  ? SER A 6   . ? 4_455 ? 
26 AC4 5  ARG A 20 ? ARG A 18  . ? 1_555 ? 
27 AC4 5  ARG A 25 ? ARG A 23  . ? 1_555 ? 
28 AC4 5  PHE A 26 ? PHE A 24  . ? 1_555 ? 
29 AC4 5  HOH J .  ? HOH A 239 . ? 4_455 ? 
30 AC5 7  ARG A 4  ? ARG A 2   . ? 3_554 ? 
31 AC5 7  ASN A 31 ? ASN A 31  . ? 3_554 ? 
32 AC5 7  HOH J .  ? HOH A 205 . ? 3_554 ? 
33 AC5 7  ARG B 4  ? ARG B 2   . ? 3_554 ? 
34 AC5 7  ARG B 25 ? ARG B 23  . ? 1_555 ? 
35 AC5 7  ARG B 39 ? ARG B 37  . ? 1_555 ? 
36 AC5 7  HOH K .  ? HOH B 218 . ? 1_555 ? 
37 AC6 11 VAL A 3  ? VAL A 1   . ? 4_554 ? 
38 AC6 11 PRO A 38 ? PRO A 38  . ? 4_554 ? 
39 AC6 11 ILE B 5  ? ILE B 3   . ? 4_554 ? 
40 AC6 11 PRO B 6  ? PRO B 4   . ? 4_554 ? 
41 AC6 11 VAL B 7  ? VAL B 5   . ? 4_554 ? 
42 AC6 11 HIS B 11 ? HIS B 9   . ? 1_555 ? 
43 AC6 11 SER B 12 ? SER B 10  . ? 1_555 ? 
44 AC6 11 GLY B 13 ? GLY B 11  . ? 1_555 ? 
45 AC6 11 ALA B 22 ? ALA B 20  . ? 4_554 ? 
46 AC6 11 HOH K .  ? HOH B 203 . ? 1_555 ? 
47 AC6 11 HOH K .  ? HOH B 209 . ? 1_555 ? 
48 AC7 4  SER B 8  ? SER B 6   . ? 4_554 ? 
49 AC7 4  ARG B 20 ? ARG B 18  . ? 1_555 ? 
50 AC7 4  ARG B 25 ? ARG B 23  . ? 1_555 ? 
51 AC7 4  PHE B 26 ? PHE B 24  . ? 1_555 ? 
# 
_pdbx_entry_details.entry_id                   6AY7 
_pdbx_entry_details.compound_details           ? 
_pdbx_entry_details.source_details             ? 
_pdbx_entry_details.nonpolymer_details         ? 
_pdbx_entry_details.sequence_details           ? 
_pdbx_entry_details.has_ligand_of_interest     ? 
_pdbx_entry_details.has_protein_modification   Y 
# 
loop_
_pdbx_validate_close_contact.id 
_pdbx_validate_close_contact.PDB_model_num 
_pdbx_validate_close_contact.auth_atom_id_1 
_pdbx_validate_close_contact.auth_asym_id_1 
_pdbx_validate_close_contact.auth_comp_id_1 
_pdbx_validate_close_contact.auth_seq_id_1 
_pdbx_validate_close_contact.PDB_ins_code_1 
_pdbx_validate_close_contact.label_alt_id_1 
_pdbx_validate_close_contact.auth_atom_id_2 
_pdbx_validate_close_contact.auth_asym_id_2 
_pdbx_validate_close_contact.auth_comp_id_2 
_pdbx_validate_close_contact.auth_seq_id_2 
_pdbx_validate_close_contact.PDB_ins_code_2 
_pdbx_validate_close_contact.label_alt_id_2 
_pdbx_validate_close_contact.dist 
1 1 O A HOH 201 ? ? O A HOH 208 ? ? 2.14 
2 1 O A HOH 206 ? ? O A HOH 207 ? ? 2.19 
# 
_pdbx_validate_torsion.id              1 
_pdbx_validate_torsion.PDB_model_num   1 
_pdbx_validate_torsion.auth_comp_id    ASN 
_pdbx_validate_torsion.auth_asym_id    B 
_pdbx_validate_torsion.auth_seq_id     29 
_pdbx_validate_torsion.PDB_ins_code    ? 
_pdbx_validate_torsion.label_alt_id    ? 
_pdbx_validate_torsion.phi             38.20 
_pdbx_validate_torsion.psi             50.55 
# 
loop_
_chem_comp_atom.comp_id 
_chem_comp_atom.atom_id 
_chem_comp_atom.type_symbol 
_chem_comp_atom.pdbx_aromatic_flag 
_chem_comp_atom.pdbx_stereo_config 
_chem_comp_atom.pdbx_ordinal 
ALA N    N  N N 1   
ALA CA   C  N S 2   
ALA C    C  N N 3   
ALA O    O  N N 4   
ALA CB   C  N N 5   
ALA OXT  O  N N 6   
ALA H    H  N N 7   
ALA H2   H  N N 8   
ALA HA   H  N N 9   
ALA HB1  H  N N 10  
ALA HB2  H  N N 11  
ALA HB3  H  N N 12  
ALA HXT  H  N N 13  
ARG N    N  N N 14  
ARG CA   C  N S 15  
ARG C    C  N N 16  
ARG O    O  N N 17  
ARG CB   C  N N 18  
ARG CG   C  N N 19  
ARG CD   C  N N 20  
ARG NE   N  N N 21  
ARG CZ   C  N N 22  
ARG NH1  N  N N 23  
ARG NH2  N  N N 24  
ARG OXT  O  N N 25  
ARG H    H  N N 26  
ARG H2   H  N N 27  
ARG HA   H  N N 28  
ARG HB2  H  N N 29  
ARG HB3  H  N N 30  
ARG HG2  H  N N 31  
ARG HG3  H  N N 32  
ARG HD2  H  N N 33  
ARG HD3  H  N N 34  
ARG HE   H  N N 35  
ARG HH11 H  N N 36  
ARG HH12 H  N N 37  
ARG HH21 H  N N 38  
ARG HH22 H  N N 39  
ARG HXT  H  N N 40  
ASN N    N  N N 41  
ASN CA   C  N S 42  
ASN C    C  N N 43  
ASN O    O  N N 44  
ASN CB   C  N N 45  
ASN CG   C  N N 46  
ASN OD1  O  N N 47  
ASN ND2  N  N N 48  
ASN OXT  O  N N 49  
ASN H    H  N N 50  
ASN H2   H  N N 51  
ASN HA   H  N N 52  
ASN HB2  H  N N 53  
ASN HB3  H  N N 54  
ASN HD21 H  N N 55  
ASN HD22 H  N N 56  
ASN HXT  H  N N 57  
ASP N    N  N N 58  
ASP CA   C  N S 59  
ASP C    C  N N 60  
ASP O    O  N N 61  
ASP CB   C  N N 62  
ASP CG   C  N N 63  
ASP OD1  O  N N 64  
ASP OD2  O  N N 65  
ASP OXT  O  N N 66  
ASP H    H  N N 67  
ASP H2   H  N N 68  
ASP HA   H  N N 69  
ASP HB2  H  N N 70  
ASP HB3  H  N N 71  
ASP HD2  H  N N 72  
ASP HXT  H  N N 73  
CL  CL   CL N N 74  
CYS N    N  N N 75  
CYS CA   C  N R 76  
CYS C    C  N N 77  
CYS O    O  N N 78  
CYS CB   C  N N 79  
CYS SG   S  N N 80  
CYS OXT  O  N N 81  
CYS H    H  N N 82  
CYS H2   H  N N 83  
CYS HA   H  N N 84  
CYS HB2  H  N N 85  
CYS HB3  H  N N 86  
CYS HG   H  N N 87  
CYS HXT  H  N N 88  
GLN N    N  N N 89  
GLN CA   C  N S 90  
GLN C    C  N N 91  
GLN O    O  N N 92  
GLN CB   C  N N 93  
GLN CG   C  N N 94  
GLN CD   C  N N 95  
GLN OE1  O  N N 96  
GLN NE2  N  N N 97  
GLN OXT  O  N N 98  
GLN H    H  N N 99  
GLN H2   H  N N 100 
GLN HA   H  N N 101 
GLN HB2  H  N N 102 
GLN HB3  H  N N 103 
GLN HG2  H  N N 104 
GLN HG3  H  N N 105 
GLN HE21 H  N N 106 
GLN HE22 H  N N 107 
GLN HXT  H  N N 108 
GLY N    N  N N 109 
GLY CA   C  N N 110 
GLY C    C  N N 111 
GLY O    O  N N 112 
GLY OXT  O  N N 113 
GLY H    H  N N 114 
GLY H2   H  N N 115 
GLY HA2  H  N N 116 
GLY HA3  H  N N 117 
GLY HXT  H  N N 118 
HIS N    N  N N 119 
HIS CA   C  N S 120 
HIS C    C  N N 121 
HIS O    O  N N 122 
HIS CB   C  N N 123 
HIS CG   C  Y N 124 
HIS ND1  N  Y N 125 
HIS CD2  C  Y N 126 
HIS CE1  C  Y N 127 
HIS NE2  N  Y N 128 
HIS OXT  O  N N 129 
HIS H    H  N N 130 
HIS H2   H  N N 131 
HIS HA   H  N N 132 
HIS HB2  H  N N 133 
HIS HB3  H  N N 134 
HIS HD1  H  N N 135 
HIS HD2  H  N N 136 
HIS HE1  H  N N 137 
HIS HE2  H  N N 138 
HIS HXT  H  N N 139 
HOH O    O  N N 140 
HOH H1   H  N N 141 
HOH H2   H  N N 142 
ILE N    N  N N 143 
ILE CA   C  N S 144 
ILE C    C  N N 145 
ILE O    O  N N 146 
ILE CB   C  N S 147 
ILE CG1  C  N N 148 
ILE CG2  C  N N 149 
ILE CD1  C  N N 150 
ILE OXT  O  N N 151 
ILE H    H  N N 152 
ILE H2   H  N N 153 
ILE HA   H  N N 154 
ILE HB   H  N N 155 
ILE HG12 H  N N 156 
ILE HG13 H  N N 157 
ILE HG21 H  N N 158 
ILE HG22 H  N N 159 
ILE HG23 H  N N 160 
ILE HD11 H  N N 161 
ILE HD12 H  N N 162 
ILE HD13 H  N N 163 
ILE HXT  H  N N 164 
LEU N    N  N N 165 
LEU CA   C  N S 166 
LEU C    C  N N 167 
LEU O    O  N N 168 
LEU CB   C  N N 169 
LEU CG   C  N N 170 
LEU CD1  C  N N 171 
LEU CD2  C  N N 172 
LEU OXT  O  N N 173 
LEU H    H  N N 174 
LEU H2   H  N N 175 
LEU HA   H  N N 176 
LEU HB2  H  N N 177 
LEU HB3  H  N N 178 
LEU HG   H  N N 179 
LEU HD11 H  N N 180 
LEU HD12 H  N N 181 
LEU HD13 H  N N 182 
LEU HD21 H  N N 183 
LEU HD22 H  N N 184 
LEU HD23 H  N N 185 
LEU HXT  H  N N 186 
LYS N    N  N N 187 
LYS CA   C  N S 188 
LYS C    C  N N 189 
LYS O    O  N N 190 
LYS CB   C  N N 191 
LYS CG   C  N N 192 
LYS CD   C  N N 193 
LYS CE   C  N N 194 
LYS NZ   N  N N 195 
LYS OXT  O  N N 196 
LYS H    H  N N 197 
LYS H2   H  N N 198 
LYS HA   H  N N 199 
LYS HB2  H  N N 200 
LYS HB3  H  N N 201 
LYS HG2  H  N N 202 
LYS HG3  H  N N 203 
LYS HD2  H  N N 204 
LYS HD3  H  N N 205 
LYS HE2  H  N N 206 
LYS HE3  H  N N 207 
LYS HZ1  H  N N 208 
LYS HZ2  H  N N 209 
LYS HZ3  H  N N 210 
LYS HXT  H  N N 211 
MET N    N  N N 212 
MET CA   C  N S 213 
MET C    C  N N 214 
MET O    O  N N 215 
MET CB   C  N N 216 
MET CG   C  N N 217 
MET SD   S  N N 218 
MET CE   C  N N 219 
MET OXT  O  N N 220 
MET H    H  N N 221 
MET H2   H  N N 222 
MET HA   H  N N 223 
MET HB2  H  N N 224 
MET HB3  H  N N 225 
MET HG2  H  N N 226 
MET HG3  H  N N 227 
MET HE1  H  N N 228 
MET HE2  H  N N 229 
MET HE3  H  N N 230 
MET HXT  H  N N 231 
PHE N    N  N N 232 
PHE CA   C  N S 233 
PHE C    C  N N 234 
PHE O    O  N N 235 
PHE CB   C  N N 236 
PHE CG   C  Y N 237 
PHE CD1  C  Y N 238 
PHE CD2  C  Y N 239 
PHE CE1  C  Y N 240 
PHE CE2  C  Y N 241 
PHE CZ   C  Y N 242 
PHE OXT  O  N N 243 
PHE H    H  N N 244 
PHE H2   H  N N 245 
PHE HA   H  N N 246 
PHE HB2  H  N N 247 
PHE HB3  H  N N 248 
PHE HD1  H  N N 249 
PHE HD2  H  N N 250 
PHE HE1  H  N N 251 
PHE HE2  H  N N 252 
PHE HZ   H  N N 253 
PHE HXT  H  N N 254 
PRO N    N  N N 255 
PRO CA   C  N S 256 
PRO C    C  N N 257 
PRO O    O  N N 258 
PRO CB   C  N N 259 
PRO CG   C  N N 260 
PRO CD   C  N N 261 
PRO OXT  O  N N 262 
PRO H    H  N N 263 
PRO HA   H  N N 264 
PRO HB2  H  N N 265 
PRO HB3  H  N N 266 
PRO HG2  H  N N 267 
PRO HG3  H  N N 268 
PRO HD2  H  N N 269 
PRO HD3  H  N N 270 
PRO HXT  H  N N 271 
SER N    N  N N 272 
SER CA   C  N S 273 
SER C    C  N N 274 
SER O    O  N N 275 
SER CB   C  N N 276 
SER OG   O  N N 277 
SER OXT  O  N N 278 
SER H    H  N N 279 
SER H2   H  N N 280 
SER HA   H  N N 281 
SER HB2  H  N N 282 
SER HB3  H  N N 283 
SER HG   H  N N 284 
SER HXT  H  N N 285 
SO4 S    S  N N 286 
SO4 O1   O  N N 287 
SO4 O2   O  N N 288 
SO4 O3   O  N N 289 
SO4 O4   O  N N 290 
TFA C1   C  N N 291 
TFA C2   C  N N 292 
TFA O    O  N N 293 
TFA F1   F  N N 294 
TFA F2   F  N N 295 
TFA F3   F  N N 296 
TFA OXT  O  N N 297 
TFA HXT  H  N N 298 
THR N    N  N N 299 
THR CA   C  N S 300 
THR C    C  N N 301 
THR O    O  N N 302 
THR CB   C  N R 303 
THR OG1  O  N N 304 
THR CG2  C  N N 305 
THR OXT  O  N N 306 
THR H    H  N N 307 
THR H2   H  N N 308 
THR HA   H  N N 309 
THR HB   H  N N 310 
THR HG1  H  N N 311 
THR HG21 H  N N 312 
THR HG22 H  N N 313 
THR HG23 H  N N 314 
THR HXT  H  N N 315 
VAL N    N  N N 316 
VAL CA   C  N S 317 
VAL C    C  N N 318 
VAL O    O  N N 319 
VAL CB   C  N N 320 
VAL CG1  C  N N 321 
VAL CG2  C  N N 322 
VAL OXT  O  N N 323 
VAL H    H  N N 324 
VAL H2   H  N N 325 
VAL HA   H  N N 326 
VAL HB   H  N N 327 
VAL HG11 H  N N 328 
VAL HG12 H  N N 329 
VAL HG13 H  N N 330 
VAL HG21 H  N N 331 
VAL HG22 H  N N 332 
VAL HG23 H  N N 333 
VAL HXT  H  N N 334 
# 
loop_
_chem_comp_bond.comp_id 
_chem_comp_bond.atom_id_1 
_chem_comp_bond.atom_id_2 
_chem_comp_bond.value_order 
_chem_comp_bond.pdbx_aromatic_flag 
_chem_comp_bond.pdbx_stereo_config 
_chem_comp_bond.pdbx_ordinal 
ALA N   CA   sing N N 1   
ALA N   H    sing N N 2   
ALA N   H2   sing N N 3   
ALA CA  C    sing N N 4   
ALA CA  CB   sing N N 5   
ALA CA  HA   sing N N 6   
ALA C   O    doub N N 7   
ALA C   OXT  sing N N 8   
ALA CB  HB1  sing N N 9   
ALA CB  HB2  sing N N 10  
ALA CB  HB3  sing N N 11  
ALA OXT HXT  sing N N 12  
ARG N   CA   sing N N 13  
ARG N   H    sing N N 14  
ARG N   H2   sing N N 15  
ARG CA  C    sing N N 16  
ARG CA  CB   sing N N 17  
ARG CA  HA   sing N N 18  
ARG C   O    doub N N 19  
ARG C   OXT  sing N N 20  
ARG CB  CG   sing N N 21  
ARG CB  HB2  sing N N 22  
ARG CB  HB3  sing N N 23  
ARG CG  CD   sing N N 24  
ARG CG  HG2  sing N N 25  
ARG CG  HG3  sing N N 26  
ARG CD  NE   sing N N 27  
ARG CD  HD2  sing N N 28  
ARG CD  HD3  sing N N 29  
ARG NE  CZ   sing N N 30  
ARG NE  HE   sing N N 31  
ARG CZ  NH1  sing N N 32  
ARG CZ  NH2  doub N N 33  
ARG NH1 HH11 sing N N 34  
ARG NH1 HH12 sing N N 35  
ARG NH2 HH21 sing N N 36  
ARG NH2 HH22 sing N N 37  
ARG OXT HXT  sing N N 38  
ASN N   CA   sing N N 39  
ASN N   H    sing N N 40  
ASN N   H2   sing N N 41  
ASN CA  C    sing N N 42  
ASN CA  CB   sing N N 43  
ASN CA  HA   sing N N 44  
ASN C   O    doub N N 45  
ASN C   OXT  sing N N 46  
ASN CB  CG   sing N N 47  
ASN CB  HB2  sing N N 48  
ASN CB  HB3  sing N N 49  
ASN CG  OD1  doub N N 50  
ASN CG  ND2  sing N N 51  
ASN ND2 HD21 sing N N 52  
ASN ND2 HD22 sing N N 53  
ASN OXT HXT  sing N N 54  
ASP N   CA   sing N N 55  
ASP N   H    sing N N 56  
ASP N   H2   sing N N 57  
ASP CA  C    sing N N 58  
ASP CA  CB   sing N N 59  
ASP CA  HA   sing N N 60  
ASP C   O    doub N N 61  
ASP C   OXT  sing N N 62  
ASP CB  CG   sing N N 63  
ASP CB  HB2  sing N N 64  
ASP CB  HB3  sing N N 65  
ASP CG  OD1  doub N N 66  
ASP CG  OD2  sing N N 67  
ASP OD2 HD2  sing N N 68  
ASP OXT HXT  sing N N 69  
CYS N   CA   sing N N 70  
CYS N   H    sing N N 71  
CYS N   H2   sing N N 72  
CYS CA  C    sing N N 73  
CYS CA  CB   sing N N 74  
CYS CA  HA   sing N N 75  
CYS C   O    doub N N 76  
CYS C   OXT  sing N N 77  
CYS CB  SG   sing N N 78  
CYS CB  HB2  sing N N 79  
CYS CB  HB3  sing N N 80  
CYS SG  HG   sing N N 81  
CYS OXT HXT  sing N N 82  
GLN N   CA   sing N N 83  
GLN N   H    sing N N 84  
GLN N   H2   sing N N 85  
GLN CA  C    sing N N 86  
GLN CA  CB   sing N N 87  
GLN CA  HA   sing N N 88  
GLN C   O    doub N N 89  
GLN C   OXT  sing N N 90  
GLN CB  CG   sing N N 91  
GLN CB  HB2  sing N N 92  
GLN CB  HB3  sing N N 93  
GLN CG  CD   sing N N 94  
GLN CG  HG2  sing N N 95  
GLN CG  HG3  sing N N 96  
GLN CD  OE1  doub N N 97  
GLN CD  NE2  sing N N 98  
GLN NE2 HE21 sing N N 99  
GLN NE2 HE22 sing N N 100 
GLN OXT HXT  sing N N 101 
GLY N   CA   sing N N 102 
GLY N   H    sing N N 103 
GLY N   H2   sing N N 104 
GLY CA  C    sing N N 105 
GLY CA  HA2  sing N N 106 
GLY CA  HA3  sing N N 107 
GLY C   O    doub N N 108 
GLY C   OXT  sing N N 109 
GLY OXT HXT  sing N N 110 
HIS N   CA   sing N N 111 
HIS N   H    sing N N 112 
HIS N   H2   sing N N 113 
HIS CA  C    sing N N 114 
HIS CA  CB   sing N N 115 
HIS CA  HA   sing N N 116 
HIS C   O    doub N N 117 
HIS C   OXT  sing N N 118 
HIS CB  CG   sing N N 119 
HIS CB  HB2  sing N N 120 
HIS CB  HB3  sing N N 121 
HIS CG  ND1  sing Y N 122 
HIS CG  CD2  doub Y N 123 
HIS ND1 CE1  doub Y N 124 
HIS ND1 HD1  sing N N 125 
HIS CD2 NE2  sing Y N 126 
HIS CD2 HD2  sing N N 127 
HIS CE1 NE2  sing Y N 128 
HIS CE1 HE1  sing N N 129 
HIS NE2 HE2  sing N N 130 
HIS OXT HXT  sing N N 131 
HOH O   H1   sing N N 132 
HOH O   H2   sing N N 133 
ILE N   CA   sing N N 134 
ILE N   H    sing N N 135 
ILE N   H2   sing N N 136 
ILE CA  C    sing N N 137 
ILE CA  CB   sing N N 138 
ILE CA  HA   sing N N 139 
ILE C   O    doub N N 140 
ILE C   OXT  sing N N 141 
ILE CB  CG1  sing N N 142 
ILE CB  CG2  sing N N 143 
ILE CB  HB   sing N N 144 
ILE CG1 CD1  sing N N 145 
ILE CG1 HG12 sing N N 146 
ILE CG1 HG13 sing N N 147 
ILE CG2 HG21 sing N N 148 
ILE CG2 HG22 sing N N 149 
ILE CG2 HG23 sing N N 150 
ILE CD1 HD11 sing N N 151 
ILE CD1 HD12 sing N N 152 
ILE CD1 HD13 sing N N 153 
ILE OXT HXT  sing N N 154 
LEU N   CA   sing N N 155 
LEU N   H    sing N N 156 
LEU N   H2   sing N N 157 
LEU CA  C    sing N N 158 
LEU CA  CB   sing N N 159 
LEU CA  HA   sing N N 160 
LEU C   O    doub N N 161 
LEU C   OXT  sing N N 162 
LEU CB  CG   sing N N 163 
LEU CB  HB2  sing N N 164 
LEU CB  HB3  sing N N 165 
LEU CG  CD1  sing N N 166 
LEU CG  CD2  sing N N 167 
LEU CG  HG   sing N N 168 
LEU CD1 HD11 sing N N 169 
LEU CD1 HD12 sing N N 170 
LEU CD1 HD13 sing N N 171 
LEU CD2 HD21 sing N N 172 
LEU CD2 HD22 sing N N 173 
LEU CD2 HD23 sing N N 174 
LEU OXT HXT  sing N N 175 
LYS N   CA   sing N N 176 
LYS N   H    sing N N 177 
LYS N   H2   sing N N 178 
LYS CA  C    sing N N 179 
LYS CA  CB   sing N N 180 
LYS CA  HA   sing N N 181 
LYS C   O    doub N N 182 
LYS C   OXT  sing N N 183 
LYS CB  CG   sing N N 184 
LYS CB  HB2  sing N N 185 
LYS CB  HB3  sing N N 186 
LYS CG  CD   sing N N 187 
LYS CG  HG2  sing N N 188 
LYS CG  HG3  sing N N 189 
LYS CD  CE   sing N N 190 
LYS CD  HD2  sing N N 191 
LYS CD  HD3  sing N N 192 
LYS CE  NZ   sing N N 193 
LYS CE  HE2  sing N N 194 
LYS CE  HE3  sing N N 195 
LYS NZ  HZ1  sing N N 196 
LYS NZ  HZ2  sing N N 197 
LYS NZ  HZ3  sing N N 198 
LYS OXT HXT  sing N N 199 
MET N   CA   sing N N 200 
MET N   H    sing N N 201 
MET N   H2   sing N N 202 
MET CA  C    sing N N 203 
MET CA  CB   sing N N 204 
MET CA  HA   sing N N 205 
MET C   O    doub N N 206 
MET C   OXT  sing N N 207 
MET CB  CG   sing N N 208 
MET CB  HB2  sing N N 209 
MET CB  HB3  sing N N 210 
MET CG  SD   sing N N 211 
MET CG  HG2  sing N N 212 
MET CG  HG3  sing N N 213 
MET SD  CE   sing N N 214 
MET CE  HE1  sing N N 215 
MET CE  HE2  sing N N 216 
MET CE  HE3  sing N N 217 
MET OXT HXT  sing N N 218 
PHE N   CA   sing N N 219 
PHE N   H    sing N N 220 
PHE N   H2   sing N N 221 
PHE CA  C    sing N N 222 
PHE CA  CB   sing N N 223 
PHE CA  HA   sing N N 224 
PHE C   O    doub N N 225 
PHE C   OXT  sing N N 226 
PHE CB  CG   sing N N 227 
PHE CB  HB2  sing N N 228 
PHE CB  HB3  sing N N 229 
PHE CG  CD1  doub Y N 230 
PHE CG  CD2  sing Y N 231 
PHE CD1 CE1  sing Y N 232 
PHE CD1 HD1  sing N N 233 
PHE CD2 CE2  doub Y N 234 
PHE CD2 HD2  sing N N 235 
PHE CE1 CZ   doub Y N 236 
PHE CE1 HE1  sing N N 237 
PHE CE2 CZ   sing Y N 238 
PHE CE2 HE2  sing N N 239 
PHE CZ  HZ   sing N N 240 
PHE OXT HXT  sing N N 241 
PRO N   CA   sing N N 242 
PRO N   CD   sing N N 243 
PRO N   H    sing N N 244 
PRO CA  C    sing N N 245 
PRO CA  CB   sing N N 246 
PRO CA  HA   sing N N 247 
PRO C   O    doub N N 248 
PRO C   OXT  sing N N 249 
PRO CB  CG   sing N N 250 
PRO CB  HB2  sing N N 251 
PRO CB  HB3  sing N N 252 
PRO CG  CD   sing N N 253 
PRO CG  HG2  sing N N 254 
PRO CG  HG3  sing N N 255 
PRO CD  HD2  sing N N 256 
PRO CD  HD3  sing N N 257 
PRO OXT HXT  sing N N 258 
SER N   CA   sing N N 259 
SER N   H    sing N N 260 
SER N   H2   sing N N 261 
SER CA  C    sing N N 262 
SER CA  CB   sing N N 263 
SER CA  HA   sing N N 264 
SER C   O    doub N N 265 
SER C   OXT  sing N N 266 
SER CB  OG   sing N N 267 
SER CB  HB2  sing N N 268 
SER CB  HB3  sing N N 269 
SER OG  HG   sing N N 270 
SER OXT HXT  sing N N 271 
SO4 S   O1   doub N N 272 
SO4 S   O2   doub N N 273 
SO4 S   O3   sing N N 274 
SO4 S   O4   sing N N 275 
TFA C1  C2   sing N N 276 
TFA C1  O    doub N N 277 
TFA C1  OXT  sing N N 278 
TFA C2  F1   sing N N 279 
TFA C2  F2   sing N N 280 
TFA C2  F3   sing N N 281 
TFA OXT HXT  sing N N 282 
THR N   CA   sing N N 283 
THR N   H    sing N N 284 
THR N   H2   sing N N 285 
THR CA  C    sing N N 286 
THR CA  CB   sing N N 287 
THR CA  HA   sing N N 288 
THR C   O    doub N N 289 
THR C   OXT  sing N N 290 
THR CB  OG1  sing N N 291 
THR CB  CG2  sing N N 292 
THR CB  HB   sing N N 293 
THR OG1 HG1  sing N N 294 
THR CG2 HG21 sing N N 295 
THR CG2 HG22 sing N N 296 
THR CG2 HG23 sing N N 297 
THR OXT HXT  sing N N 298 
VAL N   CA   sing N N 299 
VAL N   H    sing N N 300 
VAL N   H2   sing N N 301 
VAL CA  C    sing N N 302 
VAL CA  CB   sing N N 303 
VAL CA  HA   sing N N 304 
VAL C   O    doub N N 305 
VAL C   OXT  sing N N 306 
VAL CB  CG1  sing N N 307 
VAL CB  CG2  sing N N 308 
VAL CB  HB   sing N N 309 
VAL CG1 HG11 sing N N 310 
VAL CG1 HG12 sing N N 311 
VAL CG1 HG13 sing N N 312 
VAL CG2 HG21 sing N N 313 
VAL CG2 HG22 sing N N 314 
VAL CG2 HG23 sing N N 315 
VAL OXT HXT  sing N N 316 
# 
_pdbx_initial_refinement_model.id               1 
_pdbx_initial_refinement_model.entity_id_list   ? 
_pdbx_initial_refinement_model.type             'experimental model' 
_pdbx_initial_refinement_model.source_name      PDB 
_pdbx_initial_refinement_model.accession_code   6ATM 
_pdbx_initial_refinement_model.details          ? 
# 
_atom_sites.entry_id                    6AY7 
_atom_sites.fract_transf_matrix[1][1]   0.01589855 
_atom_sites.fract_transf_matrix[1][2]   -0.01480036 
_atom_sites.fract_transf_matrix[1][3]   -0.02861076 
_atom_sites.fract_transf_matrix[2][1]   0.01379668 
_atom_sites.fract_transf_matrix[2][2]   -0.00985148 
_atom_sites.fract_transf_matrix[2][3]   0.01276277 
_atom_sites.fract_transf_matrix[3][1]   -0.01272318 
_atom_sites.fract_transf_matrix[3][2]   -0.01615271 
_atom_sites.fract_transf_matrix[3][3]   0.00128574 
_atom_sites.fract_transf_vector[1]      -0.141347 
_atom_sites.fract_transf_vector[2]      0.249068 
_atom_sites.fract_transf_vector[3]      -0.247491 
# 
loop_
_atom_type.symbol 
C  
CL 
F  
N  
O  
S  
# 
loop_
_atom_site.group_PDB 
_atom_site.id 
_atom_site.type_symbol 
_atom_site.label_atom_id 
_atom_site.label_alt_id 
_atom_site.label_comp_id 
_atom_site.label_asym_id 
_atom_site.label_entity_id 
_atom_site.label_seq_id 
_atom_site.pdbx_PDB_ins_code 
_atom_site.Cartn_x 
_atom_site.Cartn_y 
_atom_site.Cartn_z 
_atom_site.occupancy 
_atom_site.B_iso_or_equiv 
_atom_site.pdbx_formal_charge 
_atom_site.auth_seq_id 
_atom_site.auth_comp_id 
_atom_site.auth_asym_id 
_atom_site.auth_atom_id 
_atom_site.pdbx_PDB_model_num 
ATOM   1   N  N   . GLY A 1 1  ? -7.806  1.198   6.524   1.00 34.30 ? -1  GLY A N   1 
ATOM   2   C  CA  . GLY A 1 1  ? -6.595  2.093   6.666   1.00 40.41 ? -1  GLY A CA  1 
ATOM   3   C  C   . GLY A 1 1  ? -6.151  2.714   5.347   1.00 37.21 ? -1  GLY A C   1 
ATOM   4   O  O   . GLY A 1 1  ? -6.860  2.615   4.339   1.00 45.65 ? -1  GLY A O   1 
ATOM   5   N  N   . SER A 1 2  ? -4.972  3.330   5.329   1.00 34.56 ? 0   SER A N   1 
ATOM   6   C  CA  . SER A 1 2  ? -4.619  4.175   4.192   1.00 29.19 ? 0   SER A CA  1 
ATOM   7   C  C   . SER A 1 2  ? -3.559  3.620   3.240   1.00 19.88 ? 0   SER A C   1 
ATOM   8   O  O   . SER A 1 2  ? -3.381  4.218   2.185   1.00 18.81 ? 0   SER A O   1 
ATOM   9   C  CB  . SER A 1 2  ? -4.330  5.634   4.631   1.00 33.97 ? 0   SER A CB  1 
ATOM   10  O  OG  . SER A 1 2  ? -3.760  5.668   5.932   1.00 38.95 ? 0   SER A OG  1 
ATOM   11  N  N   . VAL A 1 3  ? -2.990  2.428   3.486   1.00 14.13 ? 1   VAL A N   1 
ATOM   12  C  CA  . VAL A 1 3  ? -2.212  1.752   2.410   1.00 14.48 ? 1   VAL A CA  1 
ATOM   13  C  C   . VAL A 1 3  ? -3.091  0.892   1.505   1.00 12.67 ? 1   VAL A C   1 
ATOM   14  O  O   . VAL A 1 3  ? -3.714  -0.050  1.972   1.00 12.68 ? 1   VAL A O   1 
ATOM   15  C  CB  . VAL A 1 3  ? -1.051  0.889   2.953   1.00 14.77 ? 1   VAL A CB  1 
ATOM   16  C  CG1 . VAL A 1 3  ? -0.357  0.120   1.829   1.00 13.13 ? 1   VAL A CG1 1 
ATOM   17  C  CG2 . VAL A 1 3  ? -0.065  1.795   3.716   1.00 16.30 ? 1   VAL A CG2 1 
ATOM   18  N  N   . ARG A 1 4  ? -3.123  1.208   0.218   1.00 12.43 ? 2   ARG A N   1 
ATOM   19  C  CA  . ARG A 1 4  ? -3.921  0.443   -0.724  1.00 13.07 ? 2   ARG A CA  1 
ATOM   20  C  C   . ARG A 1 4  ? -3.125  -0.655  -1.424  1.00 10.96 ? 2   ARG A C   1 
ATOM   21  O  O   . ARG A 1 4  ? -2.269  -0.370  -2.251  1.00 10.86 ? 2   ARG A O   1 
ATOM   22  C  CB  . ARG A 1 4  ? -4.558  1.369   -1.735  1.00 16.26 ? 2   ARG A CB  1 
ATOM   23  C  CG  . ARG A 1 4  ? -5.557  2.355   -1.144  1.00 20.01 ? 2   ARG A CG  1 
ATOM   24  C  CD  . ARG A 1 4  ? -5.726  3.479   -2.132  1.00 30.99 ? 2   ARG A CD  1 
ATOM   25  N  NE  . ARG A 1 4  ? -6.561  4.566   -1.648  1.00 46.86 ? 2   ARG A NE  1 
ATOM   26  C  CZ  . ARG A 1 4  ? -6.549  5.807   -2.143  1.00 63.66 ? 2   ARG A CZ  1 
ATOM   27  N  NH1 . ARG A 1 4  ? -5.696  6.158   -3.109  1.00 69.78 ? 2   ARG A NH1 1 
ATOM   28  N  NH2 . ARG A 1 4  ? -7.376  6.720   -1.644  1.00 66.62 ? 2   ARG A NH2 1 
ATOM   29  N  N   . ILE A 1 5  ? -3.443  -1.915  -1.122  1.00 10.37 ? 3   ILE A N   1 
ATOM   30  C  CA  . ILE A 1 5  ? -2.764  -3.033  -1.758  1.00 9.58  ? 3   ILE A CA  1 
ATOM   31  C  C   . ILE A 1 5  ? -3.619  -3.562  -2.910  1.00 9.59  ? 3   ILE A C   1 
ATOM   32  O  O   . ILE A 1 5  ? -4.851  -3.416  -2.901  1.00 8.46  ? 3   ILE A O   1 
ATOM   33  C  CB  . ILE A 1 5  ? -2.338  -4.169  -0.777  1.00 9.63  ? 3   ILE A CB  1 
ATOM   34  C  CG1 . ILE A 1 5  ? -3.542  -4.827  -0.100  1.00 8.96  ? 3   ILE A CG1 1 
ATOM   35  C  CG2 . ILE A 1 5  ? -1.363  -3.649  0.288   1.00 10.43 ? 3   ILE A CG2 1 
ATOM   36  C  CD1 . ILE A 1 5  ? -3.179  -6.043  0.766   1.00 9.11  ? 3   ILE A CD1 1 
ATOM   37  N  N   . PRO A 1 6  ? -2.953  -4.071  -3.964  1.00 9.79  ? 4   PRO A N   1 
ATOM   38  C  CA  . PRO A 1 6  ? -3.603  -4.459  -5.214  1.00 9.14  ? 4   PRO A CA  1 
ATOM   39  C  C   . PRO A 1 6  ? -4.234  -5.888  -5.112  1.00 9.02  ? 4   PRO A C   1 
ATOM   40  O  O   . PRO A 1 6  ? -3.908  -6.808  -5.870  1.00 9.54  ? 4   PRO A O   1 
ATOM   41  C  CB  . PRO A 1 6  ? -2.452  -4.371  -6.196  1.00 8.14  ? 4   PRO A CB  1 
ATOM   42  C  CG  . PRO A 1 6  ? -1.289  -4.857  -5.406  1.00 8.76  ? 4   PRO A CG  1 
ATOM   43  C  CD  . PRO A 1 6  ? -1.489  -4.214  -4.070  1.00 8.97  ? 4   PRO A CD  1 
ATOM   44  N  N   . VAL A 1 7  ? -5.139  -6.046  -4.146  1.00 9.20  ? 5   VAL A N   1 
ATOM   45  C  CA  . VAL A 1 7  ? -5.773  -7.324  -3.819  1.00 9.18  ? 5   VAL A CA  1 
ATOM   46  C  C   . VAL A 1 7  ? -7.268  -7.020  -3.796  1.00 9.32  ? 5   VAL A C   1 
ATOM   47  O  O   . VAL A 1 7  ? -7.701  -6.052  -3.129  1.00 9.52  ? 5   VAL A O   1 
ATOM   48  C  CB  . VAL A 1 7  ? -5.299  -7.891  -2.460  1.00 9.44  ? 5   VAL A CB  1 
ATOM   49  C  CG1 . VAL A 1 7  ? -5.984  -9.209  -2.147  1.00 9.16  ? 5   VAL A CG1 1 
ATOM   50  C  CG2 . VAL A 1 7  ? -3.762  -8.067  -2.453  1.00 10.34 ? 5   VAL A CG2 1 
ATOM   51  N  N   . SER A 1 8  ? -8.033  -7.846  -4.512  1.00 8.34  ? 6   SER A N   1 
ATOM   52  C  CA  . SER A 1 8  ? -9.475  -7.670  -4.649  1.00 8.77  ? 6   SER A CA  1 
ATOM   53  C  C   . SER A 1 8  ? -10.274 -8.290  -3.491  1.00 8.18  ? 6   SER A C   1 
ATOM   54  O  O   . SER A 1 8  ? -9.851  -9.254  -2.831  1.00 9.01  ? 6   SER A O   1 
ATOM   55  C  CB  . SER A 1 8  ? -9.976  -8.204  -6.002  1.00 8.11  ? 6   SER A CB  1 
ATOM   56  O  OG  . SER A 1 8  ? -9.670  -9.583  -6.117  1.00 8.17  ? 6   SER A OG  1 
ATOM   57  N  N   . CYS A 1 9  ? -11.428 -7.698  -3.239  1.00 8.37  ? 7   CYS A N   1 
ATOM   58  C  CA  . CYS A 1 9  ? -12.290 -8.102  -2.150  1.00 8.74  ? 7   CYS A CA  1 
ATOM   59  C  C   . CYS A 1 9  ? -13.720 -7.566  -2.342  1.00 8.75  ? 7   CYS A C   1 
ATOM   60  O  O   . CYS A 1 9  ? -13.943 -6.599  -3.092  1.00 8.32  ? 7   CYS A O   1 
ATOM   61  C  CB  . CYS A 1 9  ? -11.711 -7.575  -0.823  1.00 8.38  ? 7   CYS A CB  1 
ATOM   62  S  SG  . CYS A 1 9  ? -11.491 -5.764  -0.810  1.00 8.29  ? 7   CYS A SG  1 
ATOM   63  N  N   . ARG A 1 10 ? -14.667 -8.188  -1.643  1.00 8.41  ? 8   ARG A N   1 
ATOM   64  C  CA  . ARG A 1 10 ? -15.985 -7.611  -1.415  1.00 9.32  ? 8   ARG A CA  1 
ATOM   65  C  C   . ARG A 1 10 ? -16.346 -7.431  0.068   1.00 9.23  ? 8   ARG A C   1 
ATOM   66  O  O   . ARG A 1 10 ? -17.289 -6.725  0.398   1.00 10.41 ? 8   ARG A O   1 
ATOM   67  C  CB  . ARG A 1 10 ? -17.061 -8.425  -2.142  1.00 11.99 ? 8   ARG A CB  1 
ATOM   68  C  CG  . ARG A 1 10 ? -17.020 -8.311  -3.656  1.00 13.31 ? 8   ARG A CG  1 
ATOM   69  C  CD  . ARG A 1 10 ? -17.664 -7.018  -4.184  1.00 15.67 ? 8   ARG A CD  1 
ATOM   70  N  NE  . ARG A 1 10 ? -19.093 -6.952  -3.834  1.00 16.70 ? 8   ARG A NE  1 
ATOM   71  C  CZ  . ARG A 1 10 ? -19.657 -6.043  -3.038  1.00 14.54 ? 8   ARG A CZ  1 
ATOM   72  N  NH1 . ARG A 1 10 ? -20.938 -6.179  -2.727  1.00 16.51 ? 8   ARG A NH1 1 
ATOM   73  N  NH2 . ARG A 1 10 ? -18.979 -5.002  -2.562  1.00 15.11 ? 8   ARG A NH2 1 
ATOM   74  N  N   . HIS A 1 11 ? -15.538 -7.999  0.968   1.00 9.05  ? 9   HIS A N   1 
ATOM   75  C  CA  . HIS A 1 11 ? -15.780 -7.922  2.403   1.00 10.56 ? 9   HIS A CA  1 
ATOM   76  C  C   . HIS A 1 11 ? -14.449 -7.752  3.072   1.00 10.13 ? 9   HIS A C   1 
ATOM   77  O  O   . HIS A 1 11 ? -13.486 -8.387  2.651   1.00 10.60 ? 9   HIS A O   1 
ATOM   78  C  CB  . HIS A 1 11 ? -16.444 -9.208  2.927   1.00 11.71 ? 9   HIS A CB  1 
ATOM   79  C  CG  . HIS A 1 11 ? -17.704 -9.547  2.201   1.00 13.17 ? 9   HIS A CG  1 
ATOM   80  N  ND1 . HIS A 1 11 ? -18.884 -8.883  2.441   1.00 11.57 ? 9   HIS A ND1 1 
ATOM   81  C  CD2 . HIS A 1 11 ? -17.932 -10.366 1.151   1.00 12.02 ? 9   HIS A CD2 1 
ATOM   82  C  CE1 . HIS A 1 11 ? -19.803 -9.311  1.592   1.00 14.48 ? 9   HIS A CE1 1 
ATOM   83  N  NE2 . HIS A 1 11 ? -19.241 -10.182 0.772   1.00 13.61 ? 9   HIS A NE2 1 
ATOM   84  N  N   . SER A 1 12 ? -14.418 -6.930  4.126   1.00 8.34  ? 10  SER A N   1 
ATOM   85  C  CA  . SER A 1 12 ? -13.205 -6.711  4.913   1.00 9.24  ? 10  SER A CA  1 
ATOM   86  C  C   . SER A 1 12 ? -12.557 -7.973  5.456   1.00 9.12  ? 10  SER A C   1 
ATOM   87  O  O   . SER A 1 12 ? -11.335 -8.067  5.511   1.00 9.23  ? 10  SER A O   1 
ATOM   88  C  CB  . SER A 1 12 ? -13.481 -5.707  6.041   1.00 8.55  ? 10  SER A CB  1 
ATOM   89  O  OG  . SER A 1 12 ? -13.583 -4.395  5.506   1.00 7.88  ? 10  SER A OG  1 
ATOM   90  N  N   . GLY A 1 13 ? -13.345 -8.988  5.797   1.00 9.12  ? 11  GLY A N   1 
ATOM   91  C  CA  . GLY A 1 13 ? -12.734 -10.257 6.223   1.00 9.23  ? 11  GLY A CA  1 
ATOM   92  C  C   . GLY A 1 13 ? -11.737 -10.817 5.218   1.00 9.79  ? 11  GLY A C   1 
ATOM   93  O  O   . GLY A 1 13 ? -10.743 -11.467 5.592   1.00 9.55  ? 11  GLY A O   1 
ATOM   94  N  N   . GLN A 1 14 ? -11.980 -10.550 3.942   1.00 8.66  ? 12  GLN A N   1 
ATOM   95  C  CA  . GLN A 1 14 ? -11.140 -11.079 2.886   1.00 8.72  ? 12  GLN A CA  1 
ATOM   96  C  C   . GLN A 1 14 ? -9.779  -10.378 2.804   1.00 8.88  ? 12  GLN A C   1 
ATOM   97  O  O   . GLN A 1 14 ? -8.934  -10.772 1.998   1.00 10.94 ? 12  GLN A O   1 
ATOM   98  C  CB  . GLN A 1 14 ? -11.883 -11.019 1.548   1.00 9.78  ? 12  GLN A CB  1 
ATOM   99  C  CG  . GLN A 1 14 ? -13.189 -11.788 1.506   1.00 9.92  ? 12  GLN A CG  1 
ATOM   100 C  CD  . GLN A 1 14 ? -13.914 -11.611 0.179   1.00 13.21 ? 12  GLN A CD  1 
ATOM   101 O  OE1 . GLN A 1 14 ? -14.147 -12.563 -0.569  1.00 23.92 ? 12  GLN A OE1 1 
ATOM   102 N  NE2 . GLN A 1 14 ? -14.183 -10.409 -0.154  1.00 9.69  ? 12  GLN A NE2 1 
ATOM   103 N  N   . CYS A 1 15 ? -9.599  -9.312  3.586   1.00 7.90  ? 13  CYS A N   1 
ATOM   104 C  CA  . CYS A 1 15 ? -8.381  -8.505  3.603   1.00 9.10  ? 13  CYS A CA  1 
ATOM   105 C  C   . CYS A 1 15 ? -7.510  -8.731  4.798   1.00 9.03  ? 13  CYS A C   1 
ATOM   106 O  O   . CYS A 1 15 ? -6.437  -8.197  4.862   1.00 8.80  ? 13  CYS A O   1 
ATOM   107 C  CB  . CYS A 1 15 ? -8.746  -7.013  3.505   1.00 10.52 ? 13  CYS A CB  1 
ATOM   108 S  SG  . CYS A 1 15 ? -9.572  -6.576  1.950   1.00 9.25  ? 13  CYS A SG  1 
ATOM   109 N  N   . LEU A 1 16 ? -8.009  -9.477  5.769   1.00 9.63  ? 14  LEU A N   1 
ATOM   110 C  CA  . LEU A 1 16 ? -7.268  -9.747  6.999   1.00 11.49 ? 14  LEU A CA  1 
ATOM   111 C  C   . LEU A 1 16 ? -5.932  -10.408 6.653   1.00 10.16 ? 14  LEU A C   1 
ATOM   112 O  O   . LEU A 1 16 ? -4.868  -9.881  6.993   1.00 11.53 ? 14  LEU A O   1 
ATOM   113 C  CB  . LEU A 1 16 ? -8.114  -10.630 7.931   1.00 11.92 ? 14  LEU A CB  1 
ATOM   114 C  CG  . LEU A 1 16 ? -7.597  -10.746 9.389   1.00 14.54 ? 14  LEU A CG  1 
ATOM   115 C  CD1 . LEU A 1 16 ? -8.678  -11.222 10.348  1.00 15.07 ? 14  LEU A CD1 1 
ATOM   116 C  CD2 . LEU A 1 16 ? -6.393  -11.679 9.425   1.00 17.72 ? 14  LEU A CD2 1 
ATOM   117 N  N   . ARG A 1 17 ? -5.971  -11.520 5.919   1.00 9.18  ? 15  ARG A N   1 
ATOM   118 C  CA  . ARG A 1 17 ? -4.729  -12.243 5.612   1.00 12.51 ? 15  ARG A CA  1 
ATOM   119 C  C   . ARG A 1 17 ? -3.827  -11.494 4.609   1.00 11.56 ? 15  ARG A C   1 
ATOM   120 O  O   . ARG A 1 17 ? -2.634  -11.366 4.846   1.00 10.88 ? 15  ARG A O   1 
ATOM   121 C  CB  . ARG A 1 17 ? -4.998  -13.672 5.124   1.00 16.40 ? 15  ARG A CB  1 
ATOM   122 C  CG  . ARG A 1 17 ? -3.742  -14.543 5.149   1.00 25.32 ? 15  ARG A CG  1 
ATOM   123 C  CD  . ARG A 1 17 ? -4.024  -15.969 4.694   1.00 41.63 ? 15  ARG A CD  1 
ATOM   124 N  NE  . ARG A 1 17 ? -4.623  -16.776 5.764   1.00 64.38 ? 15  ARG A NE  1 
ATOM   125 C  CZ  . ARG A 1 17 ? -5.826  -17.366 5.725   1.00 88.38 ? 15  ARG A CZ  1 
ATOM   126 N  NH1 . ARG A 1 17 ? -6.619  -17.285 4.652   1.00 90.68 ? 15  ARG A NH1 1 
ATOM   127 N  NH2 . ARG A 1 17 ? -6.244  -18.056 6.783   1.00 95.73 ? 15  ARG A NH2 1 
ATOM   128 N  N   . PRO A 1 18 ? -4.407  -10.909 3.541   1.00 11.29 ? 16  PRO A N   1 
ATOM   129 C  CA  . PRO A 1 18 ? -3.539  -10.153 2.608   1.00 11.04 ? 16  PRO A CA  1 
ATOM   130 C  C   . PRO A 1 18 ? -2.750  -9.039  3.289   1.00 10.31 ? 16  PRO A C   1 
ATOM   131 O  O   . PRO A 1 18 ? -1.550  -8.837  2.979   1.00 9.00  ? 16  PRO A O   1 
ATOM   132 C  CB  . PRO A 1 18 ? -4.531  -9.581  1.586   1.00 12.14 ? 16  PRO A CB  1 
ATOM   133 C  CG  . PRO A 1 18 ? -5.622  -10.586 1.568   1.00 12.15 ? 16  PRO A CG  1 
ATOM   134 C  CD  . PRO A 1 18 ? -5.744  -11.150 2.966   1.00 11.17 ? 16  PRO A CD  1 
ATOM   135 N  N   . CYS A 1 19 ? -3.372  -8.341  4.243   1.00 9.81  ? 17  CYS A N   1 
ATOM   136 C  CA  . CYS A 1 19 ? -2.658  -7.263  4.936   1.00 10.45 ? 17  CYS A CA  1 
ATOM   137 C  C   . CYS A 1 19 ? -1.596  -7.813  5.864   1.00 10.89 ? 17  CYS A C   1 
ATOM   138 O  O   . CYS A 1 19 ? -0.479  -7.300  5.871   1.00 12.50 ? 17  CYS A O   1 
ATOM   139 C  CB  . CYS A 1 19 ? -3.590  -6.309  5.687   1.00 9.71  ? 17  CYS A CB  1 
ATOM   140 S  SG  . CYS A 1 19 ? -4.573  -5.288  4.569   1.00 9.71  ? 17  CYS A SG  1 
ATOM   141 N  N   . ARG A 1 20 ? -1.911  -8.895  6.564   1.00 12.79 ? 18  ARG A N   1 
ATOM   142 C  CA  . ARG A 1 20 ? -0.927  -9.559  7.432   1.00 15.18 ? 18  ARG A CA  1 
ATOM   143 C  C   . ARG A 1 20 ? 0.261   -10.070 6.654   1.00 14.41 ? 18  ARG A C   1 
ATOM   144 O  O   . ARG A 1 20 ? 1.395   -9.878  7.078   1.00 13.47 ? 18  ARG A O   1 
ATOM   145 C  CB  . ARG A 1 20 ? -1.554  -10.728 8.193   1.00 19.12 ? 18  ARG A CB  1 
ATOM   146 C  CG  . ARG A 1 20 ? -2.552  -10.267 9.240   1.00 32.84 ? 18  ARG A CG  1 
ATOM   147 C  CD  . ARG A 1 20 ? -2.550  -11.151 10.486  1.00 43.49 ? 18  ARG A CD  1 
ATOM   148 N  NE  . ARG A 1 20 ? -2.224  -10.341 11.656  1.00 56.49 ? 18  ARG A NE  1 
ATOM   149 C  CZ  . ARG A 1 20 ? -0.999  -10.186 12.157  1.00 55.71 ? 18  ARG A CZ  1 
ATOM   150 N  NH1 . ARG A 1 20 ? 0.039   -10.859 11.657  1.00 64.26 ? 18  ARG A NH1 1 
ATOM   151 N  NH2 . ARG A 1 20 ? -0.823  -9.383  13.201  1.00 52.21 ? 18  ARG A NH2 1 
ATOM   152 N  N   . ASP A 1 21 ? 0.002   -10.693 5.495   1.00 12.49 ? 19  ASP A N   1 
ATOM   153 C  CA  . ASP A 1 21 ? 1.076   -11.230 4.665   1.00 14.67 ? 19  ASP A CA  1 
ATOM   154 C  C   . ASP A 1 21 ? 1.958   -10.128 4.043   1.00 15.33 ? 19  ASP A C   1 
ATOM   155 O  O   . ASP A 1 21 ? 3.112   -10.389 3.670   1.00 11.58 ? 19  ASP A O   1 
ATOM   156 C  CB  . ASP A 1 21 ? 0.516   -12.122 3.556   1.00 15.00 ? 19  ASP A CB  1 
ATOM   157 C  CG  . ASP A 1 21 ? -0.020  -13.441 4.062   1.00 16.19 ? 19  ASP A CG  1 
ATOM   158 O  OD1 . ASP A 1 21 ? 0.203   -13.799 5.243   1.00 16.54 ? 19  ASP A OD1 1 
ATOM   159 O  OD2 . ASP A 1 21 ? -0.682  -14.141 3.250   1.00 20.33 ? 19  ASP A OD2 1 
ATOM   160 N  N   . ALA A 1 22 ? 1.413   -8.912  3.962   1.00 13.12 ? 20  ALA A N   1 
ATOM   161 C  CA  . ALA A 1 22 ? 2.130   -7.722  3.508   1.00 15.86 ? 20  ALA A CA  1 
ATOM   162 C  C   . ALA A 1 22 ? 2.873   -7.006  4.637   1.00 15.90 ? 20  ALA A C   1 
ATOM   163 O  O   . ALA A 1 22 ? 3.489   -5.969  4.414   1.00 15.00 ? 20  ALA A O   1 
ATOM   164 C  CB  . ALA A 1 22 ? 1.164   -6.758  2.826   1.00 17.72 ? 20  ALA A CB  1 
ATOM   165 N  N   . GLY A 1 23 ? 2.854   -7.597  5.831   1.00 15.61 ? 21  GLY A N   1 
ATOM   166 C  CA  . GLY A 1 23 ? 3.488   -7.025  6.988   1.00 17.08 ? 21  GLY A CA  1 
ATOM   167 C  C   . GLY A 1 23 ? 2.699   -5.924  7.646   1.00 17.25 ? 21  GLY A C   1 
ATOM   168 O  O   . GLY A 1 23 ? 3.270   -5.176  8.422   1.00 17.75 ? 21  GLY A O   1 
ATOM   169 N  N   . MET A 1 24 ? 1.385   -5.850  7.389   1.00 14.33 ? 22  MET A N   1 
ATOM   170 C  CA  . MET A 1 24 ? 0.582   -4.734  7.875   1.00 12.57 ? 22  MET A CA  1 
ATOM   171 C  C   . MET A 1 24 ? -0.595  -5.258  8.698   1.00 12.72 ? 22  MET A C   1 
ATOM   172 O  O   . MET A 1 24 ? -0.609  -6.442  9.073   1.00 13.37 ? 22  MET A O   1 
ATOM   173 C  CB  . MET A 1 24 ? 0.144   -3.871  6.685   1.00 14.55 ? 22  MET A CB  1 
ATOM   174 C  CG  . MET A 1 24 ? 1.350   -3.256  5.963   1.00 14.70 ? 22  MET A CG  1 
ATOM   175 S  SD  . MET A 1 24 ? 0.869   -2.029  4.767   1.00 17.76 ? 22  MET A SD  1 
ATOM   176 C  CE  . MET A 1 24 ? 0.621   -3.102  3.365   1.00 21.68 ? 22  MET A CE  1 
ATOM   177 N  N   . ARG A 1 25 ? -1.521  -4.372  9.070   1.00 10.66 ? 23  ARG A N   1 
ATOM   178 C  CA  . ARG A 1 25 ? -2.544  -4.715  10.025  1.00 12.31 ? 23  ARG A CA  1 
ATOM   179 C  C   . ARG A 1 25 ? -3.909  -4.230  9.594   1.00 11.94 ? 23  ARG A C   1 
ATOM   180 O  O   . ARG A 1 25 ? -4.023  -3.410  8.717   1.00 10.42 ? 23  ARG A O   1 
ATOM   181 C  CB  . ARG A 1 25 ? -2.248  -4.067  11.375  1.00 16.05 ? 23  ARG A CB  1 
ATOM   182 C  CG  . ARG A 1 25 ? -0.861  -4.343  11.917  1.00 21.11 ? 23  ARG A CG  1 
ATOM   183 C  CD  . ARG A 1 25 ? -0.605  -3.462  13.136  1.00 28.16 ? 23  ARG A CD  1 
ATOM   184 N  NE  . ARG A 1 25 ? -1.084  -4.113  14.341  1.00 26.26 ? 23  ARG A NE  1 
ATOM   185 C  CZ  . ARG A 1 25 ? -1.212  -3.518  15.529  1.00 34.54 ? 23  ARG A CZ  1 
ATOM   186 N  NH1 . ARG A 1 25 ? -0.937  -2.219  15.674  1.00 33.04 ? 23  ARG A NH1 1 
ATOM   187 N  NH2 . ARG A 1 25 ? -1.667  -4.222  16.568  1.00 28.30 ? 23  ARG A NH2 1 
ATOM   188 N  N   . PHE A 1 26 ? -4.940  -4.768  10.245  1.00 10.50 ? 24  PHE A N   1 
ATOM   189 C  CA  . PHE A 1 26 ? -6.283  -4.251  10.122  1.00 10.23 ? 24  PHE A CA  1 
ATOM   190 C  C   . PHE A 1 26 ? -6.761  -4.108  8.698   1.00 9.33  ? 24  PHE A C   1 
ATOM   191 O  O   . PHE A 1 26 ? -7.320  -3.070  8.324   1.00 9.49  ? 24  PHE A O   1 
ATOM   192 C  CB  . PHE A 1 26 ? -6.407  -2.920  10.848  1.00 11.62 ? 24  PHE A CB  1 
ATOM   193 C  CG  . PHE A 1 26 ? -5.755  -2.908  12.196  1.00 12.01 ? 24  PHE A CG  1 
ATOM   194 C  CD1 . PHE A 1 26 ? -5.980  -3.943  13.084  1.00 12.65 ? 24  PHE A CD1 1 
ATOM   195 C  CD2 . PHE A 1 26 ? -4.960  -1.825  12.598  1.00 12.37 ? 24  PHE A CD2 1 
ATOM   196 C  CE1 . PHE A 1 26 ? -5.367  -3.955  14.340  1.00 13.91 ? 24  PHE A CE1 1 
ATOM   197 C  CE2 . PHE A 1 26 ? -4.403  -1.805  13.865  1.00 13.09 ? 24  PHE A CE2 1 
ATOM   198 C  CZ  . PHE A 1 26 ? -4.557  -2.893  14.717  1.00 11.96 ? 24  PHE A CZ  1 
ATOM   199 N  N   . GLY A 1 27 ? -6.723  -5.217  7.972   1.00 8.95  ? 25  GLY A N   1 
ATOM   200 C  CA  . GLY A 1 27 ? -7.226  -5.244  6.605   1.00 7.98  ? 25  GLY A CA  1 
ATOM   201 C  C   . GLY A 1 27 ? -8.695  -4.864  6.549   1.00 7.21  ? 25  GLY A C   1 
ATOM   202 O  O   . GLY A 1 27 ? -9.516  -5.314  7.376   1.00 6.03  ? 25  GLY A O   1 
ATOM   203 N  N   . ARG A 1 28 ? -9.012  -4.022  5.577   1.00 7.19  ? 26  ARG A N   1 
ATOM   204 C  CA  . ARG A 1 28 ? -10.370 -3.579  5.306   1.00 7.91  ? 26  ARG A CA  1 
ATOM   205 C  C   . ARG A 1 28 ? -10.570 -3.512  3.803   1.00 8.49  ? 26  ARG A C   1 
ATOM   206 O  O   . ARG A 1 28 ? -9.643  -3.166  3.058   1.00 10.32 ? 26  ARG A O   1 
ATOM   207 C  CB  . ARG A 1 28 ? -10.603 -2.178  5.889   1.00 8.46  ? 26  ARG A CB  1 
ATOM   208 C  CG  . ARG A 1 28 ? -10.452 -2.063  7.387   1.00 9.72  ? 26  ARG A CG  1 
ATOM   209 C  CD  . ARG A 1 28 ? -11.561 -2.763  8.143   1.00 9.35  ? 26  ARG A CD  1 
ATOM   210 N  NE  . ARG A 1 28 ? -11.459 -2.570  9.587   1.00 9.13  ? 26  ARG A NE  1 
ATOM   211 C  CZ  . ARG A 1 28 ? -10.720 -3.324  10.411  1.00 9.82  ? 26  ARG A CZ  1 
ATOM   212 N  NH1 . ARG A 1 28 ? -9.976  -4.357  9.985   1.00 9.49  ? 26  ARG A NH1 1 
ATOM   213 N  NH2 . ARG A 1 28 ? -10.765 -3.084  11.697  1.00 9.42  ? 26  ARG A NH2 1 
ATOM   214 N  N   . CYS A 1 29 ? -11.780 -3.821  3.368   1.00 8.83  ? 27  CYS A N   1 
ATOM   215 C  CA  . CYS A 1 29 ? -12.154 -3.757  1.973   1.00 8.64  ? 27  CYS A CA  1 
ATOM   216 C  C   . CYS A 1 29 ? -12.802 -2.408  1.678   1.00 8.39  ? 27  CYS A C   1 
ATOM   217 O  O   . CYS A 1 29 ? -13.768 -2.024  2.322   1.00 9.79  ? 27  CYS A O   1 
ATOM   218 C  CB  . CYS A 1 29 ? -13.094 -4.893  1.555   1.00 9.73  ? 27  CYS A CB  1 
ATOM   219 S  SG  . CYS A 1 29 ? -13.335 -5.023  -0.250  1.00 8.61  ? 27  CYS A SG  1 
ATOM   220 N  N   . MET A 1 30 ? -12.258 -1.574  0.658   1.00 11.71 ? 30  MET A N   1 
ATOM   221 C  CA  . MET A 1 30 ? -12.753 -0.243  0.304   1.00 13.56 ? 30  MET A CA  1 
ATOM   222 C  C   . MET A 1 30 ? -12.710 -0.196  -1.188  1.00 10.95 ? 30  MET A C   1 
ATOM   223 O  O   . MET A 1 30 ? -11.668 -0.456  -1.787  1.00 8.49  ? 30  MET A O   1 
ATOM   224 C  CB  . MET A 1 30 ? -11.859 0.857   0.889   1.00 20.00 ? 30  MET A CB  1 
ATOM   225 C  CG  . MET A 1 30 ? -12.304 2.277   0.514   1.00 30.38 ? 30  MET A CG  1 
ATOM   226 S  SD  . MET A 1 30 ? -13.953 2.660   1.143   1.00 49.37 ? 30  MET A SD  1 
ATOM   227 C  CE  . MET A 1 30 ? -14.428 4.145   0.248   1.00 56.27 ? 30  MET A CE  1 
ATOM   228 N  N   . ASN A 1 31 ? -13.872 0.053   -1.800  1.00 11.05 ? 31  ASN A N   1 
ATOM   229 C  CA  . ASN A 1 31 ? -13.996 0.126   -3.253  1.00 10.29 ? 31  ASN A CA  1 
ATOM   230 C  C   . ASN A 1 31 ? -13.465 -1.138  -3.968  1.00 9.71  ? 31  ASN A C   1 
ATOM   231 O  O   . ASN A 1 31 ? -12.791 -1.035  -5.004  1.00 9.79  ? 31  ASN A O   1 
ATOM   232 C  CB  . ASN A 1 31 ? -13.346 1.398   -3.833  1.00 10.52 ? 31  ASN A CB  1 
ATOM   233 C  CG  . ASN A 1 31 ? -13.955 2.704   -3.256  1.00 13.34 ? 31  ASN A CG  1 
ATOM   234 O  OD1 . ASN A 1 31 ? -15.150 2.791   -2.927  1.00 12.87 ? 31  ASN A OD1 1 
ATOM   235 N  ND2 . ASN A 1 31 ? -13.109 3.709   -3.096  1.00 15.53 ? 31  ASN A ND2 1 
ATOM   236 N  N   . GLY A 1 32 ? -13.744 -2.298  -3.369  1.00 8.30  ? 32  GLY A N   1 
ATOM   237 C  CA  . GLY A 1 32 ? -13.361 -3.592  -3.914  1.00 7.81  ? 32  GLY A CA  1 
ATOM   238 C  C   . GLY A 1 32 ? -11.882 -3.944  -3.913  1.00 7.96  ? 32  GLY A C   1 
ATOM   239 O  O   . GLY A 1 32 ? -11.482 -4.915  -4.584  1.00 8.34  ? 32  GLY A O   1 
ATOM   240 N  N   . ARG A 1 33 ? -11.053 -3.178  -3.191  1.00 8.59  ? 33  ARG A N   1 
ATOM   241 C  CA  . ARG A 1 33 ? -9.652  -3.571  -2.955  1.00 9.14  ? 33  ARG A CA  1 
ATOM   242 C  C   . ARG A 1 33 ? -9.306  -3.456  -1.476  1.00 8.34  ? 33  ARG A C   1 
ATOM   243 O  O   . ARG A 1 33 ? -9.937  -2.689  -0.740  1.00 9.19  ? 33  ARG A O   1 
ATOM   244 C  CB  . ARG A 1 33 ? -8.685  -2.664  -3.755  1.00 10.96 ? 33  ARG A CB  1 
ATOM   245 C  CG  . ARG A 1 33 ? -8.803  -2.690  -5.268  1.00 13.93 ? 33  ARG A CG  1 
ATOM   246 C  CD  . ARG A 1 33 ? -7.996  -3.812  -5.848  1.00 14.62 ? 33  ARG A CD  1 
ATOM   247 N  NE  . ARG A 1 33 ? -7.904  -3.843  -7.302  1.00 15.36 ? 33  ARG A NE  1 
ATOM   248 C  CZ  . ARG A 1 33 ? -6.856  -3.459  -8.038  1.00 15.56 ? 33  ARG A CZ  1 
ATOM   249 N  NH1 . ARG A 1 33 ? -6.863  -3.708  -9.338  1.00 16.29 ? 33  ARG A NH1 1 
ATOM   250 N  NH2 . ARG A 1 33 ? -5.846  -2.774  -7.526  1.00 17.24 ? 33  ARG A NH2 1 
ATOM   251 N  N   . CYS A 1 34 ? -8.254  -4.140  -1.057  1.00 8.43  ? 34  CYS A N   1 
ATOM   252 C  CA  . CYS A 1 34 ? -7.872  -4.156  0.347   1.00 9.16  ? 34  CYS A CA  1 
ATOM   253 C  C   . CYS A 1 34 ? -7.028  -2.935  0.732   1.00 11.35 ? 34  CYS A C   1 
ATOM   254 O  O   . CYS A 1 34 ? -6.166  -2.489  -0.029  1.00 10.43 ? 34  CYS A O   1 
ATOM   255 C  CB  . CYS A 1 34 ? -7.125  -5.438  0.716   1.00 8.91  ? 34  CYS A CB  1 
ATOM   256 S  SG  . CYS A 1 34 ? -8.125  -6.921  0.536   1.00 9.97  ? 34  CYS A SG  1 
ATOM   257 N  N   . ASP A 1 35 ? -7.313  -2.393  1.914   1.00 11.44 ? 35  ASP A N   1 
ATOM   258 C  CA  . ASP A 1 35 ? -6.514  -1.330  2.511   1.00 12.32 ? 35  ASP A CA  1 
ATOM   259 C  C   . ASP A 1 35 ? -5.944  -1.866  3.822   1.00 11.01 ? 35  ASP A C   1 
ATOM   260 O  O   . ASP A 1 35 ? -6.608  -2.644  4.533   1.00 8.47  ? 35  ASP A O   1 
ATOM   261 C  CB  . ASP A 1 35 ? -7.393  -0.138  2.859   1.00 17.42 ? 35  ASP A CB  1 
ATOM   262 C  CG  . ASP A 1 35 ? -8.010  0.514   1.638   1.00 25.82 ? 35  ASP A CG  1 
ATOM   263 O  OD1 . ASP A 1 35 ? -7.611  0.188   0.481   1.00 24.22 ? 35  ASP A OD1 1 
ATOM   264 O  OD2 . ASP A 1 35 ? -8.937  1.324   1.857   1.00 29.77 ? 35  ASP A OD2 1 
ATOM   265 N  N   . CYS A 1 36 ? -4.759  -1.392  4.169   1.00 10.45 ? 36  CYS A N   1 
ATOM   266 C  CA  . CYS A 1 36 ? -4.058  -1.861  5.360   1.00 11.68 ? 36  CYS A CA  1 
ATOM   267 C  C   . CYS A 1 36 ? -3.489  -0.703  6.137   1.00 11.67 ? 36  CYS A C   1 
ATOM   268 O  O   . CYS A 1 36 ? -3.368  0.389   5.616   1.00 10.31 ? 36  CYS A O   1 
ATOM   269 C  CB  . CYS A 1 36 ? -2.900  -2.797  5.019   1.00 12.21 ? 36  CYS A CB  1 
ATOM   270 S  SG  . CYS A 1 36 ? -3.179  -4.054  3.756   1.00 11.20 ? 36  CYS A SG  1 
ATOM   271 N  N   . THR A 1 37 ? -3.235  -0.966  7.417   1.00 11.79 ? 37  THR A N   1 
ATOM   272 C  CA  . THR A 1 37 ? -2.570  -0.032  8.329   1.00 12.86 ? 37  THR A CA  1 
ATOM   273 C  C   . THR A 1 37 ? -1.127  -0.467  8.573   1.00 13.30 ? 37  THR A C   1 
ATOM   274 O  O   . THR A 1 37 ? -0.870  -1.609  8.952   1.00 12.14 ? 37  THR A O   1 
ATOM   275 C  CB  . THR A 1 37 ? -3.357  0.041   9.648   1.00 13.97 ? 37  THR A CB  1 
ATOM   276 O  OG1 . THR A 1 37 ? -4.708  0.463   9.360   1.00 14.94 ? 37  THR A OG1 1 
ATOM   277 C  CG2 . THR A 1 37 ? -2.693  1.032   10.641  1.00 13.85 ? 37  THR A CG2 1 
ATOM   278 N  N   . PRO A 1 38 ? -0.168  0.450   8.318   1.00 14.66 ? 38  PRO A N   1 
ATOM   279 C  CA  . PRO A 1 38 ? 1.246   0.094   8.479   1.00 17.88 ? 38  PRO A CA  1 
ATOM   280 C  C   . PRO A 1 38 ? 1.607   -0.105  9.941   1.00 15.95 ? 38  PRO A C   1 
ATOM   281 O  O   . PRO A 1 38 ? 0.985   0.489   10.826  1.00 15.38 ? 38  PRO A O   1 
ATOM   282 C  CB  . PRO A 1 38 ? 1.999   1.286   7.867   1.00 19.80 ? 38  PRO A CB  1 
ATOM   283 C  CG  . PRO A 1 38 ? 1.008   2.414   7.802   1.00 18.81 ? 38  PRO A CG  1 
ATOM   284 C  CD  . PRO A 1 38 ? -0.369  1.823   7.810   1.00 16.90 ? 38  PRO A CD  1 
ATOM   285 N  N   . ARG A 1 39 ? 2.526   -1.018  10.189  1.00 18.13 ? 39  ARG A N   1 
ATOM   286 C  CA  . ARG A 1 39 ? 3.099   -1.206  11.527  1.00 23.35 ? 39  ARG A CA  1 
ATOM   287 C  C   . ARG A 1 39 ? 4.037   -0.065  11.877  1.00 25.14 ? 39  ARG A C   1 
ATOM   288 O  O   . ARG A 1 39 ? 4.653   0.572   11.017  1.00 20.81 ? 39  ARG A O   1 
ATOM   289 C  CB  . ARG A 1 39 ? 3.867   -2.531  11.613  1.00 26.16 ? 39  ARG A CB  1 
ATOM   290 C  CG  . ARG A 1 39 ? 2.980   -3.749  11.410  1.00 31.62 ? 39  ARG A CG  1 
ATOM   291 C  CD  . ARG A 1 39 ? 3.643   -5.059  11.818  1.00 39.88 ? 39  ARG A CD  1 
ATOM   292 N  NE  . ARG A 1 39 ? 2.640   -6.033  12.264  1.00 49.99 ? 39  ARG A NE  1 
ATOM   293 C  CZ  . ARG A 1 39 ? 2.066   -6.057  13.474  1.00 54.86 ? 39  ARG A CZ  1 
ATOM   294 N  NH1 . ARG A 1 39 ? 1.152   -6.980  13.739  1.00 60.39 ? 39  ARG A NH1 1 
ATOM   295 N  NH2 . ARG A 1 39 ? 2.392   -5.174  14.422  1.00 58.50 ? 39  ARG A NH2 1 
ATOM   296 O  OXT . ARG A 1 39 ? 4.194   0.203   13.051  1.00 28.42 ? 39  ARG A OXT 1 
ATOM   297 N  N   . GLY B 1 1  ? -1.162  -3.259  -9.948  1.00 50.86 ? -1  GLY B N   1 
ATOM   298 C  CA  . GLY B 1 1  ? -0.004  -4.087  -9.513  1.00 38.31 ? -1  GLY B CA  1 
ATOM   299 C  C   . GLY B 1 1  ? 0.785   -3.499  -8.354  1.00 28.17 ? -1  GLY B C   1 
ATOM   300 O  O   . GLY B 1 1  ? 1.549   -4.206  -7.724  1.00 37.38 ? -1  GLY B O   1 
ATOM   301 N  N   . SER B 1 2  ? 0.643   -2.203  -8.079  1.00 24.58 ? 0   SER B N   1 
ATOM   302 C  CA  . SER B 1 2  ? 1.525   -1.558  -7.111  1.00 19.74 ? 0   SER B CA  1 
ATOM   303 C  C   . SER B 1 2  ? 0.768   -1.305  -5.849  1.00 14.81 ? 0   SER B C   1 
ATOM   304 O  O   . SER B 1 2  ? -0.459  -1.284  -5.839  1.00 13.16 ? 0   SER B O   1 
ATOM   305 C  CB  . SER B 1 2  ? 2.086   -0.249  -7.655  1.00 20.71 ? 0   SER B CB  1 
ATOM   306 O  OG  . SER B 1 2  ? 3.213   -0.549  -8.398  1.00 21.09 ? 0   SER B OG  1 
ATOM   307 N  N   . VAL B 1 3  ? 1.514   -1.153  -4.763  1.00 12.79 ? 1   VAL B N   1 
ATOM   308 C  CA  . VAL B 1 3  ? 0.947   -0.744  -3.491  1.00 12.04 ? 1   VAL B CA  1 
ATOM   309 C  C   . VAL B 1 3  ? 0.967   0.783   -3.471  1.00 12.06 ? 1   VAL B C   1 
ATOM   310 O  O   . VAL B 1 3  ? 2.022   1.409   -3.661  1.00 11.81 ? 1   VAL B O   1 
ATOM   311 C  CB  . VAL B 1 3  ? 1.770   -1.291  -2.307  1.00 11.13 ? 1   VAL B CB  1 
ATOM   312 C  CG1 . VAL B 1 3  ? 1.269   -0.728  -0.990  1.00 11.33 ? 1   VAL B CG1 1 
ATOM   313 C  CG2 . VAL B 1 3  ? 1.763   -2.809  -2.316  1.00 11.58 ? 1   VAL B CG2 1 
ATOM   314 N  N   . ARG B 1 4  ? -0.187  1.386   -3.188  1.00 11.44 ? 2   ARG B N   1 
ATOM   315 C  CA  . ARG B 1 4  ? -0.301  2.837   -3.160  1.00 12.20 ? 2   ARG B CA  1 
ATOM   316 C  C   . ARG B 1 4  ? -0.251  3.318   -1.715  1.00 12.28 ? 2   ARG B C   1 
ATOM   317 O  O   . ARG B 1 4  ? -1.037  2.871   -0.895  1.00 10.38 ? 2   ARG B O   1 
ATOM   318 C  CB  . ARG B 1 4  ? -1.591  3.244   -3.855  1.00 15.45 ? 2   ARG B CB  1 
ATOM   319 C  CG  . ARG B 1 4  ? -1.665  2.749   -5.291  1.00 20.45 ? 2   ARG B CG  1 
ATOM   320 C  CD  . ARG B 1 4  ? -3.005  3.075   -5.936  1.00 28.29 ? 2   ARG B CD  1 
ATOM   321 N  NE  . ARG B 1 4  ? -4.033  2.054   -5.660  1.00 31.06 ? 2   ARG B NE  1 
ATOM   322 C  CZ  . ARG B 1 4  ? -5.334  2.305   -5.434  1.00 35.08 ? 2   ARG B CZ  1 
ATOM   323 N  NH1 . ARG B 1 4  ? -6.186  1.288   -5.198  1.00 28.70 ? 2   ARG B NH1 1 
ATOM   324 N  NH2 . ARG B 1 4  ? -5.801  3.569   -5.421  1.00 32.53 ? 2   ARG B NH2 1 
ATOM   325 N  N   . ILE B 1 5  ? 0.769   4.099   -1.363  1.00 10.21 ? 3   ILE B N   1 
ATOM   326 C  CA  . ILE B 1 5  ? 0.876   4.631   -0.015  1.00 10.59 ? 3   ILE B CA  1 
ATOM   327 C  C   . ILE B 1 5  ? 0.485   6.112   -0.032  1.00 10.48 ? 3   ILE B C   1 
ATOM   328 O  O   . ILE B 1 5  ? 0.620   6.789   -1.080  1.00 9.06  ? 3   ILE B O   1 
ATOM   329 C  CB  . ILE B 1 5  ? 2.267   4.410   0.617   1.00 10.88 ? 3   ILE B CB  1 
ATOM   330 C  CG1 . ILE B 1 5  ? 3.385   5.113   -0.195  1.00 10.94 ? 3   ILE B CG1 1 
ATOM   331 C  CG2 . ILE B 1 5  ? 2.543   2.916   0.693   1.00 11.67 ? 3   ILE B CG2 1 
ATOM   332 C  CD1 . ILE B 1 5  ? 4.724   5.160   0.520   1.00 10.27 ? 3   ILE B CD1 1 
ATOM   333 N  N   . PRO B 1 6  ? -0.111  6.593   1.080   1.00 9.72  ? 4   PRO B N   1 
ATOM   334 C  CA  . PRO B 1 6  ? -0.755  7.917   1.133   1.00 10.56 ? 4   PRO B CA  1 
ATOM   335 C  C   . PRO B 1 6  ? 0.286   9.027   1.406   1.00 10.09 ? 4   PRO B C   1 
ATOM   336 O  O   . PRO B 1 6  ? 0.205   9.772   2.395   1.00 11.66 ? 4   PRO B O   1 
ATOM   337 C  CB  . PRO B 1 6  ? -1.730  7.763   2.292   1.00 10.40 ? 4   PRO B CB  1 
ATOM   338 C  CG  . PRO B 1 6  ? -1.011  6.842   3.213   1.00 11.38 ? 4   PRO B CG  1 
ATOM   339 C  CD  . PRO B 1 6  ? -0.301  5.852   2.333   1.00 10.25 ? 4   PRO B CD  1 
ATOM   340 N  N   . VAL B 1 7  ? 1.292   9.077   0.534   1.00 10.57 ? 5   VAL B N   1 
ATOM   341 C  CA  . VAL B 1 7  ? 2.432   9.969   0.684   1.00 9.72  ? 5   VAL B CA  1 
ATOM   342 C  C   . VAL B 1 7  ? 2.572   10.717  -0.646  1.00 9.39  ? 5   VAL B C   1 
ATOM   343 O  O   . VAL B 1 7  ? 2.634   10.103  -1.725  1.00 7.47  ? 5   VAL B O   1 
ATOM   344 C  CB  . VAL B 1 7  ? 3.752   9.192   0.976   1.00 10.30 ? 5   VAL B CB  1 
ATOM   345 C  CG1 . VAL B 1 7  ? 4.940   10.156  1.128   1.00 9.97  ? 5   VAL B CG1 1 
ATOM   346 C  CG2 . VAL B 1 7  ? 3.614   8.317   2.218   1.00 10.88 ? 5   VAL B CG2 1 
ATOM   347 N  N   . SER B 1 8  ? 2.726   12.033  -0.535  1.00 9.07  ? 6   SER B N   1 
ATOM   348 C  CA  . SER B 1 8  ? 2.770   12.930  -1.666  1.00 8.74  ? 6   SER B CA  1 
ATOM   349 C  C   . SER B 1 8  ? 4.213   13.051  -2.214  1.00 8.56  ? 6   SER B C   1 
ATOM   350 O  O   . SER B 1 8  ? 5.215   12.900  -1.492  1.00 7.30  ? 6   SER B O   1 
ATOM   351 C  CB  . SER B 1 8  ? 2.203   14.296  -1.263  1.00 8.43  ? 6   SER B CB  1 
ATOM   352 O  OG  . SER B 1 8  ? 3.019   14.912  -0.295  1.00 7.66  ? 6   SER B OG  1 
ATOM   353 N  N   . CYS B 1 9  ? 4.294   13.313  -3.507  1.00 8.24  ? 7   CYS B N   1 
ATOM   354 C  CA  . CYS B 1 9  ? 5.562   13.398  -4.234  1.00 7.78  ? 7   CYS B CA  1 
ATOM   355 C  C   . CYS B 1 9  ? 5.342   14.182  -5.539  1.00 8.94  ? 7   CYS B C   1 
ATOM   356 O  O   . CYS B 1 9  ? 4.208   14.307  -6.014  1.00 9.27  ? 7   CYS B O   1 
ATOM   357 C  CB  . CYS B 1 9  ? 6.066   11.986  -4.567  1.00 7.32  ? 7   CYS B CB  1 
ATOM   358 S  SG  . CYS B 1 9  ? 4.833   10.971  -5.429  1.00 8.12  ? 7   CYS B SG  1 
ATOM   359 N  N   . ARG B 1 10 ? 6.420   14.746  -6.092  1.00 10.73 ? 8   ARG B N   1 
ATOM   360 C  CA  . ARG B 1 10 ? 6.409   15.250  -7.485  1.00 12.48 ? 8   ARG B CA  1 
ATOM   361 C  C   . ARG B 1 10 ? 7.326   14.424  -8.377  1.00 10.37 ? 8   ARG B C   1 
ATOM   362 O  O   . ARG B 1 10 ? 7.126   14.383  -9.571  1.00 10.90 ? 8   ARG B O   1 
ATOM   363 C  CB  . ARG B 1 10 ? 6.777   16.748  -7.577  1.00 17.11 ? 8   ARG B CB  1 
ATOM   364 C  CG  . ARG B 1 10 ? 8.225   17.065  -7.227  1.00 25.97 ? 8   ARG B CG  1 
ATOM   365 C  CD  . ARG B 1 10 ? 8.448   18.557  -6.940  1.00 36.64 ? 8   ARG B CD  1 
ATOM   366 N  NE  . ARG B 1 10 ? 9.875   18.858  -6.760  1.00 35.21 ? 8   ARG B NE  1 
ATOM   367 C  CZ  . ARG B 1 10 ? 10.752  19.010  -7.760  1.00 39.26 ? 8   ARG B CZ  1 
ATOM   368 N  NH1 . ARG B 1 10 ? 10.372  18.926  -9.039  1.00 30.60 ? 8   ARG B NH1 1 
ATOM   369 N  NH2 . ARG B 1 10 ? 12.020  19.265  -7.477  1.00 34.40 ? 8   ARG B NH2 1 
ATOM   370 N  N   . HIS B 1 11 ? 8.302   13.734  -7.792  1.00 8.79  ? 9   HIS B N   1 
ATOM   371 C  CA  . HIS B 1 11 ? 9.155   12.825  -8.537  1.00 10.34 ? 9   HIS B CA  1 
ATOM   372 C  C   . HIS B 1 11 ? 9.422   11.524  -7.783  1.00 9.87  ? 9   HIS B C   1 
ATOM   373 O  O   . HIS B 1 11 ? 9.353   11.471  -6.543  1.00 9.41  ? 9   HIS B O   1 
ATOM   374 C  CB  . HIS B 1 11 ? 10.482  13.509  -8.879  1.00 12.31 ? 9   HIS B CB  1 
ATOM   375 C  CG  . HIS B 1 11 ? 10.365  14.495  -9.997  1.00 15.45 ? 9   HIS B CG  1 
ATOM   376 N  ND1 . HIS B 1 11 ? 10.033  14.116  -11.291 1.00 20.75 ? 9   HIS B ND1 1 
ATOM   377 C  CD2 . HIS B 1 11 ? 10.517  15.835  -10.014 1.00 16.26 ? 9   HIS B CD2 1 
ATOM   378 C  CE1 . HIS B 1 11 ? 9.956   15.198  -12.046 1.00 22.33 ? 9   HIS B CE1 1 
ATOM   379 N  NE2 . HIS B 1 11 ? 10.254  16.254  -11.298 1.00 20.68 ? 9   HIS B NE2 1 
ATOM   380 N  N   . SER B 1 12 ? 9.786   10.500  -8.549  1.00 8.28  ? 10  SER B N   1 
ATOM   381 C  CA  . SER B 1 12 ? 10.016  9.172   -7.976  1.00 8.91  ? 10  SER B CA  1 
ATOM   382 C  C   . SER B 1 12 ? 11.105  9.084   -6.920  1.00 9.02  ? 10  SER B C   1 
ATOM   383 O  O   . SER B 1 12 ? 11.014  8.263   -5.996  1.00 9.44  ? 10  SER B O   1 
ATOM   384 C  CB  . SER B 1 12 ? 10.266  8.147   -9.088  1.00 8.54  ? 10  SER B CB  1 
ATOM   385 O  OG  . SER B 1 12 ? 9.099   8.005   -9.867  1.00 8.29  ? 10  SER B OG  1 
ATOM   386 N  N   . GLY B 1 13 ? 12.140  9.912   -7.027  1.00 9.27  ? 11  GLY B N   1 
ATOM   387 C  CA  . GLY B 1 13 ? 13.193  9.882   -5.993  1.00 8.76  ? 11  GLY B CA  1 
ATOM   388 C  C   . GLY B 1 13 ? 12.630  10.202  -4.609  1.00 8.50  ? 11  GLY B C   1 
ATOM   389 O  O   . GLY B 1 13 ? 13.127  9.715   -3.573  1.00 7.94  ? 11  GLY B O   1 
ATOM   390 N  N   . GLN B 1 14 ? 11.556  10.990  -4.567  1.00 8.92  ? 12  GLN B N   1 
ATOM   391 C  CA  . GLN B 1 14 ? 10.946  11.349  -3.268  1.00 8.59  ? 12  GLN B CA  1 
ATOM   392 C  C   . GLN B 1 14 ? 10.166  10.187  -2.679  1.00 8.73  ? 12  GLN B C   1 
ATOM   393 O  O   . GLN B 1 14 ? 9.657   10.287  -1.568  1.00 8.91  ? 12  GLN B O   1 
ATOM   394 C  CB  . GLN B 1 14 ? 10.011  12.553  -3.436  1.00 9.85  ? 12  GLN B CB  1 
ATOM   395 C  CG  . GLN B 1 14 ? 10.695  13.820  -3.869  1.00 10.63 ? 12  GLN B CG  1 
ATOM   396 C  CD  . GLN B 1 14 ? 9.694   14.899  -4.201  1.00 11.42 ? 12  GLN B CD  1 
ATOM   397 O  OE1 . GLN B 1 14 ? 8.783   14.678  -4.999  1.00 13.97 ? 12  GLN B OE1 1 
ATOM   398 N  NE2 . GLN B 1 14 ? 9.761   16.012  -3.474  1.00 16.49 ? 12  GLN B NE2 1 
ATOM   399 N  N   . CYS B 1 15 ? 10.029  9.093   -3.429  1.00 8.22  ? 13  CYS B N   1 
ATOM   400 C  CA  . CYS B 1 15 ? 9.312   7.892   -2.916  1.00 9.25  ? 13  CYS B CA  1 
ATOM   401 C  C   . CYS B 1 15 ? 10.228  6.797   -2.438  1.00 8.83  ? 13  CYS B C   1 
ATOM   402 O  O   . CYS B 1 15 ? 9.746   5.793   -1.953  1.00 7.61  ? 13  CYS B O   1 
ATOM   403 C  CB  . CYS B 1 15 ? 8.390   7.355   -4.020  1.00 7.59  ? 13  CYS B CB  1 
ATOM   404 S  SG  . CYS B 1 15 ? 7.086   8.540   -4.442  1.00 8.74  ? 13  CYS B SG  1 
ATOM   405 N  N   . LEU B 1 16 ? 11.540  6.965   -2.648  1.00 8.90  ? 14  LEU B N   1 
ATOM   406 C  CA  . LEU B 1 16 ? 12.503  5.942   -2.224  1.00 9.95  ? 14  LEU B CA  1 
ATOM   407 C  C   . LEU B 1 16 ? 12.351  5.652   -0.715  1.00 8.64  ? 14  LEU B C   1 
ATOM   408 O  O   . LEU B 1 16 ? 12.034  4.522   -0.326  1.00 8.97  ? 14  LEU B O   1 
ATOM   409 C  CB  . LEU B 1 16 ? 13.935  6.348   -2.630  1.00 11.02 ? 14  LEU B CB  1 
ATOM   410 C  CG  . LEU B 1 16 ? 15.025  5.250   -2.608  1.00 11.59 ? 14  LEU B CG  1 
ATOM   411 C  CD1 . LEU B 1 16 ? 16.294  5.693   -3.293  1.00 11.92 ? 14  LEU B CD1 1 
ATOM   412 C  CD2 . LEU B 1 16 ? 15.370  4.802   -1.190  1.00 12.68 ? 14  LEU B CD2 1 
ATOM   413 N  N   . ARG B 1 17 ? 12.453  6.691   0.112   1.00 9.24  ? 15  ARG B N   1 
ATOM   414 C  CA  . ARG B 1 17 ? 12.387  6.521   1.555   1.00 10.94 ? 15  ARG B CA  1 
ATOM   415 C  C   . ARG B 1 17 ? 10.981  6.164   2.042   1.00 10.69 ? 15  ARG B C   1 
ATOM   416 O  O   . ARG B 1 17 ? 10.826  5.243   2.838   1.00 11.60 ? 15  ARG B O   1 
ATOM   417 C  CB  . ARG B 1 17 ? 12.937  7.743   2.317   1.00 14.15 ? 15  ARG B CB  1 
ATOM   418 C  CG  . ARG B 1 17 ? 14.459  7.789   2.438   1.00 20.91 ? 15  ARG B CG  1 
ATOM   419 C  CD  . ARG B 1 17 ? 15.118  6.457   2.813   1.00 19.82 ? 15  ARG B CD  1 
ATOM   420 N  NE  . ARG B 1 17 ? 14.493  5.735   3.927   1.00 18.08 ? 15  ARG B NE  1 
ATOM   421 C  CZ  . ARG B 1 17 ? 14.910  4.533   4.338   1.00 20.06 ? 15  ARG B CZ  1 
ATOM   422 N  NH1 . ARG B 1 17 ? 14.302  3.917   5.327   1.00 21.69 ? 15  ARG B NH1 1 
ATOM   423 N  NH2 . ARG B 1 17 ? 15.947  3.946   3.758   1.00 21.22 ? 15  ARG B NH2 1 
ATOM   424 N  N   . PRO B 1 18 ? 9.949   6.834   1.530   1.00 10.02 ? 16  PRO B N   1 
ATOM   425 C  CA  . PRO B 1 18 ? 8.611   6.490   2.020   1.00 10.24 ? 16  PRO B CA  1 
ATOM   426 C  C   . PRO B 1 18 ? 8.252   5.008   1.818   1.00 10.22 ? 16  PRO B C   1 
ATOM   427 O  O   . PRO B 1 18 ? 7.733   4.363   2.742   1.00 9.78  ? 16  PRO B O   1 
ATOM   428 C  CB  . PRO B 1 18 ? 7.703   7.423   1.200   1.00 10.31 ? 16  PRO B CB  1 
ATOM   429 C  CG  . PRO B 1 18 ? 8.549   8.612   0.942   1.00 10.75 ? 16  PRO B CG  1 
ATOM   430 C  CD  . PRO B 1 18 ? 9.966   8.156   0.869   1.00 9.77  ? 16  PRO B CD  1 
ATOM   431 N  N   . CYS B 1 19 ? 8.623   4.439   0.669   1.00 10.46 ? 17  CYS B N   1 
ATOM   432 C  CA  . CYS B 1 19 ? 8.392   3.032   0.434   1.00 10.01 ? 17  CYS B CA  1 
ATOM   433 C  C   . CYS B 1 19 ? 9.207   2.145   1.365   1.00 11.20 ? 17  CYS B C   1 
ATOM   434 O  O   . CYS B 1 19 ? 8.642   1.216   1.936   1.00 11.25 ? 17  CYS B O   1 
ATOM   435 C  CB  . CYS B 1 19 ? 8.624   2.656   -1.026  1.00 9.48  ? 17  CYS B CB  1 
ATOM   436 S  SG  . CYS B 1 19 ? 7.319   3.296   -2.098  1.00 9.39  ? 17  CYS B SG  1 
ATOM   437 N  N   . ARG B 1 20 ? 10.483  2.456   1.568   1.00 10.55 ? 18  ARG B N   1 
ATOM   438 C  CA  . ARG B 1 20 ? 11.348  1.630   2.439   1.00 10.81 ? 18  ARG B CA  1 
ATOM   439 C  C   . ARG B 1 20 ? 10.920  1.716   3.895   1.00 12.90 ? 18  ARG B C   1 
ATOM   440 O  O   . ARG B 1 20 ? 10.983  0.727   4.623   1.00 11.55 ? 18  ARG B O   1 
ATOM   441 C  CB  . ARG B 1 20 ? 12.816  2.013   2.293   1.00 9.53  ? 18  ARG B CB  1 
ATOM   442 C  CG  . ARG B 1 20 ? 13.382  1.710   0.907   1.00 9.28  ? 18  ARG B CG  1 
ATOM   443 C  CD  . ARG B 1 20 ? 14.881  1.854   0.891   1.00 8.53  ? 18  ARG B CD  1 
ATOM   444 N  NE  . ARG B 1 20 ? 15.521  0.813   1.694   1.00 8.13  ? 18  ARG B NE  1 
ATOM   445 C  CZ  . ARG B 1 20 ? 15.969  -0.338  1.210   1.00 8.70  ? 18  ARG B CZ  1 
ATOM   446 N  NH1 . ARG B 1 20 ? 15.903  -0.587  -0.096  1.00 8.02  ? 18  ARG B NH1 1 
ATOM   447 N  NH2 . ARG B 1 20 ? 16.599  -1.197  2.020   1.00 9.43  ? 18  ARG B NH2 1 
ATOM   448 N  N   . ASP B 1 21 ? 10.376  2.860   4.284   1.00 12.42 ? 19  ASP B N   1 
ATOM   449 C  CA  . ASP B 1 21 ? 9.854   3.033   5.638   1.00 16.83 ? 19  ASP B CA  1 
ATOM   450 C  C   . ASP B 1 21 ? 8.605   2.148   5.906   1.00 18.10 ? 19  ASP B C   1 
ATOM   451 O  O   . ASP B 1 21 ? 8.250   1.897   7.067   1.00 19.64 ? 19  ASP B O   1 
ATOM   452 C  CB  . ASP B 1 21 ? 9.488   4.505   5.885   1.00 16.62 ? 19  ASP B CB  1 
ATOM   453 C  CG  . ASP B 1 21 ? 10.688  5.392   6.152   1.00 19.07 ? 19  ASP B CG  1 
ATOM   454 O  OD1 . ASP B 1 21 ? 11.823  4.906   6.320   1.00 18.65 ? 19  ASP B OD1 1 
ATOM   455 O  OD2 . ASP B 1 21 ? 10.484  6.624   6.201   1.00 24.10 ? 19  ASP B OD2 1 
ATOM   456 N  N   . ALA B 1 22 ? 7.912   1.753   4.839   1.00 16.88 ? 20  ALA B N   1 
ATOM   457 C  CA  . ALA B 1 22 ? 6.785   0.841   4.902   1.00 15.62 ? 20  ALA B CA  1 
ATOM   458 C  C   . ALA B 1 22 ? 7.195   -0.609  4.663   1.00 14.04 ? 20  ALA B C   1 
ATOM   459 O  O   . ALA B 1 22 ? 6.328   -1.477  4.505   1.00 14.32 ? 20  ALA B O   1 
ATOM   460 C  CB  . ALA B 1 22 ? 5.737   1.265   3.874   1.00 16.94 ? 20  ALA B CB  1 
ATOM   461 N  N   . GLY B 1 23 ? 8.503   -0.876  4.628   1.00 11.56 ? 21  GLY B N   1 
ATOM   462 C  CA  . GLY B 1 23 ? 9.020   -2.215  4.377   1.00 12.01 ? 21  GLY B CA  1 
ATOM   463 C  C   . GLY B 1 23 ? 8.926   -2.674  2.937   1.00 12.12 ? 21  GLY B C   1 
ATOM   464 O  O   . GLY B 1 23 ? 8.997   -3.855  2.661   1.00 10.76 ? 21  GLY B O   1 
ATOM   465 N  N   . MET B 1 24 ? 8.856   -1.724  2.008   1.00 12.19 ? 22  MET B N   1 
ATOM   466 C  CA  . MET B 1 24 ? 8.671   -2.023  0.606   1.00 10.50 ? 22  MET B CA  1 
ATOM   467 C  C   . MET B 1 24 ? 9.796   -1.405  -0.223  1.00 9.52  ? 22  MET B C   1 
ATOM   468 O  O   . MET B 1 24 ? 10.796  -0.960  0.349   1.00 8.07  ? 22  MET B O   1 
ATOM   469 C  CB  . MET B 1 24 ? 7.305   -1.520  0.200   1.00 12.34 ? 22  MET B CB  1 
ATOM   470 C  CG  . MET B 1 24 ? 6.218   -2.301  0.938   1.00 12.92 ? 22  MET B CG  1 
ATOM   471 S  SD  . MET B 1 24 ? 4.576   -1.959  0.253   1.00 17.50 ? 22  MET B SD  1 
ATOM   472 C  CE  . MET B 1 24 ? 4.246   -0.412  1.091   1.00 19.06 ? 22  MET B CE  1 
ATOM   473 N  N   . ARG B 1 25 ? 9.674   -1.461  -1.539  1.00 7.94  ? 23  ARG B N   1 
ATOM   474 C  CA  . ARG B 1 25 ? 10.806  -1.196  -2.415  1.00 9.36  ? 23  ARG B CA  1 
ATOM   475 C  C   . ARG B 1 25 ? 10.420  -0.400  -3.658  1.00 9.01  ? 23  ARG B C   1 
ATOM   476 O  O   . ARG B 1 25 ? 9.261   -0.364  -4.029  1.00 9.14  ? 23  ARG B O   1 
ATOM   477 C  CB  . ARG B 1 25 ? 11.431  -2.535  -2.852  1.00 10.28 ? 23  ARG B CB  1 
ATOM   478 C  CG  . ARG B 1 25 ? 11.923  -3.414  -1.709  1.00 10.20 ? 23  ARG B CG  1 
ATOM   479 C  CD  . ARG B 1 25 ? 13.251  -2.924  -1.212  1.00 11.68 ? 23  ARG B CD  1 
ATOM   480 N  NE  . ARG B 1 25 ? 13.798  -3.697  -0.086  1.00 10.99 ? 23  ARG B NE  1 
ATOM   481 C  CZ  . ARG B 1 25 ? 13.707  -3.358  1.202   1.00 12.91 ? 23  ARG B CZ  1 
ATOM   482 N  NH1 . ARG B 1 25 ? 14.320  -4.118  2.123   1.00 14.49 ? 23  ARG B NH1 1 
ATOM   483 N  NH2 . ARG B 1 25 ? 12.948  -2.338  1.605   1.00 13.29 ? 23  ARG B NH2 1 
ATOM   484 N  N   . PHE B 1 26 ? 11.442  0.124   -4.343  1.00 8.25  ? 24  PHE B N   1 
ATOM   485 C  CA  . PHE B 1 26 ? 11.326  0.696   -5.686  1.00 8.41  ? 24  PHE B CA  1 
ATOM   486 C  C   . PHE B 1 26 ? 10.226  1.730   -5.810  1.00 7.54  ? 24  PHE B C   1 
ATOM   487 O  O   . PHE B 1 26 ? 9.428   1.699   -6.746  1.00 7.35  ? 24  PHE B O   1 
ATOM   488 C  CB  . PHE B 1 26 ? 11.231  -0.406  -6.723  1.00 10.39 ? 24  PHE B CB  1 
ATOM   489 C  CG  . PHE B 1 26 ? 12.236  -1.497  -6.501  1.00 10.63 ? 24  PHE B CG  1 
ATOM   490 C  CD1 . PHE B 1 26 ? 13.587  -1.179  -6.280  1.00 9.95  ? 24  PHE B CD1 1 
ATOM   491 C  CD2 . PHE B 1 26 ? 11.825  -2.832  -6.386  1.00 10.98 ? 24  PHE B CD2 1 
ATOM   492 C  CE1 . PHE B 1 26 ? 14.519  -2.175  -6.001  1.00 10.34 ? 24  PHE B CE1 1 
ATOM   493 C  CE2 . PHE B 1 26 ? 12.769  -3.834  -6.091  1.00 10.74 ? 24  PHE B CE2 1 
ATOM   494 C  CZ  . PHE B 1 26 ? 14.108  -3.497  -5.883  1.00 9.93  ? 24  PHE B CZ  1 
ATOM   495 N  N   . GLY B 1 27 ? 10.251  2.697   -4.899  1.00 7.10  ? 25  GLY B N   1 
ATOM   496 C  CA  . GLY B 1 27 ? 9.244   3.759   -4.862  1.00 7.42  ? 25  GLY B CA  1 
ATOM   497 C  C   . GLY B 1 27 ? 9.226   4.550   -6.159  1.00 7.78  ? 25  GLY B C   1 
ATOM   498 O  O   . GLY B 1 27 ? 10.283  4.872   -6.706  1.00 7.66  ? 25  GLY B O   1 
ATOM   499 N  N   . ARG B 1 28 ? 8.009   4.851   -6.620  1.00 7.50  ? 26  ARG B N   1 
ATOM   500 C  CA  . ARG B 1 28 ? 7.769   5.598   -7.838  1.00 7.47  ? 26  ARG B CA  1 
ATOM   501 C  C   . ARG B 1 28 ? 6.615   6.590   -7.586  1.00 8.26  ? 26  ARG B C   1 
ATOM   502 O  O   . ARG B 1 28 ? 5.670   6.272   -6.865  1.00 8.44  ? 26  ARG B O   1 
ATOM   503 C  CB  . ARG B 1 28 ? 7.372   4.648   -8.994  1.00 8.06  ? 26  ARG B CB  1 
ATOM   504 C  CG  . ARG B 1 28 ? 8.408   3.610   -9.356  1.00 8.05  ? 26  ARG B CG  1 
ATOM   505 C  CD  . ARG B 1 28 ? 9.639   4.250   -9.984  1.00 8.17  ? 26  ARG B CD  1 
ATOM   506 N  NE  . ARG B 1 28 ? 10.676  3.297   -10.405 1.00 8.35  ? 26  ARG B NE  1 
ATOM   507 C  CZ  . ARG B 1 28 ? 11.713  2.908   -9.671  1.00 8.96  ? 26  ARG B CZ  1 
ATOM   508 N  NH1 . ARG B 1 28 ? 11.840  3.295   -8.395  1.00 9.00  ? 26  ARG B NH1 1 
ATOM   509 N  NH2 . ARG B 1 28 ? 12.646  2.117   -10.220 1.00 9.56  ? 26  ARG B NH2 1 
ATOM   510 N  N   . CYS B 1 29 ? 6.695   7.757   -8.197  1.00 8.59  ? 27  CYS B N   1 
ATOM   511 C  CA  . CYS B 1 29 ? 5.652   8.760   -8.085  1.00 8.66  ? 27  CYS B CA  1 
ATOM   512 C  C   . CYS B 1 29 ? 4.648   8.650   -9.237  1.00 9.79  ? 27  CYS B C   1 
ATOM   513 O  O   . CYS B 1 29 ? 5.029   8.648   -10.401 1.00 10.36 ? 27  CYS B O   1 
ATOM   514 C  CB  . CYS B 1 29 ? 6.261   10.161  -7.991  1.00 8.93  ? 27  CYS B CB  1 
ATOM   515 S  SG  . CYS B 1 29 ? 5.078   11.427  -7.443  1.00 9.78  ? 27  CYS B SG  1 
ATOM   516 N  N   . MET B 1 30 ? 3.374   8.557   -8.893  1.00 9.41  ? 28  MET B N   1 
ATOM   517 C  CA  . MET B 1 30 ? 2.303   8.399   -9.850  1.00 13.76 ? 28  MET B CA  1 
ATOM   518 C  C   . MET B 1 30 ? 1.128   9.299   -9.464  1.00 10.73 ? 28  MET B C   1 
ATOM   519 O  O   . MET B 1 30 ? 0.576   9.188   -8.392  1.00 8.14  ? 28  MET B O   1 
ATOM   520 C  CB  . MET B 1 30 ? 1.860   6.933   -9.911  1.00 18.95 ? 28  MET B CB  1 
ATOM   521 C  CG  . MET B 1 30 ? 1.553   6.447   -11.326 1.00 31.33 ? 28  MET B CG  1 
ATOM   522 S  SD  . MET B 1 30 ? 0.218   7.297   -12.181 1.00 46.66 ? 28  MET B SD  1 
ATOM   523 C  CE  . MET B 1 30 ? -1.022  7.192   -10.890 1.00 28.54 ? 28  MET B CE  1 
ATOM   524 N  N   . ASN B 1 31 ? 0.782   10.208  -10.359 1.00 11.04 ? 29  ASN B N   1 
ATOM   525 C  CA  . ASN B 1 31 ? -0.168  11.281  -10.056 1.00 10.71 ? 29  ASN B CA  1 
ATOM   526 C  C   . ASN B 1 31 ? -0.023  11.857  -8.634  1.00 10.99 ? 29  ASN B C   1 
ATOM   527 O  O   . ASN B 1 31 ? -1.000  11.993  -7.896  1.00 11.14 ? 29  ASN B O   1 
ATOM   528 C  CB  . ASN B 1 31 ? -1.587  10.799  -10.310 1.00 11.47 ? 29  ASN B CB  1 
ATOM   529 C  CG  . ASN B 1 31 ? -2.591  11.938  -10.321 1.00 12.93 ? 29  ASN B CG  1 
ATOM   530 O  OD1 . ASN B 1 31 ? -2.273  13.018  -10.803 1.00 14.25 ? 29  ASN B OD1 1 
ATOM   531 N  ND2 . ASN B 1 31 ? -3.718  11.754  -9.642  1.00 12.69 ? 29  ASN B ND2 1 
ATOM   532 N  N   . GLY B 1 32 ? 1.205   12.221  -8.256  1.00 10.37 ? 30  GLY B N   1 
ATOM   533 C  CA  . GLY B 1 32 ? 1.437   12.929  -6.996  1.00 10.34 ? 30  GLY B CA  1 
ATOM   534 C  C   . GLY B 1 32 ? 1.447   12.098  -5.725  1.00 9.08  ? 30  GLY B C   1 
ATOM   535 O  O   . GLY B 1 32 ? 1.550   12.675  -4.625  1.00 9.27  ? 30  GLY B O   1 
ATOM   536 N  N   . ARG B 1 33 ? 1.354   10.771  -5.848  1.00 7.74  ? 31  ARG B N   1 
ATOM   537 C  CA  . ARG B 1 33 ? 1.454   9.870   -4.684  1.00 8.78  ? 31  ARG B CA  1 
ATOM   538 C  C   . ARG B 1 33 ? 2.416   8.730   -4.936  1.00 8.60  ? 31  ARG B C   1 
ATOM   539 O  O   . ARG B 1 33 ? 2.634   8.320   -6.088  1.00 10.40 ? 31  ARG B O   1 
ATOM   540 C  CB  . ARG B 1 33 ? 0.090   9.268   -4.313  1.00 9.22  ? 31  ARG B CB  1 
ATOM   541 C  CG  . ARG B 1 33 ? -0.965  10.281  -3.903  1.00 10.36 ? 31  ARG B CG  1 
ATOM   542 C  CD  . ARG B 1 33 ? -0.741  10.929  -2.530  1.00 9.71  ? 31  ARG B CD  1 
ATOM   543 N  NE  . ARG B 1 33 ? -1.801  11.891  -2.199  1.00 9.55  ? 31  ARG B NE  1 
ATOM   544 C  CZ  . ARG B 1 33 ? -1.811  13.188  -2.548  1.00 11.68 ? 31  ARG B CZ  1 
ATOM   545 N  NH1 . ARG B 1 33 ? -2.800  13.989  -2.136  1.00 12.81 ? 31  ARG B NH1 1 
ATOM   546 N  NH2 . ARG B 1 33 ? -0.802  13.736  -3.236  1.00 11.86 ? 31  ARG B NH2 1 
ATOM   547 N  N   . CYS B 1 34 ? 2.994   8.194   -3.871  1.00 9.33  ? 32  CYS B N   1 
ATOM   548 C  CA  . CYS B 1 34 ? 3.962   7.113   -4.017  1.00 9.27  ? 32  CYS B CA  1 
ATOM   549 C  C   . CYS B 1 34 ? 3.338   5.723   -4.159  1.00 9.16  ? 32  CYS B C   1 
ATOM   550 O  O   . CYS B 1 34 ? 2.429   5.355   -3.381  1.00 9.31  ? 32  CYS B O   1 
ATOM   551 C  CB  . CYS B 1 34 ? 4.909   7.121   -2.809  1.00 9.40  ? 32  CYS B CB  1 
ATOM   552 S  SG  . CYS B 1 34 ? 5.945   8.599   -2.731  1.00 9.22  ? 32  CYS B SG  1 
ATOM   553 N  N   . ASP B 1 35 ? 3.887   4.961   -5.117  1.00 10.86 ? 33  ASP B N   1 
ATOM   554 C  CA  . ASP B 1 35 ? 3.621   3.545   -5.358  1.00 12.28 ? 33  ASP B CA  1 
ATOM   555 C  C   . ASP B 1 35 ? 4.868   2.757   -4.966  1.00 10.73 ? 33  ASP B C   1 
ATOM   556 O  O   . ASP B 1 35 ? 5.968   3.194   -5.200  1.00 9.71  ? 33  ASP B O   1 
ATOM   557 C  CB  . ASP B 1 35 ? 3.397   3.276   -6.854  1.00 15.17 ? 33  ASP B CB  1 
ATOM   558 C  CG  . ASP B 1 35 ? 2.074   3.809   -7.369  1.00 21.24 ? 33  ASP B CG  1 
ATOM   559 O  OD1 . ASP B 1 35 ? 1.161   4.084   -6.565  1.00 26.91 ? 33  ASP B OD1 1 
ATOM   560 O  OD2 . ASP B 1 35 ? 1.968   3.998   -8.596  1.00 23.55 ? 33  ASP B OD2 1 
ATOM   561 N  N   . CYS B 1 36 ? 4.668   1.568   -4.438  1.00 9.19  ? 34  CYS B N   1 
ATOM   562 C  CA  . CYS B 1 36 ? 5.748   0.707   -3.914  1.00 9.11  ? 34  CYS B CA  1 
ATOM   563 C  C   . CYS B 1 36 ? 5.547   -0.741  -4.386  1.00 10.24 ? 34  CYS B C   1 
ATOM   564 O  O   . CYS B 1 36 ? 4.462   -1.138  -4.811  1.00 10.13 ? 34  CYS B O   1 
ATOM   565 C  CB  . CYS B 1 36 ? 5.738   0.686   -2.392  1.00 10.20 ? 34  CYS B CB  1 
ATOM   566 S  SG  . CYS B 1 36 ? 5.629   2.293   -1.544  1.00 10.89 ? 34  CYS B SG  1 
ATOM   567 N  N   . THR B 1 37 ? 6.640   -1.490  -4.386  1.00 10.57 ? 35  THR B N   1 
ATOM   568 C  CA  . THR B 1 37 ? 6.638   -2.916  -4.728  1.00 11.57 ? 35  THR B CA  1 
ATOM   569 C  C   . THR B 1 37 ? 6.872   -3.679  -3.450  1.00 13.50 ? 35  THR B C   1 
ATOM   570 O  O   . THR B 1 37 ? 7.819   -3.357  -2.696  1.00 13.18 ? 35  THR B O   1 
ATOM   571 C  CB  . THR B 1 37 ? 7.779   -3.193  -5.708  1.00 11.37 ? 35  THR B CB  1 
ATOM   572 O  OG1 . THR B 1 37 ? 7.552   -2.404  -6.868  1.00 11.88 ? 35  THR B OG1 1 
ATOM   573 C  CG2 . THR B 1 37 ? 7.862   -4.640  -6.086  1.00 12.00 ? 35  THR B CG2 1 
ATOM   574 N  N   . PRO B 1 38 ? 6.023   -4.688  -3.170  1.00 12.15 ? 36  PRO B N   1 
ATOM   575 C  CA  . PRO B 1 38 ? 6.268   -5.524  -2.001  1.00 15.24 ? 36  PRO B CA  1 
ATOM   576 C  C   . PRO B 1 38 ? 7.656   -6.138  -2.002  1.00 14.51 ? 36  PRO B C   1 
ATOM   577 O  O   . PRO B 1 38 ? 8.160   -6.541  -3.055  1.00 13.80 ? 36  PRO B O   1 
ATOM   578 C  CB  . PRO B 1 38 ? 5.190   -6.621  -2.121  1.00 15.72 ? 36  PRO B CB  1 
ATOM   579 C  CG  . PRO B 1 38 ? 4.138   -6.006  -2.979  1.00 15.31 ? 36  PRO B CG  1 
ATOM   580 C  CD  . PRO B 1 38 ? 4.869   -5.155  -3.955  1.00 13.43 ? 36  PRO B CD  1 
ATOM   581 N  N   . ARG B 1 39 ? 8.271   -6.182  -0.826  1.00 18.63 ? 37  ARG B N   1 
ATOM   582 C  CA  . ARG B 1 39 ? 9.615   -6.731  -0.662  1.00 21.66 ? 37  ARG B CA  1 
ATOM   583 C  C   . ARG B 1 39 ? 9.586   -8.193  -1.066  1.00 27.08 ? 37  ARG B C   1 
ATOM   584 O  O   . ARG B 1 39 ? 10.448  -8.715  -1.782  1.00 27.72 ? 37  ARG B O   1 
ATOM   585 C  CB  . ARG B 1 39 ? 10.026  -6.626  0.808   1.00 27.40 ? 37  ARG B CB  1 
ATOM   586 C  CG  . ARG B 1 39 ? 11.483  -6.329  1.040   1.00 33.43 ? 37  ARG B CG  1 
ATOM   587 C  CD  . ARG B 1 39 ? 11.979  -6.894  2.364   1.00 39.43 ? 37  ARG B CD  1 
ATOM   588 N  NE  . ARG B 1 39 ? 11.249  -6.388  3.542   1.00 52.90 ? 37  ARG B NE  1 
ATOM   589 C  CZ  . ARG B 1 39 ? 11.811  -6.047  4.708   1.00 57.75 ? 37  ARG B CZ  1 
ATOM   590 N  NH1 . ARG B 1 39 ? 13.131  -6.106  4.884   1.00 53.04 ? 37  ARG B NH1 1 
ATOM   591 N  NH2 . ARG B 1 39 ? 11.053  -5.594  5.703   1.00 60.32 ? 37  ARG B NH2 1 
ATOM   592 O  OXT . ARG B 1 39 ? 8.650   -8.884  -0.648  1.00 32.89 ? 37  ARG B OXT 1 
HETATM 593 S  S   . SO4 C 2 .  ? -10.444 -5.226  -9.484  1.00 26.32 ? 101 SO4 A S   1 
HETATM 594 O  O1  . SO4 C 2 .  ? -9.139  -5.729  -9.910  1.00 28.78 ? 101 SO4 A O1  1 
HETATM 595 O  O2  . SO4 C 2 .  ? -10.884 -4.151  -10.384 1.00 32.49 ? 101 SO4 A O2  1 
HETATM 596 O  O3  . SO4 C 2 .  ? -10.409 -4.791  -8.057  1.00 36.25 ? 101 SO4 A O3  1 
HETATM 597 O  O4  . SO4 C 2 .  ? -11.410 -6.350  -9.515  1.00 32.50 ? 101 SO4 A O4  1 
HETATM 598 S  S   . SO4 D 2 .  ? -21.188 -9.658  -5.267  1.00 45.83 ? 102 SO4 A S   1 
HETATM 599 O  O1  . SO4 D 2 .  ? -20.352 -8.806  -6.152  1.00 54.20 ? 102 SO4 A O1  1 
HETATM 600 O  O2  . SO4 D 2 .  ? -20.432 -10.020 -4.030  1.00 57.96 ? 102 SO4 A O2  1 
HETATM 601 O  O3  . SO4 D 2 .  ? -21.522 -10.886 -6.026  1.00 63.67 ? 102 SO4 A O3  1 
HETATM 602 O  O4  . SO4 D 2 .  ? -22.464 -8.972  -4.920  1.00 61.56 ? 102 SO4 A O4  1 
HETATM 603 C  C1  . TFA E 3 .  ? -16.649 -9.688  6.736   1.00 13.35 ? 103 TFA A C1  1 
HETATM 604 C  C2  . TFA E 3 .  ? -18.103 -9.654  7.200   1.00 14.51 ? 103 TFA A C2  1 
HETATM 605 O  O   . TFA E 3 .  ? -16.094 -8.598  6.467   1.00 10.19 ? 103 TFA A O   1 
HETATM 606 F  F1  . TFA E 3 .  ? -18.423 -10.786 7.782   1.00 15.17 ? 103 TFA A F1  1 
HETATM 607 F  F2  . TFA E 3 .  ? -18.301 -8.713  8.115   1.00 15.24 ? 103 TFA A F2  1 
HETATM 608 F  F3  . TFA E 3 .  ? -18.880 -9.449  6.148   1.00 13.12 ? 103 TFA A F3  1 
HETATM 609 O  OXT . TFA E 3 .  ? -16.064 -10.787 6.621   1.00 12.06 ? 103 TFA A OXT 1 
HETATM 610 CL CL  . CL  F 4 .  ? -4.195  -7.383  11.838  1.00 28.68 ? 104 CL  A CL  1 
HETATM 611 S  S   . SO4 G 2 .  ? 15.140  -7.399  -0.036  1.00 24.30 ? 101 SO4 B S   1 
HETATM 612 O  O1  . SO4 G 2 .  ? 14.488  -6.376  -0.938  1.00 16.64 ? 101 SO4 B O1  1 
HETATM 613 O  O2  . SO4 G 2 .  ? 15.614  -6.738  1.234   1.00 20.99 ? 101 SO4 B O2  1 
HETATM 614 O  O3  . SO4 G 2 .  ? 16.313  -8.009  -0.702  1.00 20.26 ? 101 SO4 B O3  1 
HETATM 615 O  O4  . SO4 G 2 .  ? 14.157  -8.486  0.290   1.00 18.99 ? 101 SO4 B O4  1 
HETATM 616 C  C1  . TFA H 3 .  ? 13.870  11.971  -9.405  1.00 14.43 ? 102 TFA B C1  1 
HETATM 617 C  C2  . TFA H 3 .  ? 14.391  12.673  -10.631 1.00 17.00 ? 102 TFA B C2  1 
HETATM 618 O  O   . TFA H 3 .  ? 14.338  12.260  -8.288  1.00 16.54 ? 102 TFA B O   1 
HETATM 619 F  F1  . TFA H 3 .  ? 15.533  13.235  -10.435 1.00 19.13 ? 102 TFA B F1  1 
HETATM 620 F  F2  . TFA H 3 .  ? 13.472  13.402  -11.202 1.00 16.01 ? 102 TFA B F2  1 
HETATM 621 F  F3  . TFA H 3 .  ? 14.693  11.761  -11.568 1.00 17.31 ? 102 TFA B F3  1 
HETATM 622 O  OXT . TFA H 3 .  ? 12.947  11.167  -9.560  1.00 11.01 ? 102 TFA B OXT 1 
HETATM 623 CL CL  . CL  I 4 .  ? 14.078  0.491   -2.475  1.00 10.98 ? 103 CL  B CL  1 
HETATM 624 O  O   . HOH J 5 .  ? -0.989  -7.666  14.739  1.00 29.95 ? 201 HOH A O   1 
HETATM 625 O  O   . HOH J 5 .  ? -19.875 -7.305  -7.955  1.00 32.72 ? 202 HOH A O   1 
HETATM 626 O  O   . HOH J 5 .  ? -6.605  -0.701  7.642   1.00 21.26 ? 203 HOH A O   1 
HETATM 627 O  O   . HOH J 5 .  ? -0.105  -14.441 0.781   1.00 24.93 ? 204 HOH A O   1 
HETATM 628 O  O   . HOH J 5 .  ? -8.935  0.462   -1.708  1.00 20.24 ? 205 HOH A O   1 
HETATM 629 O  O   . HOH J 5 .  ? 1.307   -7.521  10.633  1.00 25.89 ? 206 HOH A O   1 
HETATM 630 O  O   . HOH J 5 .  ? 2.315   -8.977  9.337   1.00 38.94 ? 207 HOH A O   1 
HETATM 631 O  O   . HOH J 5 .  ? 0.663   -8.503  15.813  1.00 40.65 ? 208 HOH A O   1 
HETATM 632 O  O   . HOH J 5 .  ? -8.513  -15.709 5.563   1.00 34.44 ? 209 HOH A O   1 
HETATM 633 O  O   . HOH J 5 .  ? -15.308 -12.261 4.537   1.00 20.89 ? 210 HOH A O   1 
HETATM 634 O  O   . HOH J 5 .  ? 4.530   2.774   13.702  1.00 27.80 ? 211 HOH A O   1 
HETATM 635 O  O   . HOH J 5 .  ? -17.184 1.168   -3.544  1.00 14.75 ? 212 HOH A O   1 
HETATM 636 O  O   . HOH J 5 .  ? -16.636 -3.885  -3.266  1.00 21.84 ? 213 HOH A O   1 
HETATM 637 O  O   . HOH J 5 .  ? -9.806  -1.701  -10.778 1.00 21.73 ? 214 HOH A O   1 
HETATM 638 O  O   . HOH J 5 .  ? 2.151   -14.136 7.098   1.00 17.82 ? 215 HOH A O   1 
HETATM 639 O  O   . HOH J 5 .  ? -15.159 -2.452  6.586   1.00 9.59  ? 216 HOH A O   1 
HETATM 640 O  O   . HOH J 5 .  ? -12.737 -6.016  -6.753  1.00 20.90 ? 217 HOH A O   1 
HETATM 641 O  O   . HOH J 5 .  ? -3.102  5.008   -0.426  1.00 21.94 ? 218 HOH A O   1 
HETATM 642 O  O   . HOH J 5 .  ? 3.956   -2.088  8.105   1.00 30.78 ? 219 HOH A O   1 
HETATM 643 O  O   . HOH J 5 .  ? -19.186 -6.714  4.107   1.00 13.88 ? 220 HOH A O   1 
HETATM 644 O  O   . HOH J 5 .  ? -8.455  -12.816 4.778   1.00 11.54 ? 221 HOH A O   1 
HETATM 645 O  O   . HOH J 5 .  ? -20.147 -11.518 -1.519  1.00 23.65 ? 222 HOH A O   1 
HETATM 646 O  O   . HOH J 5 .  ? -10.945 -13.244 7.751   1.00 12.92 ? 223 HOH A O   1 
HETATM 647 O  O   . HOH J 5 .  ? -1.162  -9.802  0.373   1.00 12.46 ? 224 HOH A O   1 
HETATM 648 O  O   . HOH J 5 .  ? -6.361  -1.072  -2.584  1.00 22.99 ? 225 HOH A O   1 
HETATM 649 O  O   . HOH J 5 .  ? -16.812 -5.441  4.590   1.00 13.11 ? 226 HOH A O   1 
HETATM 650 O  O   . HOH J 5 .  ? -5.100  -7.536  8.648   1.00 12.73 ? 227 HOH A O   1 
HETATM 651 O  O   . HOH J 5 .  ? -13.579 6.226   -1.656  1.00 43.83 ? 228 HOH A O   1 
HETATM 652 O  O   . HOH J 5 .  ? -16.660 -0.090  -0.750  1.00 24.11 ? 229 HOH A O   1 
HETATM 653 O  O   . HOH J 5 .  ? -15.858 -2.447  -1.223  1.00 19.17 ? 230 HOH A O   1 
HETATM 654 O  O   . HOH J 5 .  ? -12.537 0.282   9.811   1.00 10.14 ? 231 HOH A O   1 
HETATM 655 O  O   . HOH J 5 .  ? -0.551  0.201   13.622  1.00 42.19 ? 232 HOH A O   1 
HETATM 656 O  O   . HOH J 5 .  ? -4.300  3.680   8.717   1.00 29.38 ? 233 HOH A O   1 
HETATM 657 O  O   . HOH J 5 .  ? 1.103   -17.015 3.585   1.00 35.34 ? 234 HOH A O   1 
HETATM 658 O  O   . HOH J 5 .  ? -1.820  8.447   6.640   1.00 25.34 ? 235 HOH A O   1 
HETATM 659 O  O   . HOH J 5 .  ? 2.857   -12.439 10.344  1.00 31.37 ? 236 HOH A O   1 
HETATM 660 O  O   . HOH J 5 .  ? -17.772 -12.586 -1.356  1.00 24.09 ? 237 HOH A O   1 
HETATM 661 O  O   . HOH J 5 .  ? -10.907 -14.651 -0.204  1.00 31.14 ? 238 HOH A O   1 
HETATM 662 O  O   . HOH J 5 .  ? -13.677 -8.576  -7.220  1.00 32.16 ? 239 HOH A O   1 
HETATM 663 O  O   . HOH J 5 .  ? -11.367 -14.637 3.277   1.00 38.62 ? 240 HOH A O   1 
HETATM 664 O  O   . HOH J 5 .  ? -5.166  -14.844 1.785   1.00 23.93 ? 241 HOH A O   1 
HETATM 665 O  O   . HOH J 5 .  ? -2.438  6.549   -5.485  1.00 45.12 ? 242 HOH A O   1 
HETATM 666 O  O   . HOH J 5 .  ? -16.413 -13.626 2.684   1.00 21.69 ? 243 HOH A O   1 
HETATM 667 O  O   . HOH K 5 .  ? -2.845  -0.528  -5.421  1.00 27.80 ? 201 HOH B O   1 
HETATM 668 O  O   . HOH K 5 .  ? 9.437   7.956   8.093   1.00 18.90 ? 202 HOH B O   1 
HETATM 669 O  O   . HOH K 5 .  ? 13.278  13.525  -6.309  1.00 25.48 ? 203 HOH B O   1 
HETATM 670 O  O   . HOH K 5 .  ? 7.188   0.450   -7.073  1.00 23.06 ? 204 HOH B O   1 
HETATM 671 O  O   . HOH K 5 .  ? -5.354  -1.227  -4.938  1.00 19.07 ? 205 HOH B O   1 
HETATM 672 O  O   . HOH K 5 .  ? 13.106  -3.431  4.615   1.00 27.42 ? 206 HOH B O   1 
HETATM 673 O  O   . HOH K 5 .  ? 9.301   7.245   -12.455 1.00 10.10 ? 207 HOH B O   1 
HETATM 674 O  O   . HOH K 5 .  ? 11.803  2.604   -2.222  1.00 8.65  ? 208 HOH B O   1 
HETATM 675 O  O   . HOH K 5 .  ? 12.023  10.068  -11.864 1.00 11.59 ? 209 HOH B O   1 
HETATM 676 O  O   . HOH K 5 .  ? 9.114   -11.521 -0.127  1.00 31.54 ? 210 HOH B O   1 
HETATM 677 O  O   . HOH K 5 .  ? 10.146  19.355  -4.090  1.00 24.02 ? 211 HOH B O   1 
HETATM 678 O  O   . HOH K 5 .  ? -0.222  6.481   -6.632  1.00 38.27 ? 212 HOH B O   1 
HETATM 679 O  O   . HOH K 5 .  ? -3.147  15.559  -10.132 1.00 15.12 ? 213 HOH B O   1 
HETATM 680 O  O   . HOH K 5 .  ? -4.334  9.096   -9.039  1.00 22.42 ? 214 HOH B O   1 
HETATM 681 O  O   . HOH K 5 .  ? 5.380   1.156   -8.910  1.00 30.76 ? 215 HOH B O   1 
HETATM 682 O  O   . HOH K 5 .  ? 5.440   -4.028  5.260   1.00 34.39 ? 216 HOH B O   1 
HETATM 683 O  O   . HOH K 5 .  ? 3.953   3.801   -10.569 1.00 28.37 ? 217 HOH B O   1 
HETATM 684 O  O   . HOH K 5 .  ? 12.527  -7.168  -2.878  1.00 21.42 ? 218 HOH B O   1 
HETATM 685 O  O   . HOH K 5 .  ? 12.891  4.837   -5.642  1.00 10.68 ? 219 HOH B O   1 
HETATM 686 O  O   . HOH K 5 .  ? -1.149  16.492  -3.716  1.00 15.85 ? 220 HOH B O   1 
HETATM 687 O  O   . HOH K 5 .  ? 6.349   16.557  -11.195 1.00 26.94 ? 221 HOH B O   1 
HETATM 688 O  O   . HOH K 5 .  ? 15.909  9.626   -2.988  1.00 15.56 ? 222 HOH B O   1 
HETATM 689 O  O   . HOH K 5 .  ? 4.883   6.261   -11.947 1.00 26.83 ? 223 HOH B O   1 
HETATM 690 O  O   . HOH K 5 .  ? 6.691   -5.718  1.504   1.00 20.34 ? 224 HOH B O   1 
HETATM 691 O  O   . HOH K 5 .  ? 10.639  -6.043  -4.383  1.00 27.46 ? 225 HOH B O   1 
HETATM 692 O  O   . HOH K 5 .  ? 3.213   12.750  -10.216 1.00 15.37 ? 226 HOH B O   1 
HETATM 693 O  O   . HOH K 5 .  ? 13.018  9.532   -0.724  1.00 7.13  ? 227 HOH B O   1 
HETATM 694 O  O   . HOH K 5 .  ? -1.963  8.976   -7.080  1.00 22.79 ? 228 HOH B O   1 
HETATM 695 O  O   . HOH K 5 .  ? 9.720   10.969  -11.397 1.00 10.66 ? 229 HOH B O   1 
HETATM 696 O  O   . HOH K 5 .  ? -3.444  9.669   -1.328  1.00 30.77 ? 230 HOH B O   1 
HETATM 697 O  O   . HOH K 5 .  ? 7.005   -8.150  -5.219  1.00 26.20 ? 231 HOH B O   1 
HETATM 698 O  O   . HOH K 5 .  ? 9.648   2.279   -12.964 1.00 8.84  ? 232 HOH B O   1 
HETATM 699 O  O   . HOH K 5 .  ? 13.328  7.441   6.042   1.00 26.28 ? 233 HOH B O   1 
HETATM 700 O  O   . HOH K 5 .  ? -3.533  -1.492  -9.790  1.00 32.11 ? 234 HOH B O   1 
HETATM 701 O  O   . HOH K 5 .  ? 17.855  4.631   1.593   1.00 24.35 ? 235 HOH B O   1 
HETATM 702 O  O   . HOH K 5 .  ? -0.598  6.058   -3.762  1.00 33.93 ? 236 HOH B O   1 
HETATM 703 O  O   . HOH K 5 .  ? 16.733  -1.095  -2.998  1.00 10.65 ? 237 HOH B O   1 
HETATM 704 O  O   . HOH K 5 .  ? -3.298  17.008  -1.962  1.00 9.49  ? 238 HOH B O   1 
HETATM 705 O  O   . HOH K 5 .  ? 4.763   -3.582  -7.804  1.00 30.18 ? 239 HOH B O   1 
HETATM 706 O  O   . HOH K 5 .  ? 0.702   -7.298  -7.841  1.00 23.75 ? 240 HOH B O   1 
HETATM 707 O  O   . HOH K 5 .  ? -2.464  7.272   -2.328  1.00 30.60 ? 241 HOH B O   1 
HETATM 708 O  O   . HOH K 5 .  ? 12.105  15.607  -6.939  1.00 32.31 ? 242 HOH B O   1 
HETATM 709 O  O   . HOH K 5 .  ? 11.543  10.246  4.410   1.00 22.49 ? 243 HOH B O   1 
HETATM 710 O  O   . HOH K 5 .  ? -4.898  13.928  1.522   1.00 37.86 ? 244 HOH B O   1 
HETATM 711 O  O   . HOH K 5 .  ? 7.110   2.921   -13.515 1.00 24.64 ? 245 HOH B O   1 
# 
